data_7C18
#
_entry.id   7C18
#
_cell.length_a   59.089
_cell.length_b   104.276
_cell.length_c   125.333
_cell.angle_alpha   90.000
_cell.angle_beta   94.100
_cell.angle_gamma   90.000
#
_symmetry.space_group_name_H-M   'P 1 21 1'
#
loop_
_entity.id
_entity.type
_entity.pdbx_description
1 polymer 'Fumarate hydratase class II'
2 non-polymer 'FUMARIC ACID'
3 water water
#
_entity_poly.entity_id   1
_entity_poly.type   'polypeptide(L)'
_entity_poly.pdbx_seq_one_letter_code
;GAMTAFRIEKDTMGEVQVPADKYWAAQTERSRNNFKIGPAASMPHEIIEAFGYLKKAAAFANTDLGVLPAEKRDLIGQAC
DEILARKLDDQFPLVIWQTGSGTQSNMNLNEVIANRAHVINGGKLGEKSIIHPNDDVNKSQSSNDTYPTAMHIAAYKKVV
EATIPAVERLQKTLAAKAAEFKDVVKIGRTHLMDATPLTLGQEFSGYAAQLSFGLTAIKNTLPHLRQLALGGTAVGTGLN
TPKGYDVKVAEYIAKFTGLPFITAENKFEALATHDAIVETHGALKQVAMSLFKIANDIRLLASGPRSGIGEILIPENEPG
CSIMPGKVNPTQCEAMTMVAAQVLGNDTTISFAGSQGHFELNVFKPVMAANFLQSAQLIADVCISFDEHCATGIQPNTPR
IQHLLDSSLMLVTALNTHIGYENAAKIAKTAHKNGTTLREEAINLGLVSAEDFDKWVVPADMVGSLK
;
_entity_poly.pdbx_strand_id   A,B,C,D
#
# COMPACT_ATOMS: atom_id res chain seq x y z
N ALA A 5 40.47 16.53 13.53
CA ALA A 5 41.06 17.82 13.05
C ALA A 5 40.02 18.60 12.22
N PHE A 6 39.88 19.90 12.50
CA PHE A 6 38.85 20.76 11.87
C PHE A 6 39.44 22.06 11.34
N ARG A 7 38.76 22.66 10.35
CA ARG A 7 38.83 24.09 10.01
C ARG A 7 37.45 24.70 10.19
N ILE A 8 37.40 25.99 10.53
CA ILE A 8 36.14 26.78 10.63
C ILE A 8 35.73 27.13 9.20
N GLU A 9 34.53 26.78 8.78
CA GLU A 9 33.93 27.44 7.57
C GLU A 9 32.67 28.17 8.05
N LYS A 10 32.18 29.08 7.23
CA LYS A 10 31.13 30.05 7.62
C LYS A 10 30.03 29.96 6.59
N ASP A 11 28.78 30.06 7.06
CA ASP A 11 27.56 30.31 6.22
C ASP A 11 26.86 31.49 6.91
N THR A 12 25.72 31.90 6.38
CA THR A 12 25.05 33.12 6.86
C THR A 12 24.57 32.87 8.30
N MET A 13 24.82 31.68 8.87
CA MET A 13 24.43 31.38 10.26
C MET A 13 25.66 31.31 11.18
N GLY A 14 26.84 31.51 10.62
CA GLY A 14 28.06 31.67 11.42
C GLY A 14 29.02 30.55 11.11
N GLU A 15 29.78 30.17 12.14
CA GLU A 15 31.03 29.39 12.08
C GLU A 15 30.70 27.92 12.36
N VAL A 16 31.30 27.02 11.59
CA VAL A 16 31.12 25.54 11.73
C VAL A 16 32.49 24.88 11.66
N GLN A 17 32.77 23.93 12.56
CA GLN A 17 33.96 23.05 12.50
C GLN A 17 33.72 22.04 11.38
N VAL A 18 34.55 22.03 10.36
CA VAL A 18 34.53 21.04 9.24
C VAL A 18 35.78 20.18 9.31
N PRO A 19 35.66 18.85 9.13
CA PRO A 19 36.85 18.00 9.06
C PRO A 19 37.89 18.57 8.10
N ALA A 20 39.11 18.73 8.60
CA ALA A 20 40.14 19.65 8.05
C ALA A 20 40.48 19.24 6.61
N ASP A 21 40.49 17.93 6.37
CA ASP A 21 40.75 17.23 5.09
C ASP A 21 39.65 17.46 4.05
N LYS A 22 38.42 17.76 4.48
CA LYS A 22 37.24 17.54 3.62
C LYS A 22 36.95 18.77 2.77
N TYR A 23 36.56 18.51 1.54
CA TYR A 23 36.30 19.55 0.51
C TYR A 23 34.95 20.24 0.75
N TRP A 24 34.03 19.63 1.52
CA TRP A 24 32.71 20.25 1.84
C TRP A 24 32.93 21.40 2.83
N ALA A 25 31.89 22.20 3.13
CA ALA A 25 32.01 23.44 3.94
C ALA A 25 30.92 23.45 5.01
N ALA A 26 30.49 24.63 5.50
CA ALA A 26 29.61 24.74 6.70
C ALA A 26 28.29 24.00 6.49
N GLN A 27 27.66 24.15 5.31
CA GLN A 27 26.25 23.70 5.16
C GLN A 27 26.28 22.16 5.09
N THR A 28 27.22 21.58 4.37
CA THR A 28 27.38 20.11 4.30
C THR A 28 27.62 19.63 5.73
N GLU A 29 28.49 20.29 6.50
CA GLU A 29 28.82 19.79 7.85
C GLU A 29 27.61 19.88 8.78
N ARG A 30 26.80 20.95 8.76
CA ARG A 30 25.63 21.06 9.70
C ARG A 30 24.67 19.89 9.47
N SER A 31 24.34 19.64 8.19
CA SER A 31 23.41 18.59 7.73
C SER A 31 23.92 17.21 8.18
N ARG A 32 25.23 16.94 8.06
CA ARG A 32 25.85 15.65 8.42
C ARG A 32 25.66 15.41 9.94
N ASN A 33 25.75 16.45 10.76
CA ASN A 33 25.49 16.43 12.22
C ASN A 33 23.99 16.55 12.57
N ASN A 34 23.16 17.25 11.79
CA ASN A 34 21.76 17.57 12.18
C ASN A 34 20.79 16.48 11.68
N PHE A 35 21.26 15.51 10.90
CA PHE A 35 20.44 14.43 10.28
C PHE A 35 21.16 13.08 10.44
N LYS A 36 21.49 12.76 11.71
CA LYS A 36 22.01 11.42 12.09
C LYS A 36 20.89 10.39 11.98
N ILE A 37 20.48 10.04 10.74
CA ILE A 37 19.28 9.23 10.43
C ILE A 37 19.65 8.13 9.42
N GLY A 38 19.66 6.89 9.91
CA GLY A 38 20.13 5.70 9.17
C GLY A 38 21.63 5.77 8.84
N PRO A 39 22.10 4.99 7.83
CA PRO A 39 23.52 4.92 7.54
C PRO A 39 23.99 6.20 6.83
N ALA A 40 25.22 6.59 7.16
CA ALA A 40 25.94 7.74 6.58
C ALA A 40 25.92 7.62 5.05
N ALA A 41 25.86 8.75 4.36
CA ALA A 41 26.10 8.88 2.90
C ALA A 41 25.09 8.04 2.14
N SER A 42 23.83 7.99 2.60
CA SER A 42 22.75 7.16 2.01
C SER A 42 22.18 7.89 0.79
N MET A 43 22.41 9.17 0.58
CA MET A 43 21.90 9.79 -0.68
C MET A 43 22.40 8.96 -1.86
N PRO A 44 21.55 8.44 -2.76
CA PRO A 44 22.04 7.67 -3.91
C PRO A 44 23.23 8.33 -4.63
N HIS A 45 24.24 7.54 -4.95
CA HIS A 45 25.37 7.96 -5.81
C HIS A 45 24.84 8.40 -7.17
N GLU A 46 23.73 7.81 -7.66
CA GLU A 46 23.17 8.16 -8.99
C GLU A 46 22.70 9.62 -8.95
N ILE A 47 22.36 10.12 -7.77
CA ILE A 47 21.82 11.50 -7.64
C ILE A 47 23.01 12.47 -7.76
N ILE A 48 24.09 12.20 -7.05
CA ILE A 48 25.35 13.01 -7.10
C ILE A 48 25.86 13.05 -8.55
N GLU A 49 25.97 11.90 -9.20
CA GLU A 49 26.44 11.76 -10.61
C GLU A 49 25.61 12.70 -11.50
N ALA A 50 24.28 12.69 -11.34
CA ALA A 50 23.33 13.56 -12.08
C ALA A 50 23.71 15.03 -11.87
N PHE A 51 24.00 15.41 -10.63
CA PHE A 51 24.42 16.76 -10.17
C PHE A 51 25.73 17.17 -10.88
N GLY A 52 26.69 16.25 -10.97
CA GLY A 52 27.89 16.41 -11.82
C GLY A 52 27.55 16.90 -13.23
N TYR A 53 26.65 16.21 -13.93
CA TYR A 53 26.22 16.61 -15.30
C TYR A 53 25.60 18.02 -15.32
N LEU A 54 24.62 18.30 -14.47
CA LEU A 54 23.77 19.52 -14.56
C LEU A 54 24.56 20.75 -14.06
N LYS A 55 25.47 20.61 -13.08
CA LYS A 55 26.30 21.73 -12.55
C LYS A 55 27.27 22.12 -13.67
N LYS A 56 27.78 21.11 -14.38
CA LYS A 56 28.66 21.34 -15.53
C LYS A 56 27.85 22.01 -16.67
N ALA A 57 26.65 21.54 -16.98
CA ALA A 57 25.78 22.18 -18.00
C ALA A 57 25.39 23.62 -17.54
N ALA A 58 25.15 23.87 -16.25
CA ALA A 58 24.78 25.21 -15.71
C ALA A 58 25.94 26.20 -16.02
N ALA A 59 27.14 25.91 -15.50
CA ALA A 59 28.42 26.58 -15.83
C ALA A 59 28.52 26.86 -17.36
N PHE A 60 28.33 25.87 -18.21
CA PHE A 60 28.58 26.02 -19.67
C PHE A 60 27.59 27.04 -20.19
N ALA A 61 26.31 26.84 -19.92
CA ALA A 61 25.21 27.73 -20.34
C ALA A 61 25.39 29.16 -19.78
N ASN A 62 25.78 29.32 -18.50
CA ASN A 62 26.00 30.63 -17.83
C ASN A 62 27.11 31.42 -18.53
N THR A 63 28.20 30.77 -18.97
CA THR A 63 29.27 31.42 -19.77
C THR A 63 28.72 31.82 -21.17
N ASP A 64 28.10 30.93 -21.93
CA ASP A 64 27.48 31.26 -23.24
C ASP A 64 26.55 32.49 -23.10
N LEU A 65 25.93 32.68 -21.93
CA LEU A 65 24.89 33.72 -21.73
C LEU A 65 25.41 34.91 -20.92
N GLY A 66 26.71 34.93 -20.65
CA GLY A 66 27.44 36.16 -20.28
C GLY A 66 27.39 36.46 -18.80
N VAL A 67 27.12 35.46 -17.94
CA VAL A 67 26.99 35.73 -16.48
C VAL A 67 28.04 34.94 -15.69
N LEU A 68 28.81 34.07 -16.35
CA LEU A 68 29.96 33.44 -15.66
C LEU A 68 31.20 33.55 -16.55
N PRO A 69 32.35 34.04 -16.01
CA PRO A 69 33.63 33.96 -16.72
C PRO A 69 34.08 32.53 -17.05
N ALA A 70 34.62 32.36 -18.27
CA ALA A 70 35.23 31.11 -18.78
C ALA A 70 36.21 30.53 -17.75
N GLU A 71 37.05 31.35 -17.13
CA GLU A 71 38.02 30.91 -16.09
C GLU A 71 37.29 30.07 -15.03
N LYS A 72 36.17 30.57 -14.50
CA LYS A 72 35.38 29.88 -13.43
C LYS A 72 34.65 28.67 -13.99
N ARG A 73 34.19 28.74 -15.24
CA ARG A 73 33.49 27.63 -15.91
C ARG A 73 34.40 26.39 -15.90
N ASP A 74 35.66 26.56 -16.28
CA ASP A 74 36.64 25.47 -16.51
C ASP A 74 37.03 24.82 -15.19
N LEU A 75 37.18 25.61 -14.13
CA LEU A 75 37.45 25.08 -12.77
C LEU A 75 36.22 24.31 -12.31
N ILE A 76 35.00 24.84 -12.45
CA ILE A 76 33.74 24.09 -12.14
C ILE A 76 33.72 22.79 -12.99
N GLY A 77 33.92 22.90 -14.29
CA GLY A 77 33.79 21.74 -15.20
C GLY A 77 34.80 20.65 -14.88
N GLN A 78 35.98 21.01 -14.44
CA GLN A 78 37.02 20.02 -14.09
C GLN A 78 36.63 19.32 -12.76
N ALA A 79 36.13 20.04 -11.76
CA ALA A 79 35.72 19.46 -10.45
C ALA A 79 34.49 18.53 -10.67
N CYS A 80 33.59 18.90 -11.60
CA CYS A 80 32.45 18.05 -12.05
C CYS A 80 32.97 16.78 -12.76
N ASP A 81 34.01 16.89 -13.60
CA ASP A 81 34.67 15.71 -14.24
C ASP A 81 35.19 14.80 -13.13
N GLU A 82 35.70 15.35 -12.02
CA GLU A 82 36.24 14.52 -10.91
C GLU A 82 35.08 13.80 -10.21
N ILE A 83 33.97 14.50 -9.95
CA ILE A 83 32.77 13.88 -9.33
C ILE A 83 32.32 12.74 -10.24
N LEU A 84 32.14 13.01 -11.55
CA LEU A 84 31.71 12.04 -12.60
C LEU A 84 32.67 10.85 -12.69
N ALA A 85 33.99 11.06 -12.60
CA ALA A 85 34.99 9.97 -12.64
C ALA A 85 35.04 9.24 -11.29
N ARG A 86 34.20 9.60 -10.31
CA ARG A 86 34.08 8.90 -9.00
C ARG A 86 35.34 9.11 -8.17
N LYS A 87 35.95 10.30 -8.29
CA LYS A 87 37.24 10.63 -7.60
C LYS A 87 36.95 11.27 -6.24
N LEU A 88 35.71 11.66 -5.97
CA LEU A 88 35.34 12.53 -4.83
C LEU A 88 34.14 11.96 -4.06
N ASP A 89 33.95 10.63 -4.05
CA ASP A 89 32.81 9.95 -3.40
C ASP A 89 32.87 10.16 -1.87
N ASP A 90 34.07 10.18 -1.30
CA ASP A 90 34.21 10.36 0.17
C ASP A 90 33.86 11.81 0.54
N GLN A 91 33.47 12.67 -0.43
CA GLN A 91 33.14 14.11 -0.17
C GLN A 91 31.61 14.35 -0.14
N PHE A 92 30.80 13.29 -0.14
CA PHE A 92 29.33 13.37 -0.19
C PHE A 92 28.76 12.51 0.93
N PRO A 93 28.69 13.05 2.15
CA PRO A 93 28.37 12.23 3.31
C PRO A 93 26.93 12.35 3.81
N LEU A 94 26.06 13.04 3.05
CA LEU A 94 24.71 13.40 3.57
C LEU A 94 23.72 12.23 3.32
N VAL A 95 22.71 12.13 4.19
CA VAL A 95 21.66 11.07 4.15
C VAL A 95 20.48 11.47 3.27
N ILE A 96 19.65 10.49 2.90
CA ILE A 96 18.30 10.70 2.28
C ILE A 96 17.42 11.56 3.19
N TRP A 97 17.47 11.31 4.50
CA TRP A 97 16.48 11.79 5.50
C TRP A 97 16.91 13.15 6.06
N GLN A 98 17.05 14.10 5.12
CA GLN A 98 17.54 15.49 5.31
C GLN A 98 16.39 16.44 5.02
N THR A 99 16.67 17.66 4.58
CA THR A 99 15.62 18.57 4.04
C THR A 99 14.97 17.93 2.81
N GLY A 100 13.64 18.00 2.73
CA GLY A 100 12.83 17.35 1.69
C GLY A 100 13.00 17.95 0.31
N SER A 101 13.64 19.12 0.22
CA SER A 101 14.00 19.79 -1.06
C SER A 101 15.29 19.19 -1.64
N GLY A 102 16.13 18.57 -0.80
CA GLY A 102 17.50 18.20 -1.14
C GLY A 102 18.43 19.40 -1.19
N THR A 103 18.08 20.49 -0.50
CA THR A 103 18.94 21.71 -0.45
C THR A 103 20.36 21.36 0.02
N GLN A 104 20.48 20.51 1.03
CA GLN A 104 21.77 20.22 1.71
C GLN A 104 22.66 19.45 0.73
N SER A 105 22.13 18.53 -0.07
CA SER A 105 22.88 17.83 -1.15
C SER A 105 23.25 18.83 -2.28
N ASN A 106 22.37 19.78 -2.59
CA ASN A 106 22.73 20.79 -3.62
C ASN A 106 23.93 21.62 -3.11
N MET A 107 23.91 22.04 -1.85
CA MET A 107 25.00 22.87 -1.26
C MET A 107 26.27 22.02 -1.09
N ASN A 108 26.13 20.71 -0.93
CA ASN A 108 27.25 19.73 -0.87
C ASN A 108 27.95 19.73 -2.24
N LEU A 109 27.22 19.56 -3.35
CA LEU A 109 27.84 19.77 -4.68
C LEU A 109 28.51 21.13 -4.74
N ASN A 110 27.81 22.20 -4.35
CA ASN A 110 28.25 23.61 -4.48
C ASN A 110 29.54 23.85 -3.66
N GLU A 111 29.56 23.44 -2.38
CA GLU A 111 30.76 23.62 -1.50
C GLU A 111 31.92 22.75 -1.97
N VAL A 112 31.67 21.49 -2.34
CA VAL A 112 32.74 20.56 -2.81
C VAL A 112 33.32 21.15 -4.11
N ILE A 113 32.49 21.57 -5.05
CA ILE A 113 33.01 22.07 -6.35
C ILE A 113 33.86 23.31 -6.07
N ALA A 114 33.38 24.23 -5.23
CA ALA A 114 34.07 25.53 -5.00
C ALA A 114 35.44 25.27 -4.38
N ASN A 115 35.50 24.55 -3.25
CA ASN A 115 36.77 24.28 -2.52
C ASN A 115 37.73 23.47 -3.43
N ARG A 116 37.18 22.59 -4.29
CA ARG A 116 38.01 21.72 -5.17
C ARG A 116 38.55 22.51 -6.36
N ALA A 117 37.73 23.37 -6.97
CA ALA A 117 38.15 24.39 -7.95
C ALA A 117 39.38 25.15 -7.42
N HIS A 118 39.29 25.66 -6.18
CA HIS A 118 40.34 26.49 -5.54
C HIS A 118 41.67 25.74 -5.51
N VAL A 119 41.66 24.51 -5.03
CA VAL A 119 42.89 23.66 -4.95
C VAL A 119 43.40 23.29 -6.36
N ILE A 120 42.51 22.90 -7.29
CA ILE A 120 42.91 22.68 -8.71
C ILE A 120 43.71 23.91 -9.18
N ASN A 121 43.28 25.11 -8.80
CA ASN A 121 43.79 26.41 -9.31
C ASN A 121 45.06 26.83 -8.55
N GLY A 122 45.43 26.11 -7.49
CA GLY A 122 46.71 26.26 -6.79
C GLY A 122 46.56 26.84 -5.39
N GLY A 123 45.36 26.83 -4.80
CA GLY A 123 45.14 27.45 -3.47
C GLY A 123 45.17 26.43 -2.34
N LYS A 124 45.09 26.86 -1.09
CA LYS A 124 45.01 25.90 0.05
C LYS A 124 43.55 25.72 0.46
N LEU A 125 43.14 24.47 0.72
CA LEU A 125 41.86 24.15 1.43
C LEU A 125 41.80 24.97 2.72
N GLY A 126 40.68 25.69 2.92
CA GLY A 126 40.45 26.54 4.11
C GLY A 126 40.76 28.00 3.87
N GLU A 127 41.14 28.34 2.63
CA GLU A 127 41.27 29.73 2.13
C GLU A 127 39.93 30.08 1.48
N LYS A 128 39.49 31.33 1.50
CA LYS A 128 38.29 31.76 0.73
C LYS A 128 38.55 31.36 -0.73
N SER A 129 37.69 30.51 -1.27
CA SER A 129 37.78 30.00 -2.65
C SER A 129 37.64 31.15 -3.63
N ILE A 130 38.41 31.14 -4.71
CA ILE A 130 38.21 31.95 -5.95
C ILE A 130 36.80 31.70 -6.52
N ILE A 131 36.14 30.58 -6.20
CA ILE A 131 34.76 30.29 -6.67
C ILE A 131 33.80 30.37 -5.47
N HIS A 132 32.75 31.18 -5.56
CA HIS A 132 31.70 31.23 -4.51
C HIS A 132 30.71 30.07 -4.70
N PRO A 133 30.38 29.30 -3.63
CA PRO A 133 29.36 28.24 -3.69
C PRO A 133 28.00 28.69 -4.24
N ASN A 134 27.48 29.80 -3.68
CA ASN A 134 26.16 30.36 -4.10
C ASN A 134 26.30 31.14 -5.41
N ASP A 135 27.12 32.19 -5.44
CA ASP A 135 27.07 33.19 -6.56
C ASP A 135 27.62 32.57 -7.87
N ASP A 136 28.49 31.54 -7.79
CA ASP A 136 29.23 30.98 -8.95
C ASP A 136 28.75 29.56 -9.26
N VAL A 137 29.00 28.62 -8.36
CA VAL A 137 28.64 27.19 -8.61
C VAL A 137 27.10 27.06 -8.73
N ASN A 138 26.35 27.91 -8.03
CA ASN A 138 24.88 27.82 -7.92
C ASN A 138 24.21 28.93 -8.75
N LYS A 139 24.99 29.72 -9.49
CA LYS A 139 24.46 30.82 -10.34
C LYS A 139 23.34 30.30 -11.25
N SER A 140 22.21 31.01 -11.26
CA SER A 140 21.07 30.76 -12.18
C SER A 140 20.23 29.59 -11.68
N GLN A 141 20.47 29.10 -10.46
CA GLN A 141 19.92 27.79 -10.02
C GLN A 141 19.39 27.86 -8.59
N SER A 142 18.53 26.88 -8.26
CA SER A 142 17.98 26.60 -6.92
C SER A 142 18.11 25.09 -6.67
N SER A 143 18.16 24.64 -5.40
CA SER A 143 17.86 23.26 -4.96
C SER A 143 16.52 22.80 -5.58
N ASN A 144 15.56 23.71 -5.77
CA ASN A 144 14.16 23.37 -6.14
C ASN A 144 14.02 23.00 -7.63
N ASP A 145 14.91 23.48 -8.50
CA ASP A 145 15.03 22.99 -9.89
C ASP A 145 16.23 22.02 -10.04
N THR A 146 17.36 22.19 -9.35
CA THR A 146 18.53 21.27 -9.55
C THR A 146 18.21 19.86 -9.04
N TYR A 147 17.50 19.69 -7.91
CA TYR A 147 17.29 18.35 -7.31
C TYR A 147 16.32 17.56 -8.18
N PRO A 148 15.14 18.09 -8.57
CA PRO A 148 14.30 17.41 -9.57
C PRO A 148 15.02 17.11 -10.89
N THR A 149 15.98 17.92 -11.29
CA THR A 149 16.80 17.65 -12.50
C THR A 149 17.68 16.43 -12.23
N ALA A 150 18.32 16.36 -11.07
CA ALA A 150 19.17 15.20 -10.68
C ALA A 150 18.31 13.93 -10.66
N MET A 151 17.09 14.05 -10.09
CA MET A 151 16.12 12.96 -10.03
C MET A 151 15.84 12.46 -11.44
N HIS A 152 15.55 13.32 -12.43
CA HIS A 152 15.09 12.83 -13.78
C HIS A 152 16.29 12.28 -14.60
N ILE A 153 17.46 12.91 -14.51
CA ILE A 153 18.69 12.37 -15.11
C ILE A 153 18.95 10.99 -14.53
N ALA A 154 18.95 10.85 -13.19
CA ALA A 154 19.29 9.55 -12.56
C ALA A 154 18.23 8.49 -12.93
N ALA A 155 16.95 8.87 -12.86
CA ALA A 155 15.78 8.03 -13.16
C ALA A 155 15.80 7.60 -14.64
N TYR A 156 15.82 8.55 -15.57
CA TYR A 156 15.77 8.25 -17.03
C TYR A 156 16.95 7.33 -17.38
N LYS A 157 18.17 7.73 -17.04
CA LYS A 157 19.44 6.97 -17.26
C LYS A 157 19.28 5.53 -16.74
N LYS A 158 18.86 5.34 -15.49
CA LYS A 158 18.80 3.98 -14.88
C LYS A 158 17.71 3.18 -15.63
N VAL A 159 16.60 3.82 -15.93
CA VAL A 159 15.49 3.07 -16.55
C VAL A 159 15.97 2.66 -17.94
N VAL A 160 16.62 3.52 -18.72
CA VAL A 160 16.81 3.15 -20.16
C VAL A 160 18.11 2.36 -20.31
N GLU A 161 19.14 2.62 -19.51
CA GLU A 161 20.44 1.93 -19.62
C GLU A 161 20.45 0.63 -18.81
N ALA A 162 19.68 0.47 -17.73
CA ALA A 162 19.70 -0.76 -16.89
C ALA A 162 18.37 -1.54 -16.99
N THR A 163 17.25 -0.92 -16.63
CA THR A 163 15.98 -1.62 -16.32
C THR A 163 15.36 -2.19 -17.61
N ILE A 164 15.18 -1.35 -18.62
CA ILE A 164 14.55 -1.76 -19.90
C ILE A 164 15.40 -2.86 -20.53
N PRO A 165 16.74 -2.71 -20.74
CA PRO A 165 17.54 -3.81 -21.29
C PRO A 165 17.45 -5.14 -20.50
N ALA A 166 17.51 -5.08 -19.17
CA ALA A 166 17.46 -6.28 -18.30
C ALA A 166 16.09 -6.97 -18.47
N VAL A 167 14.99 -6.20 -18.47
CA VAL A 167 13.62 -6.75 -18.63
C VAL A 167 13.52 -7.29 -20.07
N GLU A 168 14.04 -6.57 -21.07
CA GLU A 168 14.09 -7.06 -22.47
C GLU A 168 14.85 -8.38 -22.52
N ARG A 169 16.05 -8.47 -21.94
CA ARG A 169 16.83 -9.73 -21.91
C ARG A 169 15.92 -10.90 -21.49
N LEU A 170 15.28 -10.84 -20.31
CA LEU A 170 14.37 -11.91 -19.80
C LEU A 170 13.17 -12.11 -20.73
N GLN A 171 12.63 -11.03 -21.30
CA GLN A 171 11.49 -11.15 -22.22
C GLN A 171 11.87 -12.03 -23.42
N LYS A 172 13.07 -11.88 -23.95
CA LYS A 172 13.51 -12.61 -25.16
C LYS A 172 13.83 -14.07 -24.78
N THR A 173 14.51 -14.30 -23.66
CA THR A 173 14.65 -15.68 -23.17
C THR A 173 13.23 -16.30 -23.09
N LEU A 174 12.27 -15.65 -22.41
CA LEU A 174 10.90 -16.23 -22.21
C LEU A 174 10.26 -16.50 -23.59
N ALA A 175 10.35 -15.59 -24.55
CA ALA A 175 9.81 -15.80 -25.92
C ALA A 175 10.56 -16.95 -26.64
N ALA A 176 11.89 -17.07 -26.43
CA ALA A 176 12.76 -18.13 -27.01
C ALA A 176 12.28 -19.51 -26.55
N LYS A 177 12.08 -19.67 -25.24
CA LYS A 177 11.58 -20.90 -24.57
C LYS A 177 10.19 -21.24 -25.07
N ALA A 178 9.30 -20.25 -25.11
CA ALA A 178 7.93 -20.44 -25.64
C ALA A 178 8.04 -21.10 -27.04
N ALA A 179 8.95 -20.61 -27.90
CA ALA A 179 9.20 -21.15 -29.26
C ALA A 179 9.77 -22.56 -29.15
N GLU A 180 10.81 -22.73 -28.33
CA GLU A 180 11.50 -24.02 -28.07
C GLU A 180 10.54 -25.08 -27.51
N PHE A 181 9.42 -24.72 -26.86
CA PHE A 181 8.51 -25.71 -26.24
C PHE A 181 7.14 -25.74 -26.91
N LYS A 182 7.05 -25.35 -28.19
CA LYS A 182 5.76 -25.18 -28.90
C LYS A 182 5.08 -26.53 -29.14
N ASP A 183 5.81 -27.64 -29.05
CA ASP A 183 5.22 -28.97 -29.40
C ASP A 183 5.24 -29.87 -28.18
N VAL A 184 5.63 -29.33 -27.01
CA VAL A 184 5.46 -30.00 -25.68
C VAL A 184 4.04 -29.73 -25.16
N VAL A 185 3.12 -30.70 -25.26
CA VAL A 185 1.71 -30.55 -24.79
C VAL A 185 1.68 -30.88 -23.29
N LYS A 186 1.09 -30.00 -22.48
CA LYS A 186 1.00 -30.17 -21.00
C LYS A 186 -0.43 -29.91 -20.55
N ILE A 187 -0.72 -30.22 -19.28
CA ILE A 187 -2.01 -29.92 -18.61
C ILE A 187 -2.06 -28.48 -18.11
N GLY A 188 -3.16 -27.77 -18.43
CA GLY A 188 -3.46 -26.45 -17.84
C GLY A 188 -3.96 -26.65 -16.42
N ARG A 189 -3.86 -25.63 -15.59
CA ARG A 189 -4.49 -25.55 -14.25
C ARG A 189 -5.25 -24.23 -14.11
N THR A 190 -6.53 -24.27 -13.79
CA THR A 190 -7.31 -23.10 -13.32
C THR A 190 -7.75 -23.37 -11.88
N HIS A 191 -7.64 -22.41 -11.00
CA HIS A 191 -8.08 -22.50 -9.58
C HIS A 191 -7.18 -23.54 -8.87
N LEU A 192 -6.05 -23.85 -9.50
CA LEU A 192 -5.10 -24.90 -9.09
C LEU A 192 -5.61 -26.33 -9.42
N MET A 193 -6.75 -26.48 -10.08
CA MET A 193 -7.36 -27.81 -10.33
C MET A 193 -7.08 -28.21 -11.80
N ASP A 194 -7.15 -29.51 -12.09
CA ASP A 194 -6.81 -30.13 -13.40
C ASP A 194 -7.75 -29.48 -14.45
N ALA A 195 -7.20 -28.98 -15.54
CA ALA A 195 -7.95 -28.26 -16.59
C ALA A 195 -7.64 -28.90 -17.94
N THR A 196 -7.74 -28.17 -19.06
CA THR A 196 -7.50 -28.72 -20.43
C THR A 196 -6.05 -28.50 -20.82
N PRO A 197 -5.58 -29.14 -21.92
CA PRO A 197 -4.19 -28.97 -22.36
C PRO A 197 -3.86 -27.58 -22.93
N LEU A 198 -2.60 -27.18 -22.79
CA LEU A 198 -1.90 -26.14 -23.60
C LEU A 198 -0.44 -26.56 -23.72
N THR A 199 0.26 -26.16 -24.78
CA THR A 199 1.72 -26.41 -24.91
C THR A 199 2.48 -25.65 -23.81
N LEU A 200 3.63 -26.16 -23.39
CA LEU A 200 4.53 -25.41 -22.45
C LEU A 200 4.92 -24.09 -23.14
N GLY A 201 5.04 -24.09 -24.47
CA GLY A 201 5.30 -22.88 -25.25
C GLY A 201 4.25 -21.81 -25.00
N GLN A 202 2.98 -22.21 -24.98
CA GLN A 202 1.79 -21.33 -24.83
C GLN A 202 1.89 -20.72 -23.42
N GLU A 203 2.18 -21.56 -22.44
CA GLU A 203 2.30 -21.07 -21.05
C GLU A 203 3.37 -19.97 -21.00
N PHE A 204 4.56 -20.23 -21.55
CA PHE A 204 5.71 -19.28 -21.53
C PHE A 204 5.40 -18.07 -22.40
N SER A 205 4.69 -18.23 -23.53
CA SER A 205 4.24 -17.13 -24.42
C SER A 205 3.39 -16.14 -23.63
N GLY A 206 2.46 -16.61 -22.82
CA GLY A 206 1.85 -15.76 -21.77
C GLY A 206 2.88 -14.95 -20.98
N TYR A 207 3.98 -15.57 -20.51
CA TYR A 207 5.01 -14.87 -19.67
C TYR A 207 5.73 -13.81 -20.53
N ALA A 208 6.21 -14.23 -21.70
CA ALA A 208 6.84 -13.33 -22.69
C ALA A 208 5.94 -12.11 -22.95
N ALA A 209 4.65 -12.34 -23.18
CA ALA A 209 3.64 -11.29 -23.42
C ALA A 209 3.59 -10.34 -22.22
N GLN A 210 3.58 -10.89 -20.99
CA GLN A 210 3.47 -10.07 -19.76
C GLN A 210 4.54 -8.98 -19.79
N LEU A 211 5.80 -9.35 -20.04
CA LEU A 211 6.93 -8.39 -20.03
C LEU A 211 6.87 -7.47 -21.26
N SER A 212 6.44 -7.94 -22.44
CA SER A 212 6.23 -7.07 -23.64
C SER A 212 5.28 -5.88 -23.35
N PHE A 213 4.05 -6.11 -22.87
CA PHE A 213 3.13 -5.03 -22.42
C PHE A 213 3.76 -4.18 -21.29
N GLY A 214 4.53 -4.79 -20.37
CA GLY A 214 5.19 -4.04 -19.29
C GLY A 214 6.25 -3.09 -19.86
N LEU A 215 7.08 -3.58 -20.77
CA LEU A 215 8.11 -2.76 -21.47
C LEU A 215 7.42 -1.57 -22.14
N THR A 216 6.31 -1.78 -22.88
CA THR A 216 5.52 -0.69 -23.52
C THR A 216 5.06 0.32 -22.46
N ALA A 217 4.49 -0.17 -21.36
CA ALA A 217 4.03 0.67 -20.23
C ALA A 217 5.18 1.56 -19.77
N ILE A 218 6.37 1.00 -19.52
CA ILE A 218 7.58 1.77 -19.09
C ILE A 218 7.94 2.80 -20.16
N LYS A 219 8.06 2.36 -21.43
CA LYS A 219 8.39 3.28 -22.54
C LYS A 219 7.39 4.45 -22.56
N ASN A 220 6.11 4.16 -22.51
CA ASN A 220 5.06 5.21 -22.54
C ASN A 220 5.36 6.33 -21.50
N THR A 221 6.06 6.07 -20.38
CA THR A 221 6.27 7.06 -19.30
C THR A 221 7.51 7.93 -19.57
N LEU A 222 8.29 7.67 -20.64
CA LEU A 222 9.62 8.32 -20.80
C LEU A 222 9.46 9.77 -21.30
N PRO A 223 8.54 10.14 -22.23
CA PRO A 223 8.34 11.56 -22.59
C PRO A 223 8.18 12.53 -21.40
N HIS A 224 7.39 12.16 -20.41
CA HIS A 224 7.24 12.95 -19.16
C HIS A 224 8.57 12.98 -18.37
N LEU A 225 9.31 11.87 -18.25
CA LEU A 225 10.52 11.79 -17.37
C LEU A 225 11.71 12.51 -18.04
N ARG A 226 11.67 12.67 -19.38
CA ARG A 226 12.72 13.36 -20.20
C ARG A 226 12.70 14.88 -19.91
N GLN A 227 11.62 15.40 -19.34
CA GLN A 227 11.44 16.86 -19.10
C GLN A 227 12.19 17.24 -17.80
N LEU A 228 13.08 18.27 -17.87
CA LEU A 228 13.92 18.75 -16.76
C LEU A 228 13.38 20.06 -16.18
N ALA A 229 13.35 20.15 -14.83
CA ALA A 229 12.94 21.34 -14.08
C ALA A 229 13.91 22.50 -14.32
N LEU A 230 15.16 22.23 -14.72
CA LEU A 230 16.27 23.22 -14.60
C LEU A 230 15.87 24.49 -15.38
N GLY A 231 15.83 25.62 -14.65
CA GLY A 231 15.46 26.95 -15.18
C GLY A 231 14.32 27.54 -14.40
N GLY A 232 13.53 26.72 -13.72
CA GLY A 232 12.45 27.20 -12.86
C GLY A 232 12.97 27.83 -11.57
N THR A 233 14.22 27.63 -11.19
CA THR A 233 14.81 28.23 -9.94
C THR A 233 13.84 28.07 -8.76
N ALA A 234 13.58 29.12 -7.95
CA ALA A 234 13.05 29.05 -6.56
C ALA A 234 11.64 28.46 -6.57
N VAL A 235 10.82 28.82 -7.54
CA VAL A 235 9.36 28.59 -7.51
C VAL A 235 8.80 28.37 -8.93
N GLY A 236 9.62 28.44 -9.98
CA GLY A 236 9.22 28.04 -11.35
C GLY A 236 9.15 29.20 -12.34
N THR A 237 9.25 30.43 -11.87
CA THR A 237 9.26 31.66 -12.70
C THR A 237 10.59 31.85 -13.44
N GLY A 238 11.66 31.11 -13.09
CA GLY A 238 13.02 31.34 -13.61
C GLY A 238 13.61 32.71 -13.22
N LEU A 239 13.20 33.23 -12.06
CA LEU A 239 13.86 34.42 -11.46
C LEU A 239 15.36 34.14 -11.40
N ASN A 240 16.18 35.12 -11.81
CA ASN A 240 17.68 35.11 -11.76
C ASN A 240 18.25 34.15 -12.83
N THR A 241 17.55 33.84 -13.92
CA THR A 241 18.15 33.08 -15.04
C THR A 241 18.29 34.02 -16.23
N PRO A 242 19.43 34.04 -16.94
CA PRO A 242 19.48 34.69 -18.26
C PRO A 242 18.54 34.02 -19.26
N LYS A 243 17.91 34.84 -20.09
CA LYS A 243 17.05 34.43 -21.24
C LYS A 243 17.76 33.38 -22.09
N GLY A 244 17.07 32.29 -22.43
CA GLY A 244 17.58 31.16 -23.21
C GLY A 244 18.18 30.06 -22.35
N TYR A 245 18.29 30.25 -21.03
CA TYR A 245 19.03 29.33 -20.11
C TYR A 245 18.35 27.97 -20.02
N ASP A 246 17.02 27.93 -19.85
CA ASP A 246 16.20 26.69 -19.76
C ASP A 246 16.52 25.79 -20.97
N VAL A 247 16.33 26.27 -22.20
CA VAL A 247 16.62 25.48 -23.43
C VAL A 247 18.13 25.19 -23.50
N LYS A 248 18.99 26.20 -23.30
CA LYS A 248 20.42 25.99 -23.51
C LYS A 248 20.96 24.92 -22.55
N VAL A 249 20.60 25.01 -21.27
CA VAL A 249 21.15 24.13 -20.21
C VAL A 249 20.67 22.67 -20.47
N ALA A 250 19.44 22.49 -20.95
CA ALA A 250 18.92 21.14 -21.30
C ALA A 250 19.66 20.54 -22.52
N GLU A 251 20.17 21.35 -23.43
CA GLU A 251 20.98 20.86 -24.60
C GLU A 251 22.35 20.37 -24.10
N TYR A 252 22.95 21.07 -23.17
CA TYR A 252 24.24 20.62 -22.58
C TYR A 252 24.04 19.26 -21.89
N ILE A 253 23.01 19.14 -21.03
CA ILE A 253 22.78 17.90 -20.24
C ILE A 253 22.56 16.76 -21.23
N ALA A 254 21.71 16.99 -22.23
CA ALA A 254 21.47 16.10 -23.39
C ALA A 254 22.79 15.73 -24.11
N LYS A 255 23.59 16.71 -24.54
CA LYS A 255 24.94 16.44 -25.12
C LYS A 255 25.79 15.59 -24.15
N PHE A 256 25.93 15.97 -22.87
CA PHE A 256 26.86 15.33 -21.90
C PHE A 256 26.47 13.90 -21.56
N THR A 257 25.16 13.59 -21.43
CA THR A 257 24.62 12.27 -20.99
C THR A 257 24.40 11.35 -22.20
N GLY A 258 24.16 11.89 -23.39
CA GLY A 258 23.84 11.12 -24.59
C GLY A 258 22.37 10.82 -24.68
N LEU A 259 21.58 11.39 -23.78
CA LEU A 259 20.14 11.04 -23.61
C LEU A 259 19.29 12.26 -23.92
N PRO A 260 18.09 12.02 -24.48
CA PRO A 260 17.26 13.08 -25.06
C PRO A 260 16.41 13.87 -24.05
N PHE A 261 17.05 14.51 -23.07
CA PHE A 261 16.37 15.45 -22.14
C PHE A 261 15.97 16.72 -22.90
N ILE A 262 14.89 17.36 -22.47
CA ILE A 262 14.39 18.68 -22.95
C ILE A 262 13.97 19.44 -21.70
N THR A 263 13.78 20.74 -21.82
CA THR A 263 13.34 21.59 -20.69
C THR A 263 11.86 21.26 -20.45
N ALA A 264 11.44 21.23 -19.17
CA ALA A 264 10.06 20.93 -18.77
C ALA A 264 9.11 21.97 -19.34
N GLU A 265 7.98 21.49 -19.85
CA GLU A 265 6.92 22.33 -20.46
C GLU A 265 6.19 23.19 -19.44
N ASN A 266 6.08 22.76 -18.19
CA ASN A 266 5.48 23.59 -17.12
C ASN A 266 6.31 23.42 -15.85
N LYS A 267 7.05 24.47 -15.49
CA LYS A 267 8.10 24.43 -14.43
C LYS A 267 7.42 24.45 -13.07
N PHE A 268 6.15 24.86 -12.99
CA PHE A 268 5.36 24.84 -11.73
C PHE A 268 4.98 23.39 -11.43
N GLU A 269 4.52 22.68 -12.46
CA GLU A 269 4.31 21.20 -12.38
C GLU A 269 5.64 20.52 -12.04
N ALA A 270 6.79 21.00 -12.55
CA ALA A 270 8.07 20.29 -12.40
C ALA A 270 8.68 20.52 -10.99
N LEU A 271 8.13 21.41 -10.18
CA LEU A 271 8.71 21.72 -8.85
C LEU A 271 7.78 21.27 -7.72
N ALA A 272 6.48 21.47 -7.93
CA ALA A 272 5.38 21.29 -6.94
C ALA A 272 4.89 19.84 -6.91
N THR A 273 5.38 18.99 -7.81
CA THR A 273 4.97 17.57 -7.98
C THR A 273 6.20 16.78 -8.39
N HIS A 274 6.16 15.48 -8.26
CA HIS A 274 7.09 14.57 -8.96
C HIS A 274 6.19 13.52 -9.61
N ASP A 275 5.16 14.02 -10.29
CA ASP A 275 4.11 13.20 -10.94
C ASP A 275 4.80 12.28 -11.97
N ALA A 276 5.90 12.74 -12.57
CA ALA A 276 6.67 11.97 -13.56
C ALA A 276 7.29 10.72 -12.90
N ILE A 277 7.75 10.83 -11.62
CA ILE A 277 8.34 9.69 -10.89
C ILE A 277 7.22 8.69 -10.55
N VAL A 278 6.03 9.21 -10.22
CA VAL A 278 4.82 8.41 -9.89
C VAL A 278 4.44 7.61 -11.15
N GLU A 279 4.32 8.34 -12.26
CA GLU A 279 3.98 7.81 -13.60
C GLU A 279 4.92 6.64 -13.90
N THR A 280 6.24 6.87 -13.98
CA THR A 280 7.22 5.82 -14.42
C THR A 280 7.27 4.71 -13.35
N HIS A 281 7.22 5.06 -12.06
CA HIS A 281 7.28 4.02 -10.98
C HIS A 281 6.03 3.12 -11.05
N GLY A 282 4.86 3.70 -11.27
CA GLY A 282 3.67 2.91 -11.57
C GLY A 282 3.95 1.81 -12.59
N ALA A 283 4.64 2.12 -13.68
CA ALA A 283 4.92 1.15 -14.77
C ALA A 283 5.97 0.15 -14.27
N LEU A 284 6.98 0.62 -13.56
CA LEU A 284 7.96 -0.32 -12.95
C LEU A 284 7.19 -1.32 -12.08
N LYS A 285 6.14 -0.87 -11.38
CA LYS A 285 5.41 -1.72 -10.40
C LYS A 285 4.52 -2.67 -11.19
N GLN A 286 3.95 -2.23 -12.31
CA GLN A 286 3.25 -3.13 -13.26
C GLN A 286 4.17 -4.32 -13.63
N VAL A 287 5.39 -4.06 -14.03
CA VAL A 287 6.38 -5.12 -14.38
C VAL A 287 6.70 -5.97 -13.14
N ALA A 288 6.94 -5.39 -11.96
CA ALA A 288 7.22 -6.15 -10.70
C ALA A 288 6.12 -7.18 -10.38
N MET A 289 4.84 -6.84 -10.53
CA MET A 289 3.70 -7.78 -10.28
C MET A 289 3.65 -8.88 -11.34
N SER A 290 3.95 -8.56 -12.62
CA SER A 290 4.04 -9.58 -13.71
C SER A 290 5.21 -10.52 -13.41
N LEU A 291 6.34 -9.94 -13.01
CA LEU A 291 7.55 -10.71 -12.61
C LEU A 291 7.22 -11.63 -11.45
N PHE A 292 6.39 -11.20 -10.52
CA PHE A 292 6.09 -11.98 -9.27
C PHE A 292 5.41 -13.26 -9.72
N LYS A 293 4.46 -13.06 -10.63
CA LYS A 293 3.57 -14.12 -11.12
C LYS A 293 4.44 -15.11 -11.87
N ILE A 294 5.36 -14.59 -12.68
CA ILE A 294 6.15 -15.48 -13.58
C ILE A 294 7.06 -16.37 -12.72
N ALA A 295 7.80 -15.73 -11.82
CA ALA A 295 8.69 -16.38 -10.83
C ALA A 295 7.87 -17.40 -10.04
N ASN A 296 6.66 -17.04 -9.61
CA ASN A 296 5.82 -17.93 -8.74
C ASN A 296 5.38 -19.16 -9.54
N ASP A 297 4.85 -18.98 -10.75
CA ASP A 297 4.58 -20.10 -11.67
C ASP A 297 5.78 -21.05 -11.76
N ILE A 298 6.96 -20.51 -12.03
CA ILE A 298 8.15 -21.34 -12.41
C ILE A 298 8.54 -22.19 -11.21
N ARG A 299 8.48 -21.66 -9.99
CA ARG A 299 8.82 -22.51 -8.81
C ARG A 299 7.71 -23.54 -8.65
N LEU A 300 6.43 -23.18 -8.83
CA LEU A 300 5.30 -24.14 -8.81
C LEU A 300 5.55 -25.22 -9.88
N LEU A 301 5.95 -24.83 -11.11
CA LEU A 301 6.20 -25.82 -12.19
C LEU A 301 7.39 -26.76 -11.84
N ALA A 302 8.42 -26.26 -11.15
CA ALA A 302 9.62 -27.03 -10.73
C ALA A 302 9.38 -27.79 -9.43
N SER A 303 8.31 -27.50 -8.68
CA SER A 303 8.09 -28.11 -7.34
C SER A 303 8.27 -29.65 -7.36
N GLY A 304 8.95 -30.13 -6.32
CA GLY A 304 9.17 -31.56 -6.09
C GLY A 304 10.55 -31.80 -5.54
N PRO A 305 11.40 -32.58 -6.26
CA PRO A 305 11.09 -33.09 -7.60
C PRO A 305 10.10 -34.27 -7.66
N ARG A 306 9.76 -34.86 -6.51
CA ARG A 306 9.06 -36.17 -6.47
C ARG A 306 7.59 -36.02 -6.00
N SER A 307 7.27 -35.07 -5.13
CA SER A 307 5.94 -35.00 -4.46
C SER A 307 5.29 -33.59 -4.61
N GLY A 308 5.54 -32.91 -5.74
CA GLY A 308 4.99 -31.61 -6.15
C GLY A 308 4.45 -31.70 -7.57
N ILE A 309 4.65 -30.68 -8.45
CA ILE A 309 4.15 -30.73 -9.85
C ILE A 309 5.27 -31.31 -10.72
N GLY A 310 6.45 -30.66 -10.70
CA GLY A 310 7.70 -31.19 -11.25
C GLY A 310 7.62 -31.36 -12.76
N GLU A 311 7.01 -30.41 -13.47
CA GLU A 311 6.73 -30.46 -14.94
C GLU A 311 7.89 -29.79 -15.69
N ILE A 312 8.71 -28.98 -15.02
CA ILE A 312 9.98 -28.41 -15.57
C ILE A 312 11.15 -28.76 -14.65
N LEU A 313 12.34 -28.72 -15.23
CA LEU A 313 13.66 -28.86 -14.56
C LEU A 313 14.33 -27.49 -14.64
N ILE A 314 14.76 -26.94 -13.52
CA ILE A 314 15.48 -25.64 -13.52
C ILE A 314 16.97 -25.91 -13.25
N PRO A 315 17.87 -25.00 -13.67
CA PRO A 315 19.28 -25.15 -13.34
C PRO A 315 19.51 -25.24 -11.82
N GLU A 316 20.39 -26.16 -11.41
CA GLU A 316 20.73 -26.42 -9.99
C GLU A 316 22.05 -25.70 -9.67
N ASN A 317 21.96 -24.56 -8.98
CA ASN A 317 23.06 -23.58 -8.83
C ASN A 317 23.74 -23.77 -7.46
N GLU A 318 23.05 -24.29 -6.44
CA GLU A 318 23.69 -24.39 -5.09
C GLU A 318 22.95 -25.35 -4.17
N PRO A 319 23.62 -25.86 -3.13
CA PRO A 319 22.94 -26.53 -2.03
C PRO A 319 21.76 -25.68 -1.57
N GLY A 320 20.55 -26.23 -1.61
CA GLY A 320 19.33 -25.54 -1.19
C GLY A 320 19.25 -25.46 0.33
N CYS A 321 19.90 -26.36 1.06
CA CYS A 321 19.43 -26.60 2.45
C CYS A 321 20.54 -27.07 3.38
N SER A 322 20.62 -26.45 4.56
CA SER A 322 21.64 -26.74 5.58
C SER A 322 21.39 -28.08 6.26
N ILE A 323 20.13 -28.48 6.41
CA ILE A 323 19.77 -29.72 7.18
C ILE A 323 19.30 -30.83 6.21
N MET A 324 18.56 -30.50 5.18
CA MET A 324 18.06 -31.52 4.22
C MET A 324 19.09 -31.75 3.11
N PRO A 325 19.95 -32.78 3.26
CA PRO A 325 21.10 -33.00 2.37
C PRO A 325 20.67 -33.35 0.94
N GLY A 326 21.11 -32.55 -0.01
CA GLY A 326 20.95 -32.76 -1.46
C GLY A 326 19.68 -32.07 -1.95
N LYS A 327 19.02 -31.31 -1.09
CA LYS A 327 17.81 -30.52 -1.44
C LYS A 327 18.24 -29.34 -2.31
N VAL A 328 17.47 -29.07 -3.34
CA VAL A 328 17.74 -28.03 -4.36
C VAL A 328 16.47 -27.16 -4.45
N ASN A 329 16.63 -25.85 -4.44
CA ASN A 329 15.49 -24.92 -4.32
C ASN A 329 15.49 -23.98 -5.51
N PRO A 330 14.31 -23.44 -5.88
CA PRO A 330 14.20 -22.41 -6.92
C PRO A 330 14.53 -21.04 -6.31
N THR A 331 15.83 -20.79 -6.07
CA THR A 331 16.30 -19.65 -5.26
C THR A 331 16.30 -18.37 -6.11
N GLN A 332 16.51 -18.49 -7.42
CA GLN A 332 16.37 -17.34 -8.37
C GLN A 332 14.93 -16.81 -8.27
N CYS A 333 13.94 -17.70 -8.25
CA CYS A 333 12.49 -17.33 -8.19
C CYS A 333 12.18 -16.53 -6.91
N GLU A 334 12.73 -16.94 -5.76
CA GLU A 334 12.54 -16.30 -4.45
C GLU A 334 13.15 -14.89 -4.49
N ALA A 335 14.36 -14.75 -5.00
CA ALA A 335 14.99 -13.44 -5.23
C ALA A 335 13.97 -12.55 -5.94
N MET A 336 13.39 -13.04 -7.05
CA MET A 336 12.56 -12.20 -7.93
C MET A 336 11.24 -11.86 -7.20
N THR A 337 10.66 -12.79 -6.45
CA THR A 337 9.40 -12.47 -5.72
C THR A 337 9.68 -11.50 -4.57
N MET A 338 10.85 -11.53 -3.95
CA MET A 338 11.17 -10.58 -2.85
C MET A 338 11.44 -9.17 -3.42
N VAL A 339 12.07 -9.10 -4.58
CA VAL A 339 12.27 -7.76 -5.23
C VAL A 339 10.87 -7.20 -5.49
N ALA A 340 9.99 -8.02 -6.05
CA ALA A 340 8.61 -7.60 -6.43
C ALA A 340 7.87 -7.06 -5.19
N ALA A 341 7.93 -7.78 -4.08
CA ALA A 341 7.40 -7.31 -2.78
C ALA A 341 7.90 -5.89 -2.50
N GLN A 342 9.22 -5.69 -2.58
CA GLN A 342 9.86 -4.39 -2.28
C GLN A 342 9.30 -3.32 -3.19
N VAL A 343 9.22 -3.60 -4.50
CA VAL A 343 8.77 -2.60 -5.52
C VAL A 343 7.37 -2.13 -5.14
N LEU A 344 6.45 -3.03 -4.75
CA LEU A 344 5.06 -2.61 -4.43
C LEU A 344 5.06 -1.62 -3.25
N GLY A 345 5.75 -1.90 -2.13
CA GLY A 345 5.89 -0.93 -1.02
C GLY A 345 6.58 0.37 -1.47
N ASN A 346 7.59 0.25 -2.36
CA ASN A 346 8.26 1.44 -2.97
C ASN A 346 7.19 2.32 -3.64
N ASP A 347 6.14 1.68 -4.20
CA ASP A 347 5.11 2.41 -4.97
C ASP A 347 4.15 3.10 -4.00
N THR A 348 3.88 2.49 -2.84
CA THR A 348 3.07 3.10 -1.77
C THR A 348 3.76 4.39 -1.34
N THR A 349 5.06 4.30 -1.03
CA THR A 349 5.94 5.41 -0.53
C THR A 349 5.94 6.55 -1.55
N ILE A 350 6.17 6.25 -2.83
CA ILE A 350 6.20 7.24 -3.94
C ILE A 350 4.82 7.86 -4.15
N SER A 351 3.75 7.08 -4.30
CA SER A 351 2.35 7.56 -4.41
C SER A 351 2.03 8.48 -3.22
N PHE A 352 2.29 8.04 -1.99
CA PHE A 352 2.04 8.84 -0.77
C PHE A 352 2.78 10.17 -0.86
N ALA A 353 4.11 10.13 -1.11
CA ALA A 353 4.99 11.31 -1.20
C ALA A 353 4.52 12.21 -2.34
N GLY A 354 4.10 11.66 -3.46
CA GLY A 354 3.71 12.46 -4.64
C GLY A 354 2.49 13.30 -4.36
N SER A 355 1.56 12.78 -3.58
CA SER A 355 0.34 13.53 -3.21
C SER A 355 0.66 14.65 -2.21
N GLN A 356 1.88 14.74 -1.63
CA GLN A 356 2.12 15.58 -0.43
C GLN A 356 2.77 16.93 -0.74
N GLY A 357 2.78 17.34 -2.02
CA GLY A 357 3.32 18.67 -2.37
C GLY A 357 2.53 19.78 -1.70
N HIS A 358 3.21 20.87 -1.38
CA HIS A 358 2.58 22.10 -0.85
C HIS A 358 2.95 23.28 -1.74
N PHE A 359 1.96 24.03 -2.15
CA PHE A 359 2.16 25.30 -2.92
C PHE A 359 3.14 25.04 -4.08
N GLU A 360 4.33 25.66 -4.03
CA GLU A 360 5.27 25.75 -5.17
C GLU A 360 6.25 24.57 -5.15
N LEU A 361 6.36 23.80 -4.05
CA LEU A 361 7.44 22.79 -3.92
C LEU A 361 6.91 21.49 -3.27
N ASN A 362 7.12 20.36 -3.95
CA ASN A 362 7.06 19.04 -3.29
C ASN A 362 8.35 18.88 -2.51
N VAL A 363 8.26 18.76 -1.19
CA VAL A 363 9.44 18.52 -0.32
C VAL A 363 9.42 17.06 0.19
N PHE A 364 9.20 16.09 -0.70
CA PHE A 364 9.51 14.66 -0.42
C PHE A 364 10.55 14.13 -1.42
N LYS A 365 11.48 14.96 -1.88
CA LYS A 365 12.27 14.69 -3.12
C LYS A 365 13.24 13.53 -2.89
N PRO A 366 14.05 13.52 -1.79
CA PRO A 366 15.01 12.45 -1.58
C PRO A 366 14.37 11.07 -1.51
N VAL A 367 13.27 10.95 -0.76
CA VAL A 367 12.64 9.63 -0.44
C VAL A 367 12.00 9.11 -1.72
N MET A 368 11.38 10.00 -2.47
CA MET A 368 10.88 9.69 -3.84
C MET A 368 12.05 9.20 -4.71
N ALA A 369 13.16 9.94 -4.74
CA ALA A 369 14.46 9.63 -5.38
C ALA A 369 15.00 8.25 -5.00
N ALA A 370 15.26 8.01 -3.70
CA ALA A 370 15.86 6.77 -3.17
C ALA A 370 15.00 5.54 -3.57
N ASN A 371 13.69 5.62 -3.36
CA ASN A 371 12.72 4.51 -3.61
C ASN A 371 12.67 4.25 -5.14
N PHE A 372 12.70 5.26 -5.99
CA PHE A 372 12.55 5.02 -7.46
C PHE A 372 13.79 4.29 -7.98
N LEU A 373 14.97 4.83 -7.68
CA LEU A 373 16.27 4.25 -8.06
C LEU A 373 16.39 2.80 -7.57
N GLN A 374 16.04 2.51 -6.29
CA GLN A 374 16.13 1.13 -5.73
C GLN A 374 15.22 0.19 -6.53
N SER A 375 14.03 0.64 -6.90
CA SER A 375 13.11 -0.22 -7.69
C SER A 375 13.77 -0.49 -9.05
N ALA A 376 14.29 0.54 -9.71
CA ALA A 376 14.83 0.45 -11.09
C ALA A 376 16.14 -0.37 -11.07
N GLN A 377 16.94 -0.29 -10.01
CA GLN A 377 18.20 -1.05 -9.90
C GLN A 377 17.87 -2.52 -9.63
N LEU A 378 17.02 -2.80 -8.64
CA LEU A 378 16.64 -4.19 -8.26
C LEU A 378 15.90 -4.90 -9.41
N ILE A 379 15.05 -4.24 -10.17
CA ILE A 379 14.33 -4.91 -11.29
C ILE A 379 15.42 -5.33 -12.28
N ALA A 380 16.27 -4.37 -12.65
CA ALA A 380 17.43 -4.57 -13.55
C ALA A 380 18.23 -5.80 -13.09
N ASP A 381 18.76 -5.77 -11.85
CA ASP A 381 19.69 -6.79 -11.34
C ASP A 381 19.01 -8.17 -11.26
N VAL A 382 17.74 -8.23 -10.83
CA VAL A 382 17.07 -9.55 -10.65
C VAL A 382 16.70 -10.16 -12.01
N CYS A 383 16.37 -9.37 -13.04
CA CYS A 383 16.00 -9.92 -14.36
C CYS A 383 17.24 -10.52 -15.01
N ILE A 384 18.41 -9.89 -14.80
CA ILE A 384 19.71 -10.40 -15.30
C ILE A 384 20.03 -11.71 -14.58
N SER A 385 19.97 -11.73 -13.24
CA SER A 385 20.27 -12.93 -12.42
C SER A 385 19.30 -14.08 -12.75
N PHE A 386 18.00 -13.78 -12.80
CA PHE A 386 16.96 -14.80 -13.01
C PHE A 386 17.13 -15.37 -14.42
N ASP A 387 17.45 -14.52 -15.40
CA ASP A 387 17.66 -14.95 -16.82
C ASP A 387 18.88 -15.87 -16.90
N GLU A 388 19.99 -15.40 -16.34
CA GLU A 388 21.31 -16.10 -16.40
C GLU A 388 21.18 -17.45 -15.67
N HIS A 389 20.61 -17.46 -14.45
CA HIS A 389 20.80 -18.53 -13.44
C HIS A 389 19.55 -19.42 -13.39
N CYS A 390 18.48 -19.10 -14.14
CA CYS A 390 17.22 -19.90 -14.20
C CYS A 390 16.64 -20.02 -15.62
N ALA A 391 16.07 -18.96 -16.14
CA ALA A 391 15.17 -18.98 -17.32
C ALA A 391 15.86 -19.69 -18.51
N THR A 392 17.13 -19.36 -18.76
CA THR A 392 17.90 -19.84 -19.94
C THR A 392 18.07 -21.36 -19.85
N GLY A 393 18.13 -21.96 -18.65
CA GLY A 393 18.37 -23.41 -18.48
C GLY A 393 17.10 -24.25 -18.26
N ILE A 394 15.92 -23.65 -18.18
CA ILE A 394 14.60 -24.33 -18.02
C ILE A 394 14.36 -25.38 -19.13
N GLN A 395 14.14 -26.63 -18.72
CA GLN A 395 13.87 -27.75 -19.66
C GLN A 395 12.60 -28.46 -19.17
N PRO A 396 11.84 -29.08 -20.09
CA PRO A 396 10.70 -29.90 -19.68
C PRO A 396 11.13 -31.14 -18.89
N ASN A 397 10.33 -31.53 -17.91
CA ASN A 397 10.36 -32.90 -17.33
C ASN A 397 9.37 -33.74 -18.15
N THR A 398 9.83 -34.35 -19.25
CA THR A 398 8.92 -34.92 -20.27
C THR A 398 7.97 -35.95 -19.66
N PRO A 399 8.45 -36.98 -18.94
CA PRO A 399 7.55 -38.02 -18.44
C PRO A 399 6.50 -37.50 -17.45
N ARG A 400 6.87 -36.46 -16.69
CA ARG A 400 6.01 -35.88 -15.64
C ARG A 400 4.91 -35.08 -16.34
N ILE A 401 5.32 -34.28 -17.34
CA ILE A 401 4.36 -33.54 -18.19
C ILE A 401 3.35 -34.55 -18.72
N GLN A 402 3.83 -35.64 -19.34
CA GLN A 402 3.00 -36.64 -20.08
C GLN A 402 2.02 -37.36 -19.12
N HIS A 403 2.48 -37.77 -17.92
CA HIS A 403 1.63 -38.39 -16.86
C HIS A 403 0.52 -37.43 -16.42
N LEU A 404 0.82 -36.18 -16.05
CA LEU A 404 -0.19 -35.25 -15.46
C LEU A 404 -1.17 -34.82 -16.57
N LEU A 405 -0.72 -34.78 -17.82
CA LEU A 405 -1.57 -34.48 -19.00
C LEU A 405 -2.63 -35.60 -19.14
N ASP A 406 -2.16 -36.86 -19.18
CA ASP A 406 -2.96 -38.08 -19.47
C ASP A 406 -3.99 -38.35 -18.36
N SER A 407 -3.70 -38.02 -17.08
CA SER A 407 -4.56 -38.26 -15.90
C SER A 407 -5.72 -37.27 -15.78
N SER A 408 -5.72 -36.15 -16.52
CA SER A 408 -6.72 -35.06 -16.33
C SER A 408 -8.10 -35.56 -16.71
N LEU A 409 -9.04 -35.61 -15.76
CA LEU A 409 -10.44 -35.97 -16.10
C LEU A 409 -11.00 -34.91 -17.04
N MET A 410 -10.38 -33.73 -17.10
CA MET A 410 -10.95 -32.59 -17.86
C MET A 410 -10.52 -32.60 -19.35
N LEU A 411 -9.81 -33.64 -19.82
CA LEU A 411 -9.71 -33.97 -21.28
C LEU A 411 -11.13 -34.17 -21.84
N VAL A 412 -12.09 -34.48 -20.95
CA VAL A 412 -13.51 -34.75 -21.34
C VAL A 412 -14.09 -33.55 -22.07
N THR A 413 -13.49 -32.35 -21.88
CA THR A 413 -13.92 -31.09 -22.53
C THR A 413 -13.89 -31.24 -24.08
N ALA A 414 -13.05 -32.09 -24.66
CA ALA A 414 -13.05 -32.31 -26.14
C ALA A 414 -14.42 -32.85 -26.60
N LEU A 415 -15.20 -33.46 -25.70
CA LEU A 415 -16.48 -34.14 -26.04
C LEU A 415 -17.67 -33.16 -26.12
N ASN A 416 -17.52 -31.93 -25.61
CA ASN A 416 -18.62 -30.97 -25.36
C ASN A 416 -19.45 -30.73 -26.61
N THR A 417 -18.81 -30.49 -27.76
CA THR A 417 -19.48 -30.10 -29.02
C THR A 417 -20.04 -31.35 -29.70
N HIS A 418 -19.71 -32.56 -29.19
CA HIS A 418 -20.11 -33.87 -29.77
C HIS A 418 -21.27 -34.50 -28.97
N ILE A 419 -21.33 -34.35 -27.64
CA ILE A 419 -22.38 -35.01 -26.82
C ILE A 419 -23.09 -34.01 -25.91
N GLY A 420 -22.67 -32.74 -25.82
CA GLY A 420 -23.31 -31.75 -24.92
C GLY A 420 -22.70 -31.73 -23.52
N TYR A 421 -22.85 -30.62 -22.83
CA TYR A 421 -22.27 -30.34 -21.50
C TYR A 421 -22.62 -31.47 -20.52
N GLU A 422 -23.90 -31.78 -20.33
CA GLU A 422 -24.38 -32.70 -19.27
C GLU A 422 -23.81 -34.11 -19.50
N ASN A 423 -23.71 -34.58 -20.74
CA ASN A 423 -23.23 -35.96 -21.02
C ASN A 423 -21.72 -36.04 -20.78
N ALA A 424 -20.98 -35.01 -21.22
CA ALA A 424 -19.55 -34.86 -20.87
C ALA A 424 -19.41 -34.88 -19.33
N ALA A 425 -20.24 -34.13 -18.60
CA ALA A 425 -20.14 -34.00 -17.13
C ALA A 425 -20.39 -35.38 -16.49
N LYS A 426 -21.31 -36.18 -17.01
CA LYS A 426 -21.60 -37.54 -16.46
C LYS A 426 -20.35 -38.40 -16.54
N ILE A 427 -19.72 -38.45 -17.72
CA ILE A 427 -18.46 -39.23 -17.97
C ILE A 427 -17.39 -38.86 -16.92
N ALA A 428 -17.11 -37.57 -16.68
CA ALA A 428 -16.00 -37.15 -15.77
C ALA A 428 -16.34 -37.53 -14.32
N LYS A 429 -17.55 -37.28 -13.86
CA LYS A 429 -17.94 -37.52 -12.44
C LYS A 429 -18.02 -39.04 -12.20
N THR A 430 -18.45 -39.82 -13.20
CA THR A 430 -18.46 -41.31 -13.19
C THR A 430 -17.02 -41.81 -13.04
N ALA A 431 -16.11 -41.33 -13.90
CA ALA A 431 -14.68 -41.69 -13.81
C ALA A 431 -14.11 -41.28 -12.43
N HIS A 432 -14.51 -40.12 -11.89
CA HIS A 432 -13.99 -39.57 -10.62
C HIS A 432 -14.51 -40.43 -9.45
N LYS A 433 -15.83 -40.51 -9.31
CA LYS A 433 -16.58 -41.39 -8.37
C LYS A 433 -16.07 -42.84 -8.40
N ASN A 434 -15.92 -43.45 -9.59
CA ASN A 434 -15.56 -44.89 -9.76
C ASN A 434 -14.06 -45.13 -9.59
N GLY A 435 -13.22 -44.13 -9.81
CA GLY A 435 -11.76 -44.34 -9.84
C GLY A 435 -11.32 -44.97 -11.14
N THR A 436 -11.90 -44.58 -12.28
CA THR A 436 -11.61 -45.14 -13.61
C THR A 436 -11.15 -44.02 -14.55
N THR A 437 -10.71 -44.37 -15.75
CA THR A 437 -10.39 -43.45 -16.87
C THR A 437 -11.67 -42.95 -17.56
N LEU A 438 -11.60 -41.78 -18.17
CA LEU A 438 -12.61 -41.25 -19.11
C LEU A 438 -12.98 -42.27 -20.20
N ARG A 439 -11.98 -42.88 -20.80
CA ARG A 439 -12.17 -43.74 -21.99
C ARG A 439 -13.12 -44.92 -21.65
N GLU A 440 -12.96 -45.53 -20.48
CA GLU A 440 -13.78 -46.66 -19.95
C GLU A 440 -15.24 -46.24 -19.83
N GLU A 441 -15.48 -45.17 -19.08
CA GLU A 441 -16.83 -44.70 -18.69
C GLU A 441 -17.52 -44.10 -19.93
N ALA A 442 -16.79 -43.42 -20.79
CA ALA A 442 -17.36 -42.94 -22.08
C ALA A 442 -17.97 -44.14 -22.82
N ILE A 443 -17.23 -45.25 -22.94
CA ILE A 443 -17.68 -46.49 -23.66
C ILE A 443 -18.77 -47.21 -22.86
N ASN A 444 -18.57 -47.46 -21.55
CA ASN A 444 -19.49 -48.22 -20.67
C ASN A 444 -20.83 -47.51 -20.43
N LEU A 445 -20.88 -46.17 -20.49
CA LEU A 445 -22.15 -45.41 -20.40
C LEU A 445 -22.80 -45.32 -21.79
N GLY A 446 -22.15 -45.81 -22.85
CA GLY A 446 -22.75 -45.89 -24.20
C GLY A 446 -22.88 -44.54 -24.90
N LEU A 447 -22.05 -43.57 -24.51
CA LEU A 447 -22.14 -42.13 -24.90
C LEU A 447 -21.11 -41.80 -25.98
N VAL A 448 -20.09 -42.65 -26.17
CA VAL A 448 -19.01 -42.44 -27.16
C VAL A 448 -18.44 -43.82 -27.47
N SER A 449 -18.33 -44.10 -28.78
CA SER A 449 -17.63 -45.26 -29.38
C SER A 449 -16.13 -45.13 -29.09
N ALA A 450 -15.44 -46.26 -28.94
CA ALA A 450 -13.98 -46.37 -28.76
C ALA A 450 -13.23 -45.57 -29.85
N GLU A 451 -13.64 -45.66 -31.13
CA GLU A 451 -12.99 -44.91 -32.25
C GLU A 451 -13.26 -43.39 -32.19
N ASP A 452 -14.43 -42.92 -31.73
CA ASP A 452 -14.71 -41.46 -31.63
C ASP A 452 -13.91 -40.83 -30.46
N PHE A 453 -13.84 -41.49 -29.31
CA PHE A 453 -13.07 -40.97 -28.16
C PHE A 453 -11.60 -40.86 -28.59
N ASP A 454 -11.04 -41.89 -29.23
CA ASP A 454 -9.64 -41.92 -29.69
C ASP A 454 -9.40 -40.80 -30.72
N LYS A 455 -10.40 -40.47 -31.53
CA LYS A 455 -10.30 -39.38 -32.54
C LYS A 455 -10.47 -38.00 -31.89
N TRP A 456 -11.31 -37.85 -30.86
CA TRP A 456 -11.73 -36.52 -30.33
C TRP A 456 -10.84 -36.08 -29.15
N VAL A 457 -10.52 -37.00 -28.27
CA VAL A 457 -9.82 -36.66 -27.00
C VAL A 457 -8.31 -36.84 -27.24
N VAL A 458 -7.74 -35.96 -28.06
CA VAL A 458 -6.31 -35.95 -28.50
C VAL A 458 -5.72 -34.60 -28.09
N PRO A 459 -4.97 -34.53 -26.94
CA PRO A 459 -4.47 -33.26 -26.39
C PRO A 459 -3.78 -32.32 -27.39
N ALA A 460 -3.11 -32.91 -28.37
CA ALA A 460 -2.43 -32.20 -29.48
C ALA A 460 -3.48 -31.46 -30.32
N ASP A 461 -4.75 -31.89 -30.32
CA ASP A 461 -5.84 -31.24 -31.09
C ASP A 461 -6.66 -30.30 -30.21
N MET A 462 -6.29 -30.14 -28.93
CA MET A 462 -7.09 -29.40 -27.92
C MET A 462 -6.38 -28.09 -27.53
N VAL A 463 -5.33 -27.72 -28.28
CA VAL A 463 -4.49 -26.53 -28.00
C VAL A 463 -4.75 -25.49 -29.11
N GLY A 464 -5.86 -25.64 -29.83
CA GLY A 464 -6.33 -24.66 -30.81
C GLY A 464 -7.84 -24.75 -31.01
N SER A 465 -8.33 -23.96 -31.96
CA SER A 465 -9.73 -23.98 -32.49
C SER A 465 -10.10 -25.34 -33.11
N LEU A 466 -11.41 -25.64 -33.22
CA LEU A 466 -11.94 -26.83 -33.93
C LEU A 466 -11.52 -26.71 -35.41
N LYS A 467 -11.42 -27.83 -36.13
CA LYS A 467 -11.31 -27.92 -37.62
C LYS A 467 -11.00 -29.37 -38.02
N THR B 4 42.14 -11.75 -4.78
CA THR B 4 42.78 -11.91 -6.13
C THR B 4 43.51 -13.27 -6.07
N ALA B 5 44.01 -13.73 -4.90
CA ALA B 5 44.50 -15.12 -4.66
C ALA B 5 43.34 -16.07 -4.28
N PHE B 6 43.45 -17.37 -4.58
CA PHE B 6 42.30 -18.32 -4.51
C PHE B 6 42.72 -19.62 -3.80
N ARG B 7 41.73 -20.31 -3.22
CA ARG B 7 41.86 -21.71 -2.73
C ARG B 7 40.60 -22.44 -3.20
N ILE B 8 40.64 -23.77 -3.23
CA ILE B 8 39.51 -24.63 -3.64
C ILE B 8 38.77 -25.11 -2.39
N GLU B 9 37.50 -24.71 -2.19
CA GLU B 9 36.57 -25.33 -1.20
C GLU B 9 35.53 -26.16 -1.95
N LYS B 10 34.99 -27.16 -1.27
CA LYS B 10 33.94 -28.07 -1.81
C LYS B 10 32.66 -27.92 -0.98
N ASP B 11 31.52 -28.05 -1.63
CA ASP B 11 30.22 -28.36 -0.96
C ASP B 11 29.72 -29.60 -1.70
N THR B 12 28.54 -30.09 -1.37
CA THR B 12 27.95 -31.30 -1.98
C THR B 12 27.67 -31.12 -3.50
N MET B 13 27.86 -29.95 -4.08
CA MET B 13 27.61 -29.75 -5.54
C MET B 13 28.91 -29.71 -6.34
N GLY B 14 30.05 -29.45 -5.70
CA GLY B 14 31.35 -29.44 -6.41
C GLY B 14 32.33 -28.45 -5.78
N GLU B 15 33.41 -28.21 -6.53
CA GLU B 15 34.54 -27.34 -6.11
C GLU B 15 34.25 -25.90 -6.49
N VAL B 16 34.68 -24.99 -5.64
CA VAL B 16 34.47 -23.52 -5.85
C VAL B 16 35.78 -22.82 -5.47
N GLN B 17 36.28 -21.97 -6.36
CA GLN B 17 37.34 -20.94 -6.14
C GLN B 17 36.78 -19.87 -5.19
N VAL B 18 37.37 -19.76 -4.01
CA VAL B 18 37.01 -18.81 -2.92
C VAL B 18 38.21 -17.89 -2.68
N PRO B 19 38.06 -16.56 -2.44
CA PRO B 19 39.21 -15.70 -2.19
C PRO B 19 40.02 -16.25 -1.01
N ALA B 20 41.34 -16.39 -1.18
CA ALA B 20 42.24 -17.18 -0.31
C ALA B 20 42.28 -16.59 1.11
N ASP B 21 42.10 -15.29 1.23
CA ASP B 21 42.22 -14.51 2.49
C ASP B 21 40.90 -14.59 3.30
N LYS B 22 39.79 -15.01 2.70
CA LYS B 22 38.44 -14.89 3.32
C LYS B 22 38.09 -16.17 4.09
N TYR B 23 37.39 -16.01 5.20
CA TYR B 23 36.93 -17.11 6.08
C TYR B 23 35.66 -17.81 5.54
N TRP B 24 34.96 -17.23 4.58
CA TRP B 24 33.77 -17.92 4.02
C TRP B 24 34.24 -19.09 3.13
N ALA B 25 33.33 -19.96 2.65
CA ALA B 25 33.68 -21.13 1.82
C ALA B 25 32.81 -21.19 0.55
N ALA B 26 32.57 -22.38 0.02
CA ALA B 26 31.99 -22.61 -1.32
C ALA B 26 30.57 -22.06 -1.43
N GLN B 27 29.73 -22.20 -0.37
CA GLN B 27 28.29 -21.88 -0.54
C GLN B 27 28.13 -20.34 -0.55
N THR B 28 28.78 -19.67 0.40
CA THR B 28 28.88 -18.18 0.46
C THR B 28 29.41 -17.63 -0.86
N GLU B 29 30.43 -18.26 -1.41
CA GLU B 29 31.05 -17.77 -2.66
C GLU B 29 30.06 -17.98 -3.81
N ARG B 30 29.32 -19.09 -3.81
CA ARG B 30 28.24 -19.35 -4.80
C ARG B 30 27.22 -18.22 -4.75
N SER B 31 26.74 -17.89 -3.56
CA SER B 31 25.65 -16.90 -3.35
C SER B 31 26.12 -15.52 -3.81
N ARG B 32 27.35 -15.18 -3.45
CA ARG B 32 27.99 -13.88 -3.78
C ARG B 32 27.99 -13.70 -5.31
N ASN B 33 28.24 -14.77 -6.08
CA ASN B 33 28.36 -14.73 -7.58
C ASN B 33 26.99 -14.95 -8.26
N ASN B 34 26.02 -15.56 -7.57
CA ASN B 34 24.70 -15.98 -8.11
C ASN B 34 23.58 -14.97 -7.79
N PHE B 35 23.83 -14.04 -6.86
CA PHE B 35 22.79 -13.08 -6.38
C PHE B 35 23.37 -11.67 -6.36
N LYS B 36 23.81 -11.20 -7.52
CA LYS B 36 24.41 -9.84 -7.66
C LYS B 36 23.26 -8.86 -7.88
N ILE B 37 22.59 -8.48 -6.80
CA ILE B 37 21.31 -7.73 -6.84
C ILE B 37 21.38 -6.68 -5.74
N GLY B 38 21.44 -5.41 -6.14
CA GLY B 38 21.63 -4.27 -5.25
C GLY B 38 23.09 -4.13 -4.82
N PRO B 39 23.39 -3.26 -3.84
CA PRO B 39 24.74 -3.17 -3.28
C PRO B 39 25.15 -4.50 -2.62
N ALA B 40 26.43 -4.84 -2.71
CA ALA B 40 27.01 -6.04 -2.07
C ALA B 40 26.83 -5.94 -0.54
N ALA B 41 26.84 -7.08 0.18
CA ALA B 41 26.84 -7.16 1.67
C ALA B 41 25.61 -6.47 2.29
N SER B 42 24.46 -6.40 1.60
CA SER B 42 23.21 -5.70 2.00
C SER B 42 22.49 -6.39 3.16
N MET B 43 22.80 -7.66 3.43
CA MET B 43 22.12 -8.37 4.55
C MET B 43 22.43 -7.57 5.81
N PRO B 44 21.40 -7.05 6.52
CA PRO B 44 21.61 -6.13 7.64
C PRO B 44 22.56 -6.72 8.70
N HIS B 45 23.49 -5.92 9.23
CA HIS B 45 24.50 -6.34 10.25
C HIS B 45 23.79 -6.88 11.51
N GLU B 46 22.60 -6.34 11.81
CA GLU B 46 21.77 -6.73 12.99
C GLU B 46 21.38 -8.20 12.90
N ILE B 47 21.17 -8.72 11.69
CA ILE B 47 20.87 -10.15 11.44
C ILE B 47 22.14 -10.96 11.70
N ILE B 48 23.30 -10.52 11.18
CA ILE B 48 24.58 -11.26 11.32
C ILE B 48 24.90 -11.21 12.83
N GLU B 49 24.65 -10.08 13.47
CA GLU B 49 24.85 -9.92 14.90
C GLU B 49 23.99 -10.95 15.58
N ALA B 50 22.70 -11.03 15.22
CA ALA B 50 21.73 -11.98 15.83
C ALA B 50 22.14 -13.44 15.63
N PHE B 51 22.58 -13.83 14.42
CA PHE B 51 23.10 -15.19 14.13
C PHE B 51 24.27 -15.52 15.04
N GLY B 52 25.12 -14.55 15.35
CA GLY B 52 26.27 -14.75 16.27
C GLY B 52 25.82 -15.19 17.65
N TYR B 53 24.84 -14.50 18.21
CA TYR B 53 24.16 -14.86 19.47
C TYR B 53 23.58 -16.27 19.37
N LEU B 54 22.79 -16.59 18.32
CA LEU B 54 22.01 -17.86 18.33
C LEU B 54 22.94 -19.06 18.09
N LYS B 55 24.02 -18.87 17.29
CA LYS B 55 25.00 -19.93 16.97
C LYS B 55 25.78 -20.27 18.24
N LYS B 56 26.14 -19.26 19.03
CA LYS B 56 26.85 -19.54 20.30
C LYS B 56 25.90 -20.35 21.18
N ALA B 57 24.70 -19.84 21.43
CA ALA B 57 23.65 -20.51 22.23
C ALA B 57 23.45 -21.95 21.78
N ALA B 58 23.26 -22.20 20.46
CA ALA B 58 23.12 -23.56 19.87
C ALA B 58 24.24 -24.47 20.38
N ALA B 59 25.48 -24.01 20.26
CA ALA B 59 26.65 -24.81 20.66
C ALA B 59 26.57 -25.08 22.18
N PHE B 60 26.23 -24.09 22.99
CA PHE B 60 26.13 -24.27 24.48
C PHE B 60 25.02 -25.28 24.79
N ALA B 61 23.88 -25.16 24.09
CA ALA B 61 22.71 -26.03 24.28
C ALA B 61 23.12 -27.47 23.91
N ASN B 62 23.63 -27.65 22.68
CA ASN B 62 24.08 -28.95 22.13
C ASN B 62 25.08 -29.57 23.12
N THR B 63 26.00 -28.78 23.68
CA THR B 63 26.97 -29.31 24.69
C THR B 63 26.21 -29.74 25.96
N ASP B 64 25.32 -28.93 26.54
CA ASP B 64 24.57 -29.29 27.78
C ASP B 64 23.76 -30.59 27.57
N LEU B 65 23.29 -30.87 26.35
CA LEU B 65 22.39 -32.03 26.09
C LEU B 65 23.21 -33.19 25.53
N GLY B 66 24.54 -33.05 25.55
CA GLY B 66 25.54 -34.13 25.33
C GLY B 66 25.61 -34.59 23.87
N VAL B 67 25.44 -33.71 22.88
CA VAL B 67 25.53 -34.12 21.45
C VAL B 67 26.66 -33.35 20.75
N LEU B 68 27.31 -32.42 21.45
CA LEU B 68 28.49 -31.67 20.94
C LEU B 68 29.56 -31.64 22.03
N PRO B 69 30.83 -31.99 21.70
CA PRO B 69 31.92 -31.92 22.67
C PRO B 69 32.23 -30.49 23.12
N ALA B 70 32.58 -30.30 24.41
CA ALA B 70 32.84 -28.98 25.03
C ALA B 70 33.91 -28.22 24.22
N GLU B 71 35.05 -28.87 23.90
CA GLU B 71 36.15 -28.25 23.12
C GLU B 71 35.58 -27.63 21.83
N LYS B 72 34.63 -28.30 21.18
CA LYS B 72 34.05 -27.78 19.91
C LYS B 72 33.12 -26.60 20.22
N ARG B 73 32.42 -26.65 21.34
CA ARG B 73 31.55 -25.54 21.80
C ARG B 73 32.43 -24.31 22.06
N ASP B 74 33.62 -24.53 22.59
CA ASP B 74 34.55 -23.43 22.92
C ASP B 74 34.96 -22.74 21.61
N LEU B 75 35.36 -23.51 20.63
CA LEU B 75 35.87 -22.93 19.36
C LEU B 75 34.74 -22.19 18.64
N ILE B 76 33.53 -22.73 18.65
CA ILE B 76 32.36 -22.10 17.98
C ILE B 76 32.06 -20.77 18.70
N GLY B 77 32.16 -20.77 20.04
CA GLY B 77 31.90 -19.59 20.88
C GLY B 77 32.86 -18.44 20.60
N GLN B 78 34.15 -18.73 20.43
CA GLN B 78 35.20 -17.72 20.13
C GLN B 78 34.96 -17.10 18.74
N ALA B 79 34.66 -17.89 17.72
CA ALA B 79 34.39 -17.29 16.39
C ALA B 79 33.12 -16.46 16.51
N CYS B 80 32.08 -16.94 17.21
CA CYS B 80 30.82 -16.17 17.41
C CYS B 80 31.14 -14.86 18.14
N ASP B 81 31.95 -14.91 19.20
CA ASP B 81 32.39 -13.71 19.95
C ASP B 81 33.07 -12.71 18.98
N GLU B 82 33.89 -13.15 18.03
CA GLU B 82 34.62 -12.22 17.14
C GLU B 82 33.60 -11.56 16.17
N ILE B 83 32.53 -12.26 15.80
CA ILE B 83 31.39 -11.70 15.00
C ILE B 83 30.66 -10.66 15.86
N LEU B 84 30.39 -10.94 17.13
CA LEU B 84 29.65 -10.02 18.03
C LEU B 84 30.52 -8.79 18.32
N ALA B 85 31.84 -8.93 18.35
CA ALA B 85 32.73 -7.75 18.56
C ALA B 85 33.00 -7.01 17.25
N ARG B 86 32.34 -7.34 16.11
CA ARG B 86 32.50 -6.58 14.83
C ARG B 86 33.92 -6.70 14.26
N LYS B 87 34.61 -7.84 14.42
CA LYS B 87 35.98 -8.06 13.88
C LYS B 87 35.91 -8.81 12.56
N LEU B 88 34.74 -9.33 12.16
CA LEU B 88 34.66 -10.21 10.96
C LEU B 88 33.62 -9.66 9.97
N ASP B 89 33.36 -8.36 9.98
CA ASP B 89 32.32 -7.71 9.14
C ASP B 89 32.64 -7.90 7.64
N ASP B 90 33.93 -8.04 7.27
CA ASP B 90 34.35 -8.17 5.84
C ASP B 90 34.10 -9.59 5.34
N GLN B 91 33.62 -10.50 6.20
CA GLN B 91 33.45 -11.96 5.93
C GLN B 91 31.99 -12.31 5.61
N PHE B 92 31.09 -11.31 5.50
CA PHE B 92 29.64 -11.44 5.21
C PHE B 92 29.24 -10.59 4.01
N PRO B 93 29.51 -11.04 2.77
CA PRO B 93 29.19 -10.25 1.57
C PRO B 93 27.84 -10.52 0.89
N LEU B 94 26.98 -11.33 1.51
CA LEU B 94 25.74 -11.83 0.87
C LEU B 94 24.63 -10.77 0.95
N VAL B 95 23.78 -10.72 -0.08
CA VAL B 95 22.75 -9.67 -0.26
C VAL B 95 21.45 -10.14 0.42
N ILE B 96 20.53 -9.20 0.63
CA ILE B 96 19.10 -9.45 1.05
C ILE B 96 18.43 -10.43 0.06
N TRP B 97 18.51 -10.10 -1.21
CA TRP B 97 17.75 -10.71 -2.32
C TRP B 97 18.41 -12.03 -2.73
N GLN B 98 18.56 -12.92 -1.75
CA GLN B 98 19.15 -14.29 -1.88
C GLN B 98 17.97 -15.27 -1.87
N THR B 99 18.22 -16.54 -1.57
CA THR B 99 17.19 -17.56 -1.28
C THR B 99 16.25 -16.99 -0.22
N GLY B 100 14.94 -17.15 -0.39
CA GLY B 100 13.93 -16.55 0.50
C GLY B 100 14.01 -17.09 1.93
N SER B 101 14.74 -18.18 2.15
CA SER B 101 14.86 -18.86 3.47
C SER B 101 15.95 -18.19 4.31
N GLY B 102 16.89 -17.50 3.64
CA GLY B 102 18.16 -17.07 4.25
C GLY B 102 19.14 -18.21 4.40
N THR B 103 19.01 -19.27 3.60
CA THR B 103 19.89 -20.47 3.73
C THR B 103 21.34 -20.04 3.47
N GLN B 104 21.55 -19.14 2.50
CA GLN B 104 22.90 -18.76 2.05
C GLN B 104 23.59 -18.00 3.18
N SER B 105 22.85 -17.19 3.96
CA SER B 105 23.43 -16.42 5.10
C SER B 105 23.70 -17.35 6.30
N ASN B 106 22.81 -18.30 6.55
CA ASN B 106 23.01 -19.35 7.57
C ASN B 106 24.29 -20.11 7.25
N MET B 107 24.52 -20.48 5.98
CA MET B 107 25.76 -21.23 5.58
C MET B 107 26.99 -20.30 5.67
N ASN B 108 26.82 -18.99 5.43
CA ASN B 108 27.89 -17.98 5.56
C ASN B 108 28.39 -18.01 7.01
N LEU B 109 27.47 -17.95 7.98
CA LEU B 109 27.81 -18.03 9.42
C LEU B 109 28.56 -19.33 9.69
N ASN B 110 28.04 -20.46 9.22
CA ASN B 110 28.50 -21.84 9.52
C ASN B 110 29.94 -21.98 9.01
N GLU B 111 30.13 -21.61 7.74
CA GLU B 111 31.43 -21.61 7.02
C GLU B 111 32.41 -20.66 7.71
N VAL B 112 32.06 -19.40 7.95
CA VAL B 112 32.99 -18.44 8.61
C VAL B 112 33.29 -18.93 10.05
N ILE B 113 32.30 -19.41 10.82
CA ILE B 113 32.57 -19.88 12.21
C ILE B 113 33.54 -21.08 12.10
N ALA B 114 33.33 -21.97 11.13
CA ALA B 114 34.09 -23.23 11.01
C ALA B 114 35.54 -22.87 10.71
N ASN B 115 35.78 -22.03 9.69
CA ASN B 115 37.15 -21.70 9.22
C ASN B 115 37.90 -20.85 10.24
N ARG B 116 37.23 -19.85 10.78
CA ARG B 116 37.84 -18.93 11.79
C ARG B 116 38.23 -19.75 13.02
N ALA B 117 37.32 -20.59 13.50
CA ALA B 117 37.54 -21.57 14.59
C ALA B 117 38.78 -22.42 14.25
N HIS B 118 38.86 -22.92 13.02
CA HIS B 118 40.00 -23.76 12.57
C HIS B 118 41.31 -23.00 12.80
N VAL B 119 41.40 -21.77 12.28
CA VAL B 119 42.61 -20.92 12.42
C VAL B 119 42.91 -20.61 13.90
N ILE B 120 41.88 -20.30 14.71
CA ILE B 120 42.05 -20.04 16.17
C ILE B 120 42.82 -21.22 16.76
N ASN B 121 42.45 -22.45 16.39
CA ASN B 121 42.92 -23.66 17.08
C ASN B 121 44.33 -24.03 16.58
N GLY B 122 44.87 -23.35 15.55
CA GLY B 122 46.22 -23.61 15.03
C GLY B 122 46.21 -24.14 13.60
N GLY B 123 45.04 -24.30 12.99
CA GLY B 123 44.93 -24.87 11.63
C GLY B 123 45.21 -23.83 10.56
N LYS B 124 45.26 -24.25 9.30
CA LYS B 124 45.55 -23.36 8.15
C LYS B 124 44.28 -23.28 7.29
N LEU B 125 43.82 -22.04 7.09
CA LEU B 125 42.75 -21.68 6.14
C LEU B 125 42.99 -22.46 4.83
N GLY B 126 41.93 -23.01 4.24
CA GLY B 126 42.03 -23.96 3.11
C GLY B 126 41.75 -25.38 3.55
N GLU B 127 42.29 -25.79 4.70
CA GLU B 127 42.08 -27.13 5.30
C GLU B 127 40.60 -27.29 5.65
N LYS B 128 40.01 -28.48 5.57
CA LYS B 128 38.66 -28.72 6.14
C LYS B 128 38.79 -28.58 7.67
N SER B 129 37.84 -27.92 8.31
CA SER B 129 37.99 -27.43 9.70
C SER B 129 37.81 -28.60 10.66
N ILE B 130 38.47 -28.59 11.83
CA ILE B 130 38.14 -29.48 12.97
C ILE B 130 36.64 -29.36 13.26
N ILE B 131 36.01 -28.19 13.05
CA ILE B 131 34.56 -28.01 13.29
C ILE B 131 33.86 -28.06 11.92
N HIS B 132 32.99 -29.05 11.68
CA HIS B 132 32.22 -29.19 10.41
C HIS B 132 31.15 -28.10 10.38
N PRO B 133 30.99 -27.37 9.25
CA PRO B 133 29.95 -26.35 9.11
C PRO B 133 28.52 -26.86 9.34
N ASN B 134 28.19 -28.05 8.82
CA ASN B 134 26.82 -28.64 8.92
C ASN B 134 26.70 -29.47 10.18
N ASP B 135 27.54 -30.50 10.32
CA ASP B 135 27.39 -31.53 11.38
C ASP B 135 27.73 -30.91 12.75
N ASP B 136 28.54 -29.84 12.85
CA ASP B 136 28.91 -29.26 14.17
C ASP B 136 28.33 -27.84 14.36
N VAL B 137 28.66 -26.87 13.51
CA VAL B 137 28.26 -25.45 13.76
C VAL B 137 26.73 -25.37 13.67
N ASN B 138 26.14 -26.12 12.73
CA ASN B 138 24.69 -26.21 12.34
C ASN B 138 23.99 -27.42 13.01
N LYS B 139 24.65 -28.08 13.98
CA LYS B 139 24.07 -29.25 14.69
C LYS B 139 22.71 -28.81 15.27
N SER B 140 21.64 -29.59 15.03
CA SER B 140 20.31 -29.40 15.67
C SER B 140 19.57 -28.21 15.05
N GLN B 141 20.07 -27.61 13.97
CA GLN B 141 19.49 -26.36 13.43
C GLN B 141 19.13 -26.53 11.95
N SER B 142 18.29 -25.61 11.45
CA SER B 142 18.04 -25.38 9.99
C SER B 142 18.19 -23.88 9.71
N SER B 143 18.41 -23.50 8.45
CA SER B 143 18.18 -22.11 7.98
C SER B 143 16.76 -21.73 8.43
N ASN B 144 15.82 -22.69 8.41
CA ASN B 144 14.37 -22.46 8.55
C ASN B 144 13.98 -22.07 9.98
N ASP B 145 14.73 -22.45 11.01
CA ASP B 145 14.47 -21.92 12.38
C ASP B 145 15.52 -20.88 12.78
N THR B 146 16.73 -20.87 12.21
CA THR B 146 17.80 -19.92 12.66
C THR B 146 17.49 -18.51 12.11
N TYR B 147 17.09 -18.43 10.84
CA TYR B 147 16.90 -17.13 10.19
C TYR B 147 15.79 -16.37 10.91
N PRO B 148 14.60 -16.95 11.12
CA PRO B 148 13.53 -16.28 11.85
C PRO B 148 13.93 -16.02 13.31
N THR B 149 14.79 -16.86 13.89
CA THR B 149 15.34 -16.60 15.25
C THR B 149 16.21 -15.32 15.14
N ALA B 150 16.96 -15.18 14.04
CA ALA B 150 17.82 -13.98 13.89
C ALA B 150 16.92 -12.74 13.70
N MET B 151 15.83 -12.89 12.94
CA MET B 151 14.84 -11.80 12.68
C MET B 151 14.25 -11.31 14.01
N HIS B 152 13.76 -12.24 14.84
CA HIS B 152 13.11 -11.87 16.13
C HIS B 152 14.14 -11.26 17.10
N ILE B 153 15.36 -11.79 17.19
CA ILE B 153 16.42 -11.18 18.04
C ILE B 153 16.69 -9.75 17.55
N ALA B 154 16.94 -9.56 16.26
CA ALA B 154 17.29 -8.24 15.68
C ALA B 154 16.11 -7.27 15.86
N ALA B 155 14.90 -7.70 15.47
CA ALA B 155 13.66 -6.91 15.62
C ALA B 155 13.47 -6.51 17.09
N TYR B 156 13.48 -7.47 18.02
CA TYR B 156 13.17 -7.21 19.44
C TYR B 156 14.19 -6.24 20.03
N LYS B 157 15.47 -6.48 19.76
CA LYS B 157 16.61 -5.70 20.28
C LYS B 157 16.50 -4.24 19.80
N LYS B 158 16.26 -4.04 18.50
CA LYS B 158 16.16 -2.71 17.88
C LYS B 158 14.91 -2.02 18.46
N VAL B 159 13.80 -2.73 18.65
CA VAL B 159 12.59 -2.06 19.20
C VAL B 159 12.80 -1.67 20.67
N VAL B 160 13.34 -2.51 21.57
CA VAL B 160 13.40 -2.11 23.01
C VAL B 160 14.62 -1.22 23.26
N GLU B 161 15.72 -1.33 22.48
CA GLU B 161 16.97 -0.54 22.75
C GLU B 161 16.98 0.80 22.00
N ALA B 162 16.48 0.90 20.75
CA ALA B 162 16.53 2.16 19.99
C ALA B 162 15.13 2.78 19.92
N THR B 163 14.19 2.08 19.31
CA THR B 163 12.91 2.64 18.84
C THR B 163 12.08 3.12 20.04
N ILE B 164 11.82 2.23 20.99
CA ILE B 164 10.91 2.61 22.11
C ILE B 164 11.58 3.74 22.91
N PRO B 165 12.86 3.63 23.30
CA PRO B 165 13.53 4.75 24.00
C PRO B 165 13.42 6.12 23.31
N ALA B 166 13.65 6.16 21.99
CA ALA B 166 13.59 7.41 21.19
C ALA B 166 12.19 8.03 21.24
N VAL B 167 11.16 7.21 20.99
CA VAL B 167 9.74 7.67 20.96
C VAL B 167 9.36 8.17 22.35
N GLU B 168 9.84 7.53 23.42
CA GLU B 168 9.58 7.94 24.83
C GLU B 168 10.20 9.32 25.06
N ARG B 169 11.45 9.48 24.65
CA ARG B 169 12.20 10.76 24.76
C ARG B 169 11.35 11.89 24.15
N LEU B 170 10.84 11.69 22.91
CA LEU B 170 10.07 12.72 22.19
C LEU B 170 8.71 12.93 22.88
N GLN B 171 7.99 11.84 23.18
CA GLN B 171 6.73 11.91 23.97
C GLN B 171 6.93 12.81 25.18
N LYS B 172 7.95 12.60 26.00
CA LYS B 172 8.14 13.37 27.27
C LYS B 172 8.38 14.85 26.96
N THR B 173 9.15 15.15 25.92
CA THR B 173 9.35 16.57 25.49
C THR B 173 8.00 17.20 25.15
N LEU B 174 7.12 16.47 24.47
CA LEU B 174 5.82 17.02 24.02
C LEU B 174 4.88 17.20 25.21
N ALA B 175 4.90 16.26 26.17
CA ALA B 175 4.25 16.38 27.49
C ALA B 175 4.78 17.62 28.23
N ALA B 176 6.10 17.82 28.37
CA ALA B 176 6.72 19.01 29.02
C ALA B 176 6.25 20.32 28.34
N LYS B 177 6.20 20.34 27.01
CA LYS B 177 5.77 21.52 26.22
C LYS B 177 4.27 21.75 26.41
N ALA B 178 3.49 20.69 26.54
CA ALA B 178 2.06 20.77 26.92
C ALA B 178 1.93 21.49 28.27
N ALA B 179 2.78 21.18 29.27
CA ALA B 179 2.71 21.78 30.63
C ALA B 179 3.21 23.24 30.55
N GLU B 180 4.33 23.48 29.86
CA GLU B 180 4.98 24.81 29.65
C GLU B 180 4.02 25.77 28.92
N PHE B 181 3.14 25.31 28.04
CA PHE B 181 2.25 26.19 27.24
C PHE B 181 0.79 26.14 27.71
N LYS B 182 0.52 25.59 28.89
CA LYS B 182 -0.86 25.35 29.42
C LYS B 182 -1.67 26.66 29.51
N ASP B 183 -1.02 27.82 29.65
CA ASP B 183 -1.71 29.13 29.81
C ASP B 183 -1.58 29.99 28.55
N VAL B 184 -1.01 29.50 27.45
CA VAL B 184 -0.97 30.24 26.15
C VAL B 184 -2.26 29.95 25.37
N VAL B 185 -3.19 30.91 25.32
CA VAL B 185 -4.47 30.69 24.58
C VAL B 185 -4.28 31.03 23.09
N LYS B 186 -4.65 30.11 22.20
CA LYS B 186 -4.49 30.29 20.74
C LYS B 186 -5.83 29.93 20.09
N ILE B 187 -5.93 30.15 18.79
CA ILE B 187 -7.15 29.82 18.02
C ILE B 187 -6.99 28.40 17.46
N GLY B 188 -8.04 27.57 17.64
CA GLY B 188 -8.16 26.26 17.00
C GLY B 188 -8.43 26.41 15.51
N ARG B 189 -8.05 25.43 14.70
CA ARG B 189 -8.41 25.40 13.24
C ARG B 189 -8.91 23.99 12.90
N THR B 190 -10.03 23.93 12.17
CA THR B 190 -10.72 22.69 11.74
C THR B 190 -11.03 22.90 10.27
N HIS B 191 -10.69 21.92 9.41
CA HIS B 191 -10.84 22.06 7.93
C HIS B 191 -9.94 23.20 7.44
N LEU B 192 -8.97 23.62 8.26
CA LEU B 192 -7.99 24.73 8.02
C LEU B 192 -8.63 26.12 8.24
N MET B 193 -9.93 26.23 8.56
CA MET B 193 -10.62 27.54 8.78
C MET B 193 -10.63 27.89 10.27
N ASP B 194 -10.75 29.17 10.59
CA ASP B 194 -10.69 29.67 11.99
C ASP B 194 -11.82 29.05 12.79
N ALA B 195 -11.50 28.57 13.98
CA ALA B 195 -12.46 27.91 14.89
C ALA B 195 -12.38 28.57 16.27
N THR B 196 -12.36 27.80 17.35
CA THR B 196 -12.60 28.26 18.75
C THR B 196 -11.32 28.09 19.56
N PRO B 197 -11.21 28.72 20.73
CA PRO B 197 -9.95 28.65 21.47
C PRO B 197 -9.65 27.27 22.06
N LEU B 198 -8.35 26.93 22.04
CA LEU B 198 -7.68 25.96 22.95
C LEU B 198 -6.29 26.49 23.27
N THR B 199 -5.64 26.00 24.33
CA THR B 199 -4.27 26.44 24.68
C THR B 199 -3.29 25.75 23.72
N LEU B 200 -2.13 26.35 23.46
CA LEU B 200 -1.01 25.68 22.75
C LEU B 200 -0.66 24.38 23.50
N GLY B 201 -0.67 24.40 24.84
CA GLY B 201 -0.40 23.22 25.69
C GLY B 201 -1.40 22.08 25.44
N GLN B 202 -2.69 22.39 25.33
CA GLN B 202 -3.75 21.42 24.95
C GLN B 202 -3.40 20.85 23.56
N GLU B 203 -2.97 21.70 22.62
CA GLU B 203 -2.68 21.24 21.24
C GLU B 203 -1.53 20.23 21.34
N PHE B 204 -0.49 20.58 22.12
CA PHE B 204 0.72 19.74 22.32
C PHE B 204 0.39 18.50 23.14
N SER B 205 -0.68 18.53 23.95
CA SER B 205 -1.16 17.37 24.73
C SER B 205 -1.72 16.29 23.79
N GLY B 206 -2.34 16.70 22.66
CA GLY B 206 -2.75 15.80 21.58
C GLY B 206 -1.60 14.96 21.10
N TYR B 207 -0.53 15.66 20.73
CA TYR B 207 0.76 15.13 20.19
C TYR B 207 1.37 14.16 21.20
N ALA B 208 1.46 14.51 22.49
CA ALA B 208 2.09 13.67 23.55
C ALA B 208 1.23 12.43 23.80
N ALA B 209 -0.10 12.58 23.81
CA ALA B 209 -1.04 11.46 23.91
C ALA B 209 -0.91 10.52 22.70
N GLN B 210 -0.80 11.04 21.45
CA GLN B 210 -0.66 10.16 20.25
C GLN B 210 0.52 9.19 20.43
N LEU B 211 1.67 9.71 20.90
CA LEU B 211 2.93 8.92 21.14
C LEU B 211 2.76 7.95 22.32
N SER B 212 2.03 8.33 23.37
CA SER B 212 1.61 7.40 24.48
C SER B 212 0.81 6.19 23.96
N PHE B 213 -0.22 6.41 23.14
CA PHE B 213 -1.00 5.32 22.53
C PHE B 213 -0.12 4.52 21.53
N GLY B 214 0.81 5.20 20.87
CA GLY B 214 1.81 4.56 20.00
C GLY B 214 2.68 3.60 20.79
N LEU B 215 3.17 4.05 21.94
CA LEU B 215 4.11 3.26 22.77
C LEU B 215 3.41 2.01 23.27
N THR B 216 2.14 2.09 23.66
CA THR B 216 1.35 0.92 24.15
C THR B 216 1.13 -0.07 22.99
N ALA B 217 0.74 0.44 21.82
CA ALA B 217 0.48 -0.35 20.59
C ALA B 217 1.72 -1.18 20.23
N ILE B 218 2.92 -0.58 20.25
CA ILE B 218 4.18 -1.33 20.00
C ILE B 218 4.39 -2.35 21.15
N LYS B 219 4.36 -1.91 22.42
CA LYS B 219 4.64 -2.82 23.56
C LYS B 219 3.72 -4.05 23.55
N ASN B 220 2.44 -3.87 23.20
CA ASN B 220 1.45 -4.96 23.02
C ASN B 220 1.98 -6.02 22.05
N THR B 221 2.95 -5.69 21.18
CA THR B 221 3.36 -6.60 20.07
C THR B 221 4.59 -7.42 20.46
N LEU B 222 5.18 -7.10 21.62
CA LEU B 222 6.43 -7.73 22.11
C LEU B 222 6.17 -9.18 22.56
N PRO B 223 5.09 -9.51 23.30
CA PRO B 223 4.77 -10.91 23.61
C PRO B 223 4.99 -11.82 22.38
N HIS B 224 4.36 -11.52 21.24
CA HIS B 224 4.51 -12.38 20.02
C HIS B 224 5.97 -12.37 19.58
N LEU B 225 6.63 -11.21 19.53
CA LEU B 225 8.01 -11.05 18.95
C LEU B 225 9.11 -11.76 19.76
N ARG B 226 9.01 -11.81 21.10
CA ARG B 226 10.05 -12.43 21.94
C ARG B 226 10.16 -13.94 21.65
N GLN B 227 9.20 -14.53 20.93
CA GLN B 227 9.08 -16.01 20.69
C GLN B 227 9.99 -16.41 19.54
N LEU B 228 10.82 -17.45 19.77
CA LEU B 228 11.91 -17.91 18.89
C LEU B 228 11.63 -19.31 18.31
N ALA B 229 11.69 -19.41 16.98
CA ALA B 229 11.47 -20.62 16.16
C ALA B 229 12.55 -21.66 16.44
N LEU B 230 13.72 -21.26 16.95
CA LEU B 230 14.88 -22.20 17.08
C LEU B 230 14.40 -23.48 17.78
N GLY B 231 14.63 -24.63 17.12
CA GLY B 231 14.23 -26.00 17.52
C GLY B 231 13.16 -26.58 16.62
N GLY B 232 12.46 -25.75 15.84
CA GLY B 232 11.55 -26.22 14.80
C GLY B 232 12.26 -27.06 13.77
N THR B 233 13.54 -26.77 13.48
CA THR B 233 14.41 -27.35 12.40
C THR B 233 13.72 -27.24 11.01
N ALA B 234 13.72 -28.30 10.22
CA ALA B 234 13.36 -28.23 8.78
C ALA B 234 11.92 -27.77 8.58
N VAL B 235 10.94 -28.37 9.28
CA VAL B 235 9.47 -28.14 8.97
C VAL B 235 8.66 -27.76 10.21
N GLY B 236 9.26 -27.77 11.40
CA GLY B 236 8.58 -27.33 12.63
C GLY B 236 8.53 -28.41 13.68
N THR B 237 8.86 -29.65 13.31
CA THR B 237 8.69 -30.88 14.11
C THR B 237 9.80 -31.04 15.15
N GLY B 238 10.91 -30.37 14.95
CA GLY B 238 12.12 -30.50 15.78
C GLY B 238 12.87 -31.78 15.49
N LEU B 239 12.71 -32.32 14.27
CA LEU B 239 13.55 -33.40 13.75
C LEU B 239 15.00 -33.08 14.09
N ASN B 240 15.75 -34.07 14.53
CA ASN B 240 17.21 -34.00 14.77
C ASN B 240 17.58 -33.03 15.92
N THR B 241 16.70 -32.74 16.87
CA THR B 241 17.07 -31.94 18.06
C THR B 241 17.12 -32.86 19.27
N PRO B 242 18.05 -32.65 20.22
CA PRO B 242 18.01 -33.36 21.50
C PRO B 242 16.73 -32.98 22.24
N LYS B 243 16.26 -33.88 23.11
CA LYS B 243 15.09 -33.61 23.99
C LYS B 243 15.37 -32.34 24.79
N GLY B 244 14.60 -31.28 24.55
CA GLY B 244 14.56 -30.03 25.35
C GLY B 244 15.48 -28.98 24.80
N TYR B 245 16.07 -29.24 23.63
CA TYR B 245 16.98 -28.31 22.91
C TYR B 245 16.26 -26.97 22.68
N ASP B 246 14.99 -27.01 22.27
CA ASP B 246 14.17 -25.81 21.96
C ASP B 246 14.18 -24.85 23.16
N VAL B 247 13.85 -25.33 24.36
CA VAL B 247 13.87 -24.51 25.60
C VAL B 247 15.32 -24.15 25.95
N LYS B 248 16.26 -25.11 25.91
CA LYS B 248 17.66 -24.87 26.35
C LYS B 248 18.32 -23.76 25.53
N VAL B 249 18.06 -23.69 24.21
CA VAL B 249 18.75 -22.72 23.33
C VAL B 249 18.11 -21.34 23.56
N ALA B 250 16.80 -21.30 23.82
CA ALA B 250 16.06 -20.05 24.11
C ALA B 250 16.60 -19.45 25.41
N GLU B 251 16.92 -20.31 26.38
CA GLU B 251 17.53 -19.88 27.67
C GLU B 251 18.91 -19.25 27.38
N TYR B 252 19.72 -19.83 26.50
CA TYR B 252 21.08 -19.31 26.21
C TYR B 252 20.98 -18.02 25.42
N ILE B 253 20.03 -17.91 24.47
CA ILE B 253 19.83 -16.67 23.68
C ILE B 253 19.39 -15.57 24.64
N ALA B 254 18.48 -15.86 25.56
CA ALA B 254 18.04 -14.94 26.62
C ALA B 254 19.24 -14.57 27.50
N LYS B 255 20.09 -15.54 27.83
CA LYS B 255 21.20 -15.29 28.78
C LYS B 255 22.23 -14.35 28.14
N PHE B 256 22.57 -14.54 26.85
CA PHE B 256 23.65 -13.80 26.14
C PHE B 256 23.18 -12.42 25.70
N THR B 257 21.88 -12.24 25.40
CA THR B 257 21.32 -10.94 24.90
C THR B 257 20.91 -10.06 26.07
N GLY B 258 20.55 -10.62 27.23
CA GLY B 258 19.97 -9.86 28.34
C GLY B 258 18.48 -9.57 28.12
N LEU B 259 17.88 -10.08 27.04
CA LEU B 259 16.47 -9.86 26.67
C LEU B 259 15.63 -11.10 27.02
N PRO B 260 14.34 -10.91 27.36
CA PRO B 260 13.48 -12.01 27.78
C PRO B 260 12.86 -12.84 26.63
N PHE B 261 13.70 -13.56 25.88
CA PHE B 261 13.29 -14.46 24.76
C PHE B 261 12.78 -15.79 25.32
N ILE B 262 11.85 -16.40 24.57
CA ILE B 262 11.25 -17.73 24.92
C ILE B 262 11.06 -18.53 23.63
N THR B 263 11.01 -19.84 23.74
CA THR B 263 10.76 -20.74 22.59
C THR B 263 9.31 -20.50 22.14
N ALA B 264 9.08 -20.44 20.82
CA ALA B 264 7.74 -20.19 20.23
C ALA B 264 6.78 -21.30 20.63
N GLU B 265 5.50 -20.94 20.85
CA GLU B 265 4.43 -21.89 21.26
C GLU B 265 4.17 -22.91 20.16
N ASN B 266 4.27 -22.49 18.89
CA ASN B 266 3.94 -23.32 17.71
C ASN B 266 4.99 -23.07 16.61
N LYS B 267 5.89 -24.05 16.41
CA LYS B 267 7.06 -23.90 15.55
C LYS B 267 6.56 -23.82 14.11
N PHE B 268 5.35 -24.33 13.83
CA PHE B 268 4.80 -24.33 12.45
C PHE B 268 4.44 -22.87 12.11
N GLU B 269 3.79 -22.17 13.04
CA GLU B 269 3.49 -20.72 12.89
C GLU B 269 4.80 -19.93 12.81
N ALA B 270 5.85 -20.42 13.48
CA ALA B 270 7.16 -19.75 13.64
C ALA B 270 7.99 -19.85 12.36
N LEU B 271 7.73 -20.84 11.48
CA LEU B 271 8.44 -21.11 10.20
C LEU B 271 7.59 -20.69 8.99
N ALA B 272 6.30 -21.01 9.01
CA ALA B 272 5.39 -20.87 7.85
C ALA B 272 4.95 -19.40 7.66
N THR B 273 5.09 -18.58 8.71
CA THR B 273 4.64 -17.16 8.77
C THR B 273 5.73 -16.27 9.39
N HIS B 274 5.62 -14.95 9.17
CA HIS B 274 6.24 -13.87 9.97
C HIS B 274 5.15 -12.90 10.43
N ASP B 275 4.06 -13.47 10.95
CA ASP B 275 2.90 -12.73 11.49
C ASP B 275 3.36 -11.81 12.61
N ALA B 276 4.37 -12.21 13.41
CA ALA B 276 4.88 -11.44 14.55
C ALA B 276 5.53 -10.15 14.02
N ILE B 277 6.27 -10.25 12.91
CA ILE B 277 6.91 -9.09 12.20
C ILE B 277 5.82 -8.21 11.59
N VAL B 278 4.76 -8.80 11.01
CA VAL B 278 3.61 -8.00 10.48
C VAL B 278 2.95 -7.25 11.64
N GLU B 279 2.62 -8.00 12.70
CA GLU B 279 2.09 -7.46 13.98
C GLU B 279 2.89 -6.22 14.39
N THR B 280 4.18 -6.34 14.73
CA THR B 280 4.97 -5.21 15.32
C THR B 280 5.23 -4.10 14.29
N HIS B 281 5.46 -4.43 13.00
CA HIS B 281 5.53 -3.38 11.95
C HIS B 281 4.24 -2.55 11.88
N GLY B 282 3.06 -3.18 11.79
CA GLY B 282 1.77 -2.47 11.93
C GLY B 282 1.81 -1.40 13.03
N ALA B 283 2.28 -1.69 14.24
CA ALA B 283 2.41 -0.71 15.34
C ALA B 283 3.41 0.41 14.98
N LEU B 284 4.56 0.05 14.44
CA LEU B 284 5.53 1.03 13.91
C LEU B 284 4.82 1.93 12.91
N LYS B 285 3.94 1.40 12.05
CA LYS B 285 3.35 2.23 10.97
C LYS B 285 2.34 3.17 11.62
N GLN B 286 1.64 2.72 12.67
CA GLN B 286 0.69 3.61 13.41
C GLN B 286 1.48 4.80 13.95
N VAL B 287 2.63 4.55 14.54
CA VAL B 287 3.49 5.60 15.16
C VAL B 287 3.97 6.52 14.03
N ALA B 288 4.39 5.93 12.90
CA ALA B 288 4.82 6.70 11.73
C ALA B 288 3.71 7.66 11.32
N MET B 289 2.47 7.20 11.31
CA MET B 289 1.36 8.03 10.78
C MET B 289 1.09 9.21 11.73
N SER B 290 1.14 8.98 13.03
CA SER B 290 1.02 9.99 14.12
C SER B 290 2.13 11.02 13.96
N LEU B 291 3.38 10.54 13.91
CA LEU B 291 4.58 11.41 13.80
C LEU B 291 4.48 12.26 12.55
N PHE B 292 4.00 11.69 11.42
CA PHE B 292 3.83 12.45 10.15
C PHE B 292 2.94 13.66 10.44
N LYS B 293 1.83 13.40 11.15
CA LYS B 293 0.85 14.43 11.52
C LYS B 293 1.44 15.48 12.47
N ILE B 294 2.15 15.08 13.54
CA ILE B 294 2.75 16.02 14.51
C ILE B 294 3.75 16.93 13.80
N ALA B 295 4.71 16.34 13.08
CA ALA B 295 5.69 17.06 12.23
C ALA B 295 4.99 18.05 11.30
N ASN B 296 3.92 17.63 10.65
CA ASN B 296 3.24 18.43 9.60
C ASN B 296 2.52 19.57 10.33
N ASP B 297 1.96 19.28 11.50
CA ASP B 297 1.36 20.37 12.32
C ASP B 297 2.46 21.39 12.60
N ILE B 298 3.61 20.94 13.11
CA ILE B 298 4.66 21.86 13.61
C ILE B 298 5.11 22.77 12.46
N ARG B 299 5.31 22.25 11.24
CA ARG B 299 5.69 23.13 10.08
C ARG B 299 4.54 24.09 9.70
N LEU B 300 3.27 23.70 9.75
CA LEU B 300 2.15 24.67 9.52
C LEU B 300 2.17 25.75 10.61
N LEU B 301 2.38 25.36 11.87
CA LEU B 301 2.35 26.30 13.02
C LEU B 301 3.49 27.31 12.92
N ALA B 302 4.66 26.93 12.41
CA ALA B 302 5.87 27.78 12.32
C ALA B 302 5.93 28.53 10.97
N SER B 303 5.12 28.16 9.98
CA SER B 303 5.16 28.69 8.59
C SER B 303 5.13 30.22 8.55
N GLY B 304 5.78 30.80 7.55
CA GLY B 304 5.97 32.26 7.44
C GLY B 304 7.40 32.61 7.03
N PRO B 305 8.07 33.56 7.72
CA PRO B 305 7.66 34.01 9.05
C PRO B 305 6.56 35.10 9.04
N ARG B 306 6.17 35.56 7.86
CA ARG B 306 5.30 36.76 7.72
C ARG B 306 4.04 36.45 6.94
N SER B 307 4.01 35.46 6.06
CA SER B 307 2.89 35.28 5.09
C SER B 307 2.31 33.85 5.19
N GLY B 308 2.38 33.32 6.42
CA GLY B 308 1.94 31.98 6.82
C GLY B 308 1.13 32.04 8.11
N ILE B 309 1.23 31.02 8.97
CA ILE B 309 0.56 31.04 10.30
C ILE B 309 1.50 31.67 11.34
N GLY B 310 2.70 31.14 11.49
CA GLY B 310 3.76 31.73 12.35
C GLY B 310 3.38 31.90 13.83
N GLU B 311 2.69 30.92 14.42
CA GLU B 311 2.22 30.90 15.83
C GLU B 311 3.30 30.33 16.77
N ILE B 312 4.24 29.56 16.24
CA ILE B 312 5.38 29.03 17.02
C ILE B 312 6.68 29.43 16.32
N LEU B 313 7.72 29.49 17.12
CA LEU B 313 9.12 29.67 16.71
C LEU B 313 9.81 28.34 16.95
N ILE B 314 10.52 27.85 15.92
CA ILE B 314 11.33 26.60 16.00
C ILE B 314 12.80 26.97 15.92
N PRO B 315 13.71 26.16 16.48
CA PRO B 315 15.13 26.38 16.28
C PRO B 315 15.46 26.46 14.77
N GLU B 316 16.29 27.42 14.43
CA GLU B 316 16.81 27.72 13.07
C GLU B 316 18.20 27.06 12.96
N ASN B 317 18.28 25.87 12.36
CA ASN B 317 19.45 24.96 12.46
C ASN B 317 20.42 25.25 11.32
N GLU B 318 19.92 25.68 10.17
CA GLU B 318 20.81 25.85 9.00
C GLU B 318 20.15 26.79 7.98
N PRO B 319 20.99 27.35 7.08
CA PRO B 319 20.50 28.08 5.92
C PRO B 319 19.50 27.18 5.19
N GLY B 320 18.27 27.65 5.04
CA GLY B 320 17.21 26.90 4.35
C GLY B 320 17.42 26.77 2.84
N CYS B 321 17.99 27.76 2.19
CA CYS B 321 17.81 27.92 0.71
C CYS B 321 19.09 28.47 0.05
N SER B 322 19.54 27.81 -1.00
CA SER B 322 20.73 28.18 -1.80
C SER B 322 20.46 29.45 -2.61
N ILE B 323 19.23 29.79 -2.98
CA ILE B 323 18.95 30.94 -3.90
C ILE B 323 18.22 32.09 -3.19
N MET B 324 17.47 31.78 -2.13
CA MET B 324 16.66 32.78 -1.38
C MET B 324 17.43 33.05 -0.09
N PRO B 325 18.17 34.16 0.01
CA PRO B 325 19.14 34.32 1.10
C PRO B 325 18.45 34.67 2.43
N GLY B 326 18.81 34.00 3.50
CA GLY B 326 18.25 34.22 4.86
C GLY B 326 16.97 33.43 5.10
N LYS B 327 16.49 32.63 4.15
CA LYS B 327 15.35 31.73 4.39
C LYS B 327 15.79 30.68 5.40
N VAL B 328 14.86 30.25 6.26
CA VAL B 328 15.01 29.17 7.27
C VAL B 328 13.80 28.27 7.15
N ASN B 329 14.03 26.96 7.05
CA ASN B 329 12.98 25.97 6.71
C ASN B 329 12.82 24.99 7.86
N PRO B 330 11.63 24.34 7.94
CA PRO B 330 11.38 23.29 8.93
C PRO B 330 11.91 21.90 8.48
N THR B 331 13.25 21.75 8.48
CA THR B 331 13.97 20.60 7.84
C THR B 331 13.76 19.35 8.71
N GLN B 332 13.82 19.49 10.06
CA GLN B 332 13.58 18.41 11.03
C GLN B 332 12.17 17.79 10.85
N CYS B 333 11.14 18.61 10.63
CA CYS B 333 9.75 18.18 10.25
C CYS B 333 9.75 17.45 8.91
N GLU B 334 10.59 17.88 7.97
CA GLU B 334 10.56 17.29 6.60
C GLU B 334 11.19 15.89 6.65
N ALA B 335 12.28 15.73 7.42
CA ALA B 335 12.94 14.43 7.64
C ALA B 335 11.91 13.48 8.27
N MET B 336 11.18 13.95 9.26
CA MET B 336 10.22 13.06 9.95
C MET B 336 9.08 12.65 8.99
N THR B 337 8.48 13.57 8.26
CA THR B 337 7.39 13.24 7.30
C THR B 337 7.93 12.27 6.25
N MET B 338 9.20 12.41 5.85
CA MET B 338 9.76 11.57 4.76
C MET B 338 9.95 10.15 5.31
N VAL B 339 10.41 10.02 6.56
CA VAL B 339 10.59 8.68 7.19
C VAL B 339 9.21 8.02 7.28
N ALA B 340 8.19 8.76 7.69
CA ALA B 340 6.85 8.16 7.85
C ALA B 340 6.44 7.63 6.48
N ALA B 341 6.80 8.31 5.40
CA ALA B 341 6.32 7.85 4.08
C ALA B 341 7.04 6.55 3.77
N GLN B 342 8.34 6.46 4.10
CA GLN B 342 9.14 5.22 3.95
C GLN B 342 8.44 4.11 4.73
N VAL B 343 8.15 4.33 6.02
CA VAL B 343 7.56 3.29 6.90
C VAL B 343 6.24 2.76 6.34
N LEU B 344 5.48 3.56 5.61
CA LEU B 344 4.21 3.14 4.98
C LEU B 344 4.48 2.14 3.85
N GLY B 345 5.45 2.38 2.96
CA GLY B 345 5.85 1.41 1.90
C GLY B 345 6.37 0.09 2.49
N ASN B 346 7.18 0.23 3.53
CA ASN B 346 7.75 -0.90 4.32
C ASN B 346 6.56 -1.77 4.73
N ASP B 347 5.51 -1.16 5.26
CA ASP B 347 4.30 -1.89 5.76
C ASP B 347 3.62 -2.56 4.58
N THR B 348 3.40 -1.87 3.46
CA THR B 348 2.88 -2.56 2.25
C THR B 348 3.71 -3.81 1.99
N THR B 349 5.03 -3.67 1.89
CA THR B 349 5.99 -4.75 1.53
C THR B 349 5.90 -5.92 2.52
N ILE B 350 5.98 -5.63 3.83
CA ILE B 350 5.96 -6.68 4.90
C ILE B 350 4.62 -7.42 4.88
N SER B 351 3.52 -6.70 4.81
CA SER B 351 2.15 -7.30 4.77
C SER B 351 2.00 -8.19 3.54
N PHE B 352 2.47 -7.76 2.40
CA PHE B 352 2.36 -8.57 1.17
C PHE B 352 3.23 -9.85 1.35
N ALA B 353 4.53 -9.73 1.64
CA ALA B 353 5.40 -10.91 1.91
C ALA B 353 4.79 -11.82 3.00
N GLY B 354 4.11 -11.24 3.98
CA GLY B 354 3.57 -11.98 5.13
C GLY B 354 2.42 -12.88 4.71
N SER B 355 1.64 -12.46 3.71
CA SER B 355 0.54 -13.27 3.13
C SER B 355 1.13 -14.43 2.31
N GLN B 356 2.43 -14.44 2.01
CA GLN B 356 2.89 -15.20 0.82
C GLN B 356 3.59 -16.49 1.21
N GLY B 357 3.46 -16.97 2.46
CA GLY B 357 4.01 -18.27 2.88
C GLY B 357 3.36 -19.43 2.18
N HIS B 358 4.09 -20.53 2.02
CA HIS B 358 3.65 -21.79 1.35
C HIS B 358 3.97 -22.99 2.24
N PHE B 359 2.95 -23.77 2.59
CA PHE B 359 3.05 -25.04 3.36
C PHE B 359 3.85 -24.72 4.64
N GLU B 360 5.02 -25.33 4.83
CA GLU B 360 5.81 -25.30 6.09
C GLU B 360 6.78 -24.10 6.13
N LEU B 361 6.92 -23.26 5.10
CA LEU B 361 7.92 -22.15 5.21
C LEU B 361 7.49 -20.91 4.44
N ASN B 362 7.57 -19.75 5.10
CA ASN B 362 7.50 -18.43 4.41
C ASN B 362 8.90 -18.13 3.88
N VAL B 363 9.06 -18.03 2.55
CA VAL B 363 10.38 -17.77 1.92
C VAL B 363 10.47 -16.32 1.40
N PHE B 364 10.19 -15.37 2.30
CA PHE B 364 10.37 -13.92 2.10
C PHE B 364 11.09 -13.31 3.30
N LYS B 365 11.92 -14.10 3.99
CA LYS B 365 12.44 -13.73 5.34
C LYS B 365 13.35 -12.52 5.25
N PRO B 366 14.36 -12.45 4.35
CA PRO B 366 15.27 -11.31 4.34
C PRO B 366 14.60 -9.95 4.03
N VAL B 367 13.70 -9.91 3.04
CA VAL B 367 12.97 -8.68 2.63
C VAL B 367 12.16 -8.18 3.82
N MET B 368 11.55 -9.10 4.56
CA MET B 368 10.72 -8.73 5.72
C MET B 368 11.65 -8.16 6.80
N ALA B 369 12.76 -8.84 7.08
CA ALA B 369 13.74 -8.46 8.13
C ALA B 369 14.30 -7.07 7.82
N ALA B 370 14.75 -6.87 6.58
CA ALA B 370 15.40 -5.65 6.06
C ALA B 370 14.46 -4.46 6.18
N ASN B 371 13.22 -4.62 5.71
CA ASN B 371 12.19 -3.56 5.79
C ASN B 371 11.92 -3.29 7.29
N PHE B 372 11.74 -4.32 8.12
CA PHE B 372 11.38 -4.13 9.55
C PHE B 372 12.44 -3.26 10.24
N LEU B 373 13.70 -3.64 10.09
CA LEU B 373 14.87 -3.01 10.77
C LEU B 373 15.07 -1.56 10.27
N GLN B 374 14.96 -1.30 8.97
CA GLN B 374 14.96 0.08 8.46
C GLN B 374 13.90 0.88 9.21
N SER B 375 12.63 0.45 9.22
CA SER B 375 11.54 1.15 9.94
C SER B 375 11.95 1.40 11.40
N ALA B 376 12.21 0.37 12.18
CA ALA B 376 12.64 0.48 13.59
C ALA B 376 13.77 1.52 13.73
N GLN B 377 14.75 1.53 12.81
CA GLN B 377 16.01 2.30 13.00
C GLN B 377 15.74 3.76 12.65
N LEU B 378 15.12 4.03 11.51
CA LEU B 378 14.76 5.38 11.05
C LEU B 378 13.84 6.03 12.08
N ILE B 379 12.83 5.30 12.59
CA ILE B 379 11.87 5.90 13.55
C ILE B 379 12.69 6.31 14.77
N ALA B 380 13.60 5.47 15.24
CA ALA B 380 14.50 5.76 16.39
C ALA B 380 15.29 7.05 16.15
N ASP B 381 16.00 7.12 15.03
CA ASP B 381 16.95 8.20 14.68
C ASP B 381 16.18 9.51 14.45
N VAL B 382 15.06 9.46 13.71
CA VAL B 382 14.32 10.71 13.38
C VAL B 382 13.66 11.28 14.64
N CYS B 383 13.26 10.42 15.58
CA CYS B 383 12.63 10.91 16.83
C CYS B 383 13.71 11.64 17.67
N ILE B 384 14.90 11.07 17.80
CA ILE B 384 16.06 11.70 18.50
C ILE B 384 16.42 13.01 17.80
N SER B 385 16.63 12.99 16.49
CA SER B 385 16.92 14.19 15.65
C SER B 385 15.90 15.32 15.90
N PHE B 386 14.62 14.98 15.88
CA PHE B 386 13.48 15.91 16.02
C PHE B 386 13.39 16.41 17.48
N ASP B 387 13.56 15.54 18.47
CA ASP B 387 13.55 15.95 19.89
C ASP B 387 14.65 17.00 20.15
N GLU B 388 15.90 16.69 19.75
CA GLU B 388 17.11 17.51 20.02
C GLU B 388 17.09 18.83 19.23
N HIS B 389 16.68 18.80 17.95
CA HIS B 389 16.88 19.89 16.95
C HIS B 389 15.60 20.69 16.71
N CYS B 390 14.47 20.30 17.31
CA CYS B 390 13.21 21.01 17.03
C CYS B 390 12.33 21.12 18.27
N ALA B 391 11.76 20.02 18.75
CA ALA B 391 10.70 19.97 19.80
C ALA B 391 11.19 20.63 21.09
N THR B 392 12.41 20.34 21.55
CA THR B 392 12.89 20.85 22.87
C THR B 392 13.03 22.37 22.81
N GLY B 393 13.13 22.95 21.61
CA GLY B 393 13.38 24.39 21.41
C GLY B 393 12.12 25.17 21.07
N ILE B 394 10.94 24.54 21.04
CA ILE B 394 9.73 25.21 20.46
C ILE B 394 9.24 26.22 21.50
N GLN B 395 8.89 27.41 21.06
CA GLN B 395 8.41 28.53 21.90
C GLN B 395 7.26 29.22 21.15
N PRO B 396 6.31 29.84 21.88
CA PRO B 396 5.22 30.62 21.27
C PRO B 396 5.72 31.96 20.70
N ASN B 397 5.23 32.32 19.50
CA ASN B 397 5.18 33.68 18.93
C ASN B 397 3.97 34.42 19.53
N THR B 398 4.09 34.92 20.76
CA THR B 398 2.94 35.35 21.57
C THR B 398 2.19 36.49 20.89
N PRO B 399 2.85 37.57 20.43
CA PRO B 399 2.13 38.63 19.73
C PRO B 399 1.30 38.09 18.55
N ARG B 400 1.86 37.20 17.74
CA ARG B 400 1.20 36.61 16.55
C ARG B 400 -0.04 35.83 16.96
N ILE B 401 0.06 35.08 18.05
CA ILE B 401 -1.00 34.13 18.55
C ILE B 401 -2.22 34.96 18.97
N GLN B 402 -2.01 35.98 19.83
CA GLN B 402 -3.05 36.92 20.32
C GLN B 402 -3.76 37.56 19.13
N HIS B 403 -3.05 38.00 18.10
CA HIS B 403 -3.67 38.69 16.94
C HIS B 403 -4.67 37.73 16.29
N LEU B 404 -4.21 36.52 15.94
CA LEU B 404 -5.01 35.45 15.25
C LEU B 404 -6.17 34.93 16.11
N LEU B 405 -6.02 34.92 17.45
CA LEU B 405 -7.07 34.53 18.44
C LEU B 405 -8.19 35.57 18.52
N ASP B 406 -7.81 36.84 18.61
CA ASP B 406 -8.71 37.99 18.86
C ASP B 406 -9.47 38.23 17.55
N SER B 407 -8.93 37.83 16.37
CA SER B 407 -9.55 38.02 15.04
C SER B 407 -10.75 37.09 14.82
N SER B 408 -10.75 35.88 15.41
CA SER B 408 -11.60 34.74 14.97
C SER B 408 -13.09 35.06 15.23
N LEU B 409 -13.91 34.98 14.17
CA LEU B 409 -15.38 35.22 14.21
C LEU B 409 -16.11 34.10 14.95
N MET B 410 -15.51 32.91 15.07
CA MET B 410 -16.16 31.76 15.74
C MET B 410 -15.92 31.78 17.28
N LEU B 411 -15.36 32.82 17.86
CA LEU B 411 -15.59 33.07 19.31
C LEU B 411 -17.11 33.26 19.54
N VAL B 412 -17.88 33.44 18.49
CA VAL B 412 -19.35 33.70 18.59
C VAL B 412 -20.08 32.41 19.05
N THR B 413 -19.45 31.24 18.86
CA THR B 413 -19.90 29.91 19.37
C THR B 413 -20.23 30.00 20.87
N ALA B 414 -19.55 30.85 21.63
CA ALA B 414 -19.75 30.94 23.10
C ALA B 414 -21.15 31.51 23.37
N LEU B 415 -21.81 32.03 22.34
CA LEU B 415 -23.14 32.65 22.55
C LEU B 415 -24.22 31.57 22.41
N ASN B 416 -23.87 30.35 21.98
CA ASN B 416 -24.83 29.32 21.51
C ASN B 416 -25.88 29.06 22.59
N THR B 417 -25.43 28.86 23.83
CA THR B 417 -26.31 28.38 24.91
C THR B 417 -27.20 29.53 25.39
N HIS B 418 -26.90 30.78 25.02
CA HIS B 418 -27.51 32.01 25.57
C HIS B 418 -28.54 32.59 24.60
N ILE B 419 -28.26 32.56 23.30
CA ILE B 419 -29.12 33.17 22.24
C ILE B 419 -29.43 32.19 21.10
N GLY B 420 -28.85 30.98 21.08
CA GLY B 420 -29.15 30.00 20.03
C GLY B 420 -28.21 30.12 18.83
N TYR B 421 -28.00 29.00 18.15
CA TYR B 421 -27.18 28.92 16.93
C TYR B 421 -27.58 30.05 15.97
N GLU B 422 -28.87 30.29 15.77
CA GLU B 422 -29.35 31.07 14.59
C GLU B 422 -29.02 32.55 14.78
N ASN B 423 -29.11 33.04 16.01
CA ASN B 423 -28.81 34.45 16.36
C ASN B 423 -27.30 34.64 16.30
N ALA B 424 -26.53 33.74 16.93
CA ALA B 424 -25.04 33.74 16.92
C ALA B 424 -24.53 33.76 15.47
N ALA B 425 -25.21 33.10 14.53
CA ALA B 425 -24.80 33.10 13.09
C ALA B 425 -25.05 34.45 12.41
N LYS B 426 -26.16 35.12 12.73
CA LYS B 426 -26.44 36.48 12.24
C LYS B 426 -25.27 37.42 12.60
N ILE B 427 -24.80 37.35 13.86
CA ILE B 427 -23.73 38.22 14.44
C ILE B 427 -22.46 38.07 13.62
N ALA B 428 -22.10 36.84 13.30
CA ALA B 428 -20.86 36.45 12.59
C ALA B 428 -21.00 36.78 11.10
N LYS B 429 -22.13 36.49 10.44
CA LYS B 429 -22.32 36.89 9.01
C LYS B 429 -22.30 38.43 8.92
N THR B 430 -22.73 39.17 9.95
CA THR B 430 -22.83 40.65 9.88
C THR B 430 -21.42 41.23 10.04
N ALA B 431 -20.68 40.76 11.04
CA ALA B 431 -19.31 41.19 11.41
C ALA B 431 -18.36 40.82 10.26
N HIS B 432 -18.64 39.73 9.55
CA HIS B 432 -17.91 39.27 8.34
C HIS B 432 -18.18 40.23 7.16
N LYS B 433 -19.44 40.54 6.85
CA LYS B 433 -19.85 41.44 5.74
C LYS B 433 -19.26 42.84 5.96
N ASN B 434 -19.26 43.29 7.21
CA ASN B 434 -19.02 44.72 7.57
C ASN B 434 -17.57 44.94 7.93
N GLY B 435 -16.76 43.89 8.10
CA GLY B 435 -15.36 44.01 8.55
C GLY B 435 -15.31 44.58 9.96
N THR B 436 -16.27 44.22 10.82
CA THR B 436 -16.34 44.72 12.22
C THR B 436 -16.09 43.56 13.21
N THR B 437 -16.16 43.86 14.51
CA THR B 437 -16.00 42.89 15.60
C THR B 437 -17.34 42.23 15.94
N LEU B 438 -17.27 41.04 16.54
CA LEU B 438 -18.44 40.29 17.07
C LEU B 438 -19.19 41.12 18.12
N ARG B 439 -18.47 41.81 18.98
CA ARG B 439 -19.08 42.58 20.10
C ARG B 439 -19.95 43.72 19.53
N GLU B 440 -19.45 44.48 18.55
CA GLU B 440 -20.20 45.60 17.92
C GLU B 440 -21.50 45.07 17.34
N GLU B 441 -21.42 44.01 16.53
CA GLU B 441 -22.61 43.50 15.79
C GLU B 441 -23.58 42.78 16.75
N ALA B 442 -23.09 42.16 17.84
CA ALA B 442 -23.96 41.57 18.89
C ALA B 442 -24.75 42.69 19.57
N ILE B 443 -24.14 43.86 19.83
CA ILE B 443 -24.80 45.07 20.42
C ILE B 443 -25.64 45.78 19.33
N ASN B 444 -25.08 46.01 18.15
CA ASN B 444 -25.76 46.71 17.01
C ASN B 444 -27.09 46.02 16.71
N LEU B 445 -27.10 44.69 16.62
CA LEU B 445 -28.31 43.91 16.23
C LEU B 445 -29.26 43.73 17.44
N GLY B 446 -28.83 44.07 18.68
CA GLY B 446 -29.66 44.01 19.89
C GLY B 446 -29.89 42.60 20.40
N LEU B 447 -29.03 41.65 20.01
CA LEU B 447 -29.15 40.21 20.33
C LEU B 447 -28.45 39.94 21.68
N VAL B 448 -27.59 40.85 22.15
CA VAL B 448 -26.80 40.68 23.40
C VAL B 448 -26.43 42.08 23.91
N SER B 449 -26.53 42.25 25.24
CA SER B 449 -26.05 43.45 25.94
C SER B 449 -24.52 43.42 25.95
N ALA B 450 -23.89 44.57 26.08
CA ALA B 450 -22.45 44.70 26.37
C ALA B 450 -22.09 43.77 27.54
N GLU B 451 -22.84 43.83 28.64
CA GLU B 451 -22.52 43.10 29.89
C GLU B 451 -22.57 41.58 29.66
N ASP B 452 -23.55 41.12 28.88
CA ASP B 452 -23.70 39.67 28.62
C ASP B 452 -22.59 39.26 27.65
N PHE B 453 -22.32 40.05 26.62
CA PHE B 453 -21.26 39.65 25.65
C PHE B 453 -19.97 39.42 26.41
N ASP B 454 -19.53 40.45 27.13
CA ASP B 454 -18.26 40.41 27.90
C ASP B 454 -18.33 39.19 28.85
N LYS B 455 -19.47 38.92 29.47
CA LYS B 455 -19.65 37.78 30.43
C LYS B 455 -19.38 36.43 29.75
N TRP B 456 -19.92 36.26 28.53
CA TRP B 456 -20.11 34.94 27.90
C TRP B 456 -18.98 34.62 26.91
N VAL B 457 -18.27 35.63 26.41
CA VAL B 457 -17.29 35.48 25.30
C VAL B 457 -15.90 35.77 25.89
N VAL B 458 -15.40 34.85 26.73
CA VAL B 458 -14.04 34.93 27.35
C VAL B 458 -13.19 33.83 26.70
N PRO B 459 -12.25 34.13 25.77
CA PRO B 459 -11.41 33.08 25.16
C PRO B 459 -10.92 32.03 26.17
N ALA B 460 -10.37 32.46 27.31
CA ALA B 460 -9.80 31.63 28.41
C ALA B 460 -10.88 30.71 29.01
N ASP B 461 -12.14 31.14 29.05
CA ASP B 461 -13.23 30.26 29.55
C ASP B 461 -13.62 29.26 28.48
N MET B 462 -13.39 29.54 27.21
CA MET B 462 -13.83 28.65 26.10
C MET B 462 -12.88 27.45 25.98
N VAL B 463 -11.85 27.32 26.83
CA VAL B 463 -10.88 26.19 26.74
C VAL B 463 -11.32 25.05 27.65
N GLY B 464 -12.54 25.12 28.19
CA GLY B 464 -13.06 24.10 29.11
C GLY B 464 -14.58 24.07 29.11
N SER B 465 -15.15 23.34 30.05
CA SER B 465 -16.62 23.13 30.20
C SER B 465 -17.30 24.43 30.68
N LEU B 466 -18.62 24.51 30.69
CA LEU B 466 -19.39 25.70 31.13
C LEU B 466 -19.11 26.01 32.61
N LYS B 467 -18.95 27.29 32.96
CA LYS B 467 -18.41 27.81 34.23
C LYS B 467 -19.42 28.77 34.87
N PHE C 6 -42.19 19.12 -3.17
CA PHE C 6 -41.12 19.91 -2.43
C PHE C 6 -41.72 20.86 -1.37
N ARG C 7 -41.07 21.02 -0.21
CA ARG C 7 -41.39 22.07 0.77
C ARG C 7 -40.14 22.95 0.97
N ILE C 8 -40.30 24.16 1.46
CA ILE C 8 -39.16 25.10 1.74
C ILE C 8 -38.64 24.79 3.14
N GLU C 9 -37.35 24.45 3.26
CA GLU C 9 -36.62 24.47 4.55
C GLU C 9 -35.59 25.59 4.44
N LYS C 10 -35.13 26.11 5.58
CA LYS C 10 -34.20 27.28 5.66
C LYS C 10 -33.03 26.87 6.54
N ASP C 11 -31.80 27.23 6.17
CA ASP C 11 -30.60 27.15 7.06
C ASP C 11 -30.02 28.57 7.11
N THR C 12 -28.85 28.74 7.72
CA THR C 12 -28.17 30.04 7.94
C THR C 12 -27.69 30.61 6.60
N MET C 13 -27.86 29.88 5.50
CA MET C 13 -27.39 30.29 4.14
C MET C 13 -28.57 30.66 3.24
N GLY C 14 -29.78 30.25 3.58
CA GLY C 14 -30.99 30.63 2.83
C GLY C 14 -31.96 29.48 2.67
N GLU C 15 -32.82 29.56 1.65
CA GLU C 15 -33.94 28.61 1.46
C GLU C 15 -33.46 27.41 0.65
N VAL C 16 -34.06 26.25 0.86
CA VAL C 16 -33.81 25.01 0.07
C VAL C 16 -35.15 24.29 -0.16
N GLN C 17 -35.45 23.93 -1.41
CA GLN C 17 -36.57 23.04 -1.76
C GLN C 17 -36.21 21.61 -1.30
N VAL C 18 -36.95 21.03 -0.35
CA VAL C 18 -36.70 19.67 0.19
C VAL C 18 -37.83 18.76 -0.27
N PRO C 19 -37.59 17.48 -0.65
CA PRO C 19 -38.68 16.54 -0.90
C PRO C 19 -39.73 16.55 0.21
N ALA C 20 -40.97 16.85 -0.18
CA ALA C 20 -42.08 17.29 0.73
C ALA C 20 -42.33 16.23 1.80
N ASP C 21 -42.12 14.94 1.50
CA ASP C 21 -42.44 13.80 2.40
C ASP C 21 -41.26 13.48 3.33
N LYS C 22 -40.04 14.00 3.09
CA LYS C 22 -38.84 13.53 3.84
C LYS C 22 -38.68 14.30 5.16
N TYR C 23 -38.17 13.60 6.17
CA TYR C 23 -37.94 14.15 7.54
C TYR C 23 -36.63 14.95 7.53
N TRP C 24 -35.83 14.88 6.46
CA TRP C 24 -34.56 15.64 6.39
C TRP C 24 -34.87 17.09 5.98
N ALA C 25 -33.92 18.01 6.14
CA ALA C 25 -34.16 19.47 5.97
C ALA C 25 -33.12 20.07 5.02
N ALA C 26 -32.94 21.38 5.14
CA ALA C 26 -32.16 22.21 4.22
C ALA C 26 -30.77 21.60 3.99
N GLN C 27 -30.05 21.29 5.07
CA GLN C 27 -28.59 21.00 5.03
C GLN C 27 -28.38 19.59 4.49
N THR C 28 -29.20 18.64 4.94
CA THR C 28 -29.25 17.29 4.36
C THR C 28 -29.48 17.43 2.84
N GLU C 29 -30.34 18.34 2.40
CA GLU C 29 -30.77 18.36 0.98
C GLU C 29 -29.63 18.99 0.15
N ARG C 30 -28.92 19.96 0.73
CA ARG C 30 -27.75 20.58 0.06
C ARG C 30 -26.74 19.47 -0.17
N SER C 31 -26.40 18.70 0.86
CA SER C 31 -25.39 17.61 0.76
C SER C 31 -25.78 16.65 -0.36
N ARG C 32 -27.04 16.21 -0.37
CA ARG C 32 -27.59 15.23 -1.35
C ARG C 32 -27.32 15.71 -2.77
N ASN C 33 -27.57 16.99 -3.04
CA ASN C 33 -27.40 17.64 -4.38
C ASN C 33 -25.95 18.03 -4.69
N ASN C 34 -25.14 18.40 -3.69
CA ASN C 34 -23.79 18.98 -3.97
C ASN C 34 -22.67 17.92 -4.00
N PHE C 35 -22.89 16.70 -3.49
CA PHE C 35 -21.90 15.59 -3.52
C PHE C 35 -22.53 14.37 -4.17
N LYS C 36 -22.80 14.49 -5.48
CA LYS C 36 -23.23 13.40 -6.38
C LYS C 36 -22.00 12.55 -6.70
N ILE C 37 -21.48 11.83 -5.71
CA ILE C 37 -20.20 11.05 -5.77
C ILE C 37 -20.43 9.59 -5.32
N GLY C 38 -20.28 8.66 -6.25
CA GLY C 38 -20.49 7.23 -6.01
C GLY C 38 -21.97 6.91 -5.94
N PRO C 39 -22.35 5.68 -5.56
CA PRO C 39 -23.76 5.34 -5.37
C PRO C 39 -24.43 6.15 -4.23
N ALA C 40 -25.75 6.35 -4.37
CA ALA C 40 -26.57 7.15 -3.43
C ALA C 40 -26.46 6.58 -2.01
N ALA C 41 -26.61 7.41 -0.98
CA ALA C 41 -26.78 6.97 0.43
C ALA C 41 -25.72 5.91 0.79
N SER C 42 -24.46 6.12 0.44
CA SER C 42 -23.35 5.18 0.73
C SER C 42 -22.85 5.30 2.19
N MET C 43 -23.20 6.34 2.92
CA MET C 43 -22.74 6.42 4.35
C MET C 43 -23.17 5.12 5.03
N PRO C 44 -22.25 4.33 5.63
CA PRO C 44 -22.64 3.04 6.20
C PRO C 44 -23.82 3.20 7.17
N HIS C 45 -24.82 2.32 7.05
CA HIS C 45 -25.96 2.24 7.99
C HIS C 45 -25.42 2.09 9.41
N GLU C 46 -24.22 1.51 9.57
CA GLU C 46 -23.62 1.22 10.90
C GLU C 46 -23.30 2.55 11.59
N ILE C 47 -22.92 3.56 10.83
CA ILE C 47 -22.65 4.93 11.39
C ILE C 47 -23.99 5.55 11.84
N ILE C 48 -25.03 5.47 11.01
CA ILE C 48 -26.40 5.96 11.33
C ILE C 48 -26.89 5.35 12.66
N GLU C 49 -26.70 4.04 12.84
CA GLU C 49 -27.15 3.30 14.04
C GLU C 49 -26.40 3.85 15.28
N ALA C 50 -25.06 3.95 15.22
CA ALA C 50 -24.20 4.54 16.28
C ALA C 50 -24.66 5.96 16.62
N PHE C 51 -24.98 6.77 15.58
CA PHE C 51 -25.57 8.12 15.75
C PHE C 51 -26.83 8.04 16.61
N GLY C 52 -27.74 7.07 16.37
CA GLY C 52 -28.99 6.93 17.12
C GLY C 52 -28.71 6.65 18.59
N TYR C 53 -27.75 5.77 18.89
CA TYR C 53 -27.26 5.50 20.25
C TYR C 53 -26.73 6.80 20.89
N LEU C 54 -25.82 7.52 20.24
CA LEU C 54 -25.12 8.66 20.90
C LEU C 54 -26.02 9.90 20.98
N LYS C 55 -26.87 10.19 19.97
CA LYS C 55 -27.81 11.34 20.04
C LYS C 55 -28.77 11.18 21.23
N LYS C 56 -29.12 9.92 21.54
CA LYS C 56 -30.08 9.58 22.62
C LYS C 56 -29.36 9.76 23.95
N ALA C 57 -28.13 9.25 24.05
CA ALA C 57 -27.26 9.35 25.26
C ALA C 57 -26.96 10.81 25.57
N ALA C 58 -26.75 11.65 24.54
CA ALA C 58 -26.56 13.12 24.63
C ALA C 58 -27.80 13.79 25.26
N ALA C 59 -28.97 13.64 24.64
CA ALA C 59 -30.28 14.10 25.18
C ALA C 59 -30.37 13.70 26.66
N PHE C 60 -30.15 12.43 26.94
CA PHE C 60 -30.27 11.84 28.30
C PHE C 60 -29.29 12.58 29.23
N ALA C 61 -28.03 12.73 28.85
CA ALA C 61 -27.02 13.39 29.73
C ALA C 61 -27.36 14.87 29.88
N ASN C 62 -27.74 15.52 28.78
CA ASN C 62 -28.17 16.94 28.78
C ASN C 62 -29.29 17.17 29.81
N THR C 63 -30.25 16.25 29.94
CA THR C 63 -31.38 16.40 30.89
C THR C 63 -30.86 16.27 32.33
N ASP C 64 -30.07 15.25 32.67
CA ASP C 64 -29.54 15.01 34.04
C ASP C 64 -28.71 16.21 34.47
N LEU C 65 -28.02 16.82 33.53
CA LEU C 65 -27.08 17.93 33.84
C LEU C 65 -27.80 19.28 33.81
N GLY C 66 -29.13 19.31 33.64
CA GLY C 66 -29.98 20.48 33.94
C GLY C 66 -30.16 21.45 32.77
N VAL C 67 -29.91 21.05 31.51
CA VAL C 67 -29.75 22.01 30.39
C VAL C 67 -30.63 21.64 29.20
N LEU C 68 -31.30 20.48 29.18
CA LEU C 68 -32.35 20.11 28.20
C LEU C 68 -33.59 19.66 28.97
N PRO C 69 -34.80 20.18 28.63
CA PRO C 69 -36.04 19.76 29.29
C PRO C 69 -36.38 18.28 29.03
N ALA C 70 -36.83 17.56 30.07
CA ALA C 70 -37.26 16.14 30.00
C ALA C 70 -38.19 15.92 28.80
N GLU C 71 -39.11 16.83 28.53
CA GLU C 71 -40.07 16.70 27.41
C GLU C 71 -39.29 16.50 26.11
N LYS C 72 -38.22 17.27 25.91
CA LYS C 72 -37.52 17.29 24.59
C LYS C 72 -36.69 16.01 24.49
N ARG C 73 -36.14 15.53 25.62
CA ARG C 73 -35.39 14.25 25.73
C ARG C 73 -36.24 13.09 25.21
N ASP C 74 -37.50 13.02 25.66
CA ASP C 74 -38.39 11.89 25.33
C ASP C 74 -38.63 11.96 23.82
N LEU C 75 -38.95 13.12 23.27
CA LEU C 75 -39.19 13.23 21.79
C LEU C 75 -37.97 12.79 20.99
N ILE C 76 -36.75 13.13 21.45
CA ILE C 76 -35.49 12.76 20.73
C ILE C 76 -35.23 11.25 20.89
N GLY C 77 -35.38 10.72 22.12
CA GLY C 77 -35.25 9.29 22.46
C GLY C 77 -36.14 8.43 21.59
N GLN C 78 -37.38 8.87 21.34
CA GLN C 78 -38.35 8.06 20.57
C GLN C 78 -37.93 8.01 19.10
N ALA C 79 -37.60 9.17 18.53
CA ALA C 79 -37.05 9.31 17.15
C ALA C 79 -35.79 8.43 17.02
N CYS C 80 -34.92 8.44 18.06
CA CYS C 80 -33.63 7.73 18.10
C CYS C 80 -33.89 6.21 18.10
N ASP C 81 -34.89 5.77 18.86
CA ASP C 81 -35.31 4.34 18.96
C ASP C 81 -35.86 3.93 17.61
N GLU C 82 -36.58 4.80 16.93
CA GLU C 82 -37.07 4.50 15.55
C GLU C 82 -35.91 4.34 14.56
N ILE C 83 -34.85 5.15 14.67
CA ILE C 83 -33.64 5.00 13.82
C ILE C 83 -32.99 3.66 14.18
N LEU C 84 -32.77 3.41 15.48
CA LEU C 84 -32.15 2.17 16.00
C LEU C 84 -32.86 0.93 15.44
N ALA C 85 -34.18 0.91 15.35
CA ALA C 85 -34.92 -0.30 14.90
C ALA C 85 -35.16 -0.28 13.37
N ARG C 86 -34.49 0.59 12.61
CA ARG C 86 -34.47 0.60 11.12
C ARG C 86 -35.80 1.07 10.52
N LYS C 87 -36.59 1.88 11.25
CA LYS C 87 -37.87 2.38 10.68
C LYS C 87 -37.61 3.57 9.74
N LEU C 88 -36.41 4.18 9.75
CA LEU C 88 -36.16 5.46 9.03
C LEU C 88 -34.95 5.41 8.09
N ASP C 89 -34.60 4.26 7.52
CA ASP C 89 -33.39 4.09 6.66
C ASP C 89 -33.45 4.95 5.40
N ASP C 90 -34.64 5.21 4.87
CA ASP C 90 -34.78 6.07 3.67
C ASP C 90 -34.72 7.57 4.06
N GLN C 91 -34.46 7.91 5.33
CA GLN C 91 -34.26 9.32 5.81
C GLN C 91 -32.76 9.70 5.86
N PHE C 92 -31.88 8.92 5.23
CA PHE C 92 -30.39 9.00 5.27
C PHE C 92 -29.87 8.80 3.85
N PRO C 93 -29.90 9.89 3.04
CA PRO C 93 -29.52 9.82 1.63
C PRO C 93 -28.09 10.28 1.28
N LEU C 94 -27.24 10.44 2.31
CA LEU C 94 -25.92 11.12 2.17
C LEU C 94 -24.83 10.10 1.92
N VAL C 95 -23.86 10.50 1.09
CA VAL C 95 -22.71 9.68 0.63
C VAL C 95 -21.53 9.80 1.62
N ILE C 96 -20.63 8.82 1.57
CA ILE C 96 -19.30 8.80 2.27
C ILE C 96 -18.57 10.09 1.87
N TRP C 97 -18.61 10.39 0.57
CA TRP C 97 -17.78 11.40 -0.11
C TRP C 97 -18.42 12.77 0.06
N GLN C 98 -18.61 13.13 1.33
CA GLN C 98 -19.18 14.42 1.78
C GLN C 98 -18.01 15.25 2.38
N THR C 99 -18.32 16.32 3.09
CA THR C 99 -17.33 17.01 3.96
C THR C 99 -16.62 15.97 4.87
N GLY C 100 -15.31 16.06 5.00
CA GLY C 100 -14.46 15.05 5.65
C GLY C 100 -14.67 14.96 7.14
N SER C 101 -15.42 15.89 7.74
CA SER C 101 -15.76 15.90 9.19
C SER C 101 -17.01 15.04 9.40
N GLY C 102 -17.82 14.89 8.33
CA GLY C 102 -19.14 14.24 8.42
C GLY C 102 -20.16 15.17 9.03
N THR C 103 -19.96 16.49 8.93
CA THR C 103 -20.92 17.49 9.50
C THR C 103 -22.28 17.18 8.87
N GLN C 104 -22.31 17.04 7.53
CA GLN C 104 -23.58 16.95 6.77
C GLN C 104 -24.41 15.74 7.24
N SER C 105 -23.79 14.59 7.53
CA SER C 105 -24.48 13.45 8.19
C SER C 105 -24.83 13.81 9.64
N ASN C 106 -24.02 14.58 10.34
CA ASN C 106 -24.41 14.97 11.74
C ASN C 106 -25.71 15.78 11.62
N MET C 107 -25.80 16.59 10.57
CA MET C 107 -26.95 17.51 10.39
C MET C 107 -28.14 16.73 9.81
N ASN C 108 -27.87 15.62 9.11
CA ASN C 108 -28.89 14.62 8.67
C ASN C 108 -29.54 14.00 9.91
N LEU C 109 -28.77 13.57 10.90
CA LEU C 109 -29.33 13.02 12.16
C LEU C 109 -30.13 14.13 12.83
N ASN C 110 -29.53 15.30 13.00
CA ASN C 110 -30.12 16.47 13.70
C ASN C 110 -31.43 16.89 13.03
N GLU C 111 -31.51 16.90 11.68
CA GLU C 111 -32.71 17.38 10.93
C GLU C 111 -33.83 16.32 11.00
N VAL C 112 -33.50 15.03 10.86
CA VAL C 112 -34.47 13.92 10.88
C VAL C 112 -35.01 13.76 12.31
N ILE C 113 -34.17 13.80 13.35
CA ILE C 113 -34.66 13.63 14.75
C ILE C 113 -35.69 14.74 15.04
N ALA C 114 -35.32 16.01 14.84
CA ALA C 114 -36.17 17.20 15.08
C ALA C 114 -37.47 17.17 14.25
N ASN C 115 -37.43 16.85 12.95
CA ASN C 115 -38.67 16.82 12.13
C ASN C 115 -39.54 15.63 12.58
N ARG C 116 -38.93 14.52 12.99
CA ARG C 116 -39.66 13.28 13.31
C ARG C 116 -40.24 13.42 14.72
N ALA C 117 -39.53 14.09 15.63
CA ALA C 117 -39.97 14.48 16.99
C ALA C 117 -41.22 15.36 16.92
N HIS C 118 -41.27 16.29 15.96
CA HIS C 118 -42.36 17.28 15.75
C HIS C 118 -43.64 16.52 15.36
N VAL C 119 -43.55 15.52 14.46
CA VAL C 119 -44.74 14.77 13.97
C VAL C 119 -45.25 13.84 15.07
N ILE C 120 -44.38 13.16 15.82
CA ILE C 120 -44.77 12.36 17.03
C ILE C 120 -45.55 13.26 18.00
N ASN C 121 -45.06 14.47 18.27
CA ASN C 121 -45.68 15.46 19.19
C ASN C 121 -46.95 16.05 18.54
N GLY C 122 -47.26 15.71 17.29
CA GLY C 122 -48.55 16.03 16.65
C GLY C 122 -48.47 17.28 15.80
N GLY C 123 -47.27 17.64 15.34
CA GLY C 123 -47.05 18.72 14.34
C GLY C 123 -47.09 18.18 12.93
N LYS C 124 -46.85 19.06 11.96
CA LYS C 124 -46.82 18.75 10.49
C LYS C 124 -45.42 19.09 9.96
N LEU C 125 -44.89 18.19 9.14
CA LEU C 125 -43.74 18.48 8.25
C LEU C 125 -44.01 19.82 7.57
N GLY C 126 -43.09 20.76 7.67
CA GLY C 126 -43.19 22.09 7.01
C GLY C 126 -43.38 23.23 7.99
N GLU C 127 -43.50 22.91 9.29
CA GLU C 127 -43.39 23.82 10.47
C GLU C 127 -41.99 23.67 11.09
N LYS C 128 -41.35 24.73 11.56
CA LYS C 128 -40.12 24.52 12.37
C LYS C 128 -40.51 23.50 13.45
N SER C 129 -39.61 22.60 13.79
CA SER C 129 -39.81 21.62 14.89
C SER C 129 -39.80 22.35 16.23
N ILE C 130 -40.70 21.98 17.13
CA ILE C 130 -40.60 22.27 18.60
C ILE C 130 -39.18 21.96 19.10
N ILE C 131 -38.44 21.07 18.43
CA ILE C 131 -37.07 20.61 18.85
C ILE C 131 -36.08 21.20 17.86
N HIS C 132 -35.19 22.12 18.26
CA HIS C 132 -34.20 22.73 17.33
C HIS C 132 -33.13 21.70 17.01
N PRO C 133 -32.82 21.50 15.70
CA PRO C 133 -31.77 20.57 15.30
C PRO C 133 -30.38 20.93 15.86
N ASN C 134 -30.06 22.22 15.94
CA ASN C 134 -28.76 22.71 16.48
C ASN C 134 -28.87 22.89 17.99
N ASP C 135 -29.86 23.63 18.47
CA ASP C 135 -29.93 24.07 19.88
C ASP C 135 -30.37 22.91 20.77
N ASP C 136 -31.20 21.97 20.25
CA ASP C 136 -31.77 20.87 21.09
C ASP C 136 -31.13 19.53 20.76
N VAL C 137 -31.25 19.06 19.52
CA VAL C 137 -30.76 17.68 19.19
C VAL C 137 -29.21 17.67 19.22
N ASN C 138 -28.58 18.82 18.90
CA ASN C 138 -27.10 18.95 18.83
C ASN C 138 -26.57 19.57 20.13
N LYS C 139 -27.38 19.69 21.17
CA LYS C 139 -26.99 20.44 22.40
C LYS C 139 -25.75 19.78 23.00
N SER C 140 -24.67 20.54 23.15
CA SER C 140 -23.42 20.14 23.85
C SER C 140 -22.54 19.34 22.90
N GLN C 141 -22.83 19.40 21.59
CA GLN C 141 -22.21 18.51 20.60
C GLN C 141 -21.71 19.30 19.38
N SER C 142 -20.76 18.67 18.71
CA SER C 142 -20.27 19.03 17.36
C SER C 142 -20.34 17.80 16.50
N SER C 143 -20.36 17.94 15.16
CA SER C 143 -19.94 16.86 14.24
C SER C 143 -18.56 16.34 14.67
N ASN C 144 -17.68 17.23 15.16
CA ASN C 144 -16.25 16.98 15.43
C ASN C 144 -16.09 15.92 16.52
N ASP C 145 -17.02 15.82 17.49
CA ASP C 145 -16.93 14.74 18.51
C ASP C 145 -17.97 13.64 18.21
N THR C 146 -19.17 13.96 17.70
CA THR C 146 -20.22 12.93 17.46
C THR C 146 -19.76 11.92 16.40
N TYR C 147 -19.23 12.37 15.25
CA TYR C 147 -18.88 11.46 14.11
C TYR C 147 -17.80 10.48 14.57
N PRO C 148 -16.68 10.93 15.20
CA PRO C 148 -15.73 9.98 15.80
C PRO C 148 -16.37 9.08 16.88
N THR C 149 -17.41 9.55 17.57
CA THR C 149 -18.17 8.68 18.50
C THR C 149 -18.94 7.64 17.68
N ALA C 150 -19.59 8.03 16.58
CA ALA C 150 -20.31 7.08 15.71
C ALA C 150 -19.33 6.02 15.21
N MET C 151 -18.18 6.48 14.74
CA MET C 151 -17.09 5.64 14.18
C MET C 151 -16.66 4.57 15.17
N HIS C 152 -16.37 4.95 16.42
CA HIS C 152 -15.84 4.04 17.46
C HIS C 152 -16.89 3.01 17.86
N ILE C 153 -18.10 3.50 18.19
CA ILE C 153 -19.25 2.64 18.56
C ILE C 153 -19.45 1.61 17.45
N ALA C 154 -19.55 2.07 16.20
CA ALA C 154 -19.81 1.23 15.03
C ALA C 154 -18.60 0.30 14.85
N ALA C 155 -17.37 0.82 14.98
CA ALA C 155 -16.19 -0.03 14.78
C ALA C 155 -16.15 -1.12 15.85
N TYR C 156 -16.24 -0.71 17.11
CA TYR C 156 -16.07 -1.64 18.26
C TYR C 156 -17.15 -2.73 18.25
N LYS C 157 -18.43 -2.34 18.18
CA LYS C 157 -19.62 -3.22 18.03
C LYS C 157 -19.38 -4.30 16.95
N LYS C 158 -19.06 -3.91 15.72
CA LYS C 158 -18.91 -4.86 14.58
C LYS C 158 -17.77 -5.83 14.90
N VAL C 159 -16.70 -5.33 15.52
CA VAL C 159 -15.48 -6.15 15.77
C VAL C 159 -15.79 -7.21 16.85
N VAL C 160 -16.45 -6.84 17.97
CA VAL C 160 -16.72 -7.79 19.08
C VAL C 160 -17.98 -8.64 18.77
N GLU C 161 -19.00 -8.12 18.07
CA GLU C 161 -20.26 -8.86 17.78
C GLU C 161 -20.18 -9.68 16.47
N ALA C 162 -19.29 -9.35 15.52
CA ALA C 162 -19.27 -10.07 14.21
C ALA C 162 -17.87 -10.64 13.93
N THR C 163 -16.81 -9.83 13.95
CA THR C 163 -15.49 -10.17 13.34
C THR C 163 -14.79 -11.18 14.24
N ILE C 164 -14.69 -10.88 15.54
CA ILE C 164 -13.99 -11.73 16.54
C ILE C 164 -14.69 -13.07 16.65
N PRO C 165 -16.03 -13.15 16.86
CA PRO C 165 -16.71 -14.46 16.90
C PRO C 165 -16.54 -15.26 15.60
N ALA C 166 -16.63 -14.62 14.43
CA ALA C 166 -16.43 -15.28 13.11
C ALA C 166 -14.99 -15.84 13.04
N VAL C 167 -14.01 -15.06 13.48
CA VAL C 167 -12.59 -15.52 13.45
C VAL C 167 -12.36 -16.63 14.50
N GLU C 168 -12.93 -16.49 15.71
CA GLU C 168 -12.84 -17.50 16.81
C GLU C 168 -13.52 -18.82 16.39
N ARG C 169 -14.58 -18.75 15.61
CA ARG C 169 -15.28 -19.99 15.11
C ARG C 169 -14.38 -20.78 14.15
N LEU C 170 -13.80 -20.09 13.16
CA LEU C 170 -12.81 -20.69 12.23
C LEU C 170 -11.64 -21.21 13.07
N GLN C 171 -11.15 -20.39 14.00
CA GLN C 171 -10.00 -20.77 14.86
C GLN C 171 -10.33 -22.12 15.52
N LYS C 172 -11.53 -22.25 16.08
CA LYS C 172 -12.00 -23.48 16.79
C LYS C 172 -11.93 -24.68 15.82
N THR C 173 -12.42 -24.53 14.58
CA THR C 173 -12.48 -25.65 13.60
C THR C 173 -11.06 -26.13 13.31
N LEU C 174 -10.15 -25.18 13.05
CA LEU C 174 -8.74 -25.48 12.67
C LEU C 174 -8.07 -26.18 13.85
N ALA C 175 -8.34 -25.75 15.07
CA ALA C 175 -7.88 -26.46 16.28
C ALA C 175 -8.46 -27.90 16.31
N ALA C 176 -9.75 -28.08 16.00
CA ALA C 176 -10.41 -29.40 16.11
C ALA C 176 -9.81 -30.32 15.04
N LYS C 177 -9.51 -29.77 13.87
CA LYS C 177 -8.82 -30.51 12.79
C LYS C 177 -7.38 -30.84 13.18
N ALA C 178 -6.68 -30.01 13.96
CA ALA C 178 -5.31 -30.32 14.44
C ALA C 178 -5.37 -31.59 15.30
N ALA C 179 -6.48 -31.80 16.02
CA ALA C 179 -6.73 -33.03 16.82
C ALA C 179 -7.15 -34.19 15.92
N GLU C 180 -8.18 -33.96 15.08
CA GLU C 180 -8.77 -35.01 14.21
C GLU C 180 -7.59 -35.68 13.49
N PHE C 181 -6.55 -34.94 13.14
CA PHE C 181 -5.52 -35.42 12.17
C PHE C 181 -4.15 -35.57 12.77
N LYS C 182 -4.06 -35.60 14.09
CA LYS C 182 -2.76 -35.57 14.79
C LYS C 182 -1.94 -36.79 14.40
N ASP C 183 -2.53 -37.89 13.94
CA ASP C 183 -1.79 -39.14 13.63
C ASP C 183 -1.72 -39.39 12.12
N VAL C 184 -2.11 -38.42 11.30
CA VAL C 184 -2.01 -38.56 9.82
C VAL C 184 -0.65 -37.99 9.38
N VAL C 185 0.29 -38.84 8.99
CA VAL C 185 1.67 -38.37 8.64
C VAL C 185 1.67 -37.99 7.14
N LYS C 186 2.17 -36.79 6.83
CA LYS C 186 2.31 -36.32 5.42
C LYS C 186 3.72 -35.76 5.23
N ILE C 187 4.11 -35.50 3.97
CA ILE C 187 5.40 -34.82 3.67
C ILE C 187 5.20 -33.31 3.75
N GLY C 188 6.15 -32.61 4.37
CA GLY C 188 6.21 -31.14 4.38
C GLY C 188 6.81 -30.66 3.09
N ARG C 189 6.48 -29.43 2.66
CA ARG C 189 7.25 -28.75 1.61
C ARG C 189 7.84 -27.43 2.13
N THR C 190 9.12 -27.22 1.87
CA THR C 190 9.79 -25.89 1.96
C THR C 190 10.29 -25.47 0.57
N HIS C 191 10.01 -24.21 0.16
CA HIS C 191 10.40 -23.65 -1.15
C HIS C 191 9.57 -24.36 -2.24
N LEU C 192 8.46 -25.02 -1.84
CA LEU C 192 7.53 -25.83 -2.67
C LEU C 192 8.16 -27.18 -3.02
N MET C 193 9.29 -27.50 -2.39
CA MET C 193 10.12 -28.70 -2.65
C MET C 193 9.94 -29.72 -1.52
N ASP C 194 9.93 -31.00 -1.88
CA ASP C 194 9.79 -32.12 -0.92
C ASP C 194 10.71 -31.92 0.29
N ALA C 195 10.20 -32.02 1.51
CA ALA C 195 11.00 -31.90 2.76
C ALA C 195 10.82 -33.16 3.62
N THR C 196 10.76 -32.99 4.95
CA THR C 196 10.63 -34.05 5.98
C THR C 196 9.18 -34.13 6.50
N PRO C 197 8.78 -35.26 7.12
CA PRO C 197 7.42 -35.41 7.61
C PRO C 197 6.98 -34.44 8.72
N LEU C 198 5.69 -34.12 8.69
CA LEU C 198 4.91 -33.59 9.82
C LEU C 198 3.51 -34.21 9.67
N THR C 199 2.71 -34.16 10.73
CA THR C 199 1.30 -34.62 10.67
C THR C 199 0.46 -33.50 10.05
N LEU C 200 -0.61 -33.87 9.36
CA LEU C 200 -1.58 -32.89 8.84
C LEU C 200 -2.24 -32.19 10.03
N GLY C 201 -2.25 -32.84 11.20
CA GLY C 201 -2.62 -32.22 12.50
C GLY C 201 -1.74 -31.03 12.81
N GLN C 202 -0.42 -31.26 12.83
CA GLN C 202 0.64 -30.26 13.13
C GLN C 202 0.45 -29.06 12.20
N GLU C 203 0.17 -29.31 10.92
CA GLU C 203 0.09 -28.26 9.88
C GLU C 203 -1.11 -27.37 10.20
N PHE C 204 -2.26 -27.99 10.50
CA PHE C 204 -3.51 -27.31 10.94
C PHE C 204 -3.23 -26.63 12.31
N SER C 205 -2.36 -27.16 13.18
CA SER C 205 -1.98 -26.51 14.47
C SER C 205 -1.37 -25.14 14.17
N GLY C 206 -0.61 -25.06 13.09
CA GLY C 206 -0.03 -23.79 12.63
C GLY C 206 -1.11 -22.79 12.30
N TYR C 207 -2.11 -23.21 11.51
CA TYR C 207 -3.24 -22.34 11.05
C TYR C 207 -4.04 -21.88 12.27
N ALA C 208 -4.29 -22.79 13.20
CA ALA C 208 -4.98 -22.45 14.48
C ALA C 208 -4.17 -21.38 15.26
N ALA C 209 -2.85 -21.57 15.39
CA ALA C 209 -1.92 -20.65 16.11
C ALA C 209 -1.95 -19.25 15.47
N GLN C 210 -2.00 -19.17 14.15
CA GLN C 210 -2.04 -17.90 13.40
C GLN C 210 -3.24 -17.07 13.85
N LEU C 211 -4.44 -17.68 13.83
CA LEU C 211 -5.68 -16.95 14.15
C LEU C 211 -5.73 -16.64 15.64
N SER C 212 -5.13 -17.48 16.49
CA SER C 212 -4.99 -17.14 17.94
C SER C 212 -4.20 -15.84 18.06
N PHE C 213 -3.00 -15.76 17.43
CA PHE C 213 -2.11 -14.57 17.52
C PHE C 213 -2.88 -13.38 16.95
N GLY C 214 -3.53 -13.52 15.79
CA GLY C 214 -4.28 -12.44 15.12
C GLY C 214 -5.42 -11.89 15.99
N LEU C 215 -6.15 -12.77 16.67
CA LEU C 215 -7.25 -12.41 17.59
C LEU C 215 -6.68 -11.69 18.81
N THR C 216 -5.51 -12.07 19.32
CA THR C 216 -4.87 -11.38 20.45
C THR C 216 -4.51 -9.98 19.99
N ALA C 217 -3.91 -9.89 18.82
CA ALA C 217 -3.50 -8.60 18.22
C ALA C 217 -4.73 -7.69 18.14
N ILE C 218 -5.87 -8.22 17.69
CA ILE C 218 -7.12 -7.42 17.55
C ILE C 218 -7.56 -6.95 18.93
N LYS C 219 -7.59 -7.86 19.89
CA LYS C 219 -8.09 -7.59 21.27
C LYS C 219 -7.18 -6.54 21.93
N ASN C 220 -5.86 -6.59 21.71
CA ASN C 220 -4.91 -5.58 22.26
C ASN C 220 -5.32 -4.13 21.88
N THR C 221 -5.96 -3.89 20.71
CA THR C 221 -6.35 -2.57 20.15
C THR C 221 -7.70 -2.09 20.67
N LEU C 222 -8.41 -2.91 21.43
CA LEU C 222 -9.81 -2.57 21.82
C LEU C 222 -9.82 -1.49 22.89
N PRO C 223 -8.83 -1.47 23.84
CA PRO C 223 -8.77 -0.45 24.88
C PRO C 223 -8.71 0.98 24.35
N HIS C 224 -7.98 1.19 23.24
CA HIS C 224 -7.97 2.46 22.49
C HIS C 224 -9.36 2.66 21.86
N LEU C 225 -9.88 1.67 21.13
CA LEU C 225 -11.07 1.83 20.27
C LEU C 225 -12.34 2.08 21.12
N ARG C 226 -12.32 1.73 22.41
CA ARG C 226 -13.53 1.88 23.25
C ARG C 226 -13.62 3.32 23.79
N GLN C 227 -12.63 4.18 23.51
CA GLN C 227 -12.59 5.57 24.03
C GLN C 227 -13.37 6.48 23.09
N LEU C 228 -14.27 7.28 23.68
CA LEU C 228 -15.25 8.11 22.94
C LEU C 228 -14.87 9.60 23.04
N ALA C 229 -14.88 10.25 21.87
CA ALA C 229 -14.59 11.69 21.68
C ALA C 229 -15.69 12.56 22.31
N LEU C 230 -16.90 12.03 22.50
CA LEU C 230 -18.10 12.85 22.81
C LEU C 230 -17.81 13.66 24.10
N GLY C 231 -17.92 15.01 23.99
CA GLY C 231 -17.59 15.96 25.07
C GLY C 231 -16.45 16.89 24.68
N GLY C 232 -15.80 16.66 23.54
CA GLY C 232 -14.72 17.50 23.00
C GLY C 232 -15.28 18.69 22.25
N THR C 233 -16.48 18.53 21.67
CA THR C 233 -17.24 19.52 20.87
C THR C 233 -16.34 19.97 19.70
N ALA C 234 -16.04 21.28 19.60
CA ALA C 234 -15.53 21.98 18.39
C ALA C 234 -14.08 21.59 18.08
N VAL C 235 -13.21 21.62 19.12
CA VAL C 235 -11.74 21.55 18.97
C VAL C 235 -11.12 20.66 20.03
N GLY C 236 -11.92 20.15 20.98
CA GLY C 236 -11.45 19.16 21.98
C GLY C 236 -11.55 19.69 23.42
N THR C 237 -11.83 20.99 23.58
CA THR C 237 -11.89 21.70 24.87
C THR C 237 -13.15 21.34 25.66
N GLY C 238 -14.22 20.91 24.96
CA GLY C 238 -15.56 20.75 25.52
C GLY C 238 -16.25 22.07 25.77
N LEU C 239 -15.91 23.11 25.02
CA LEU C 239 -16.68 24.36 24.93
C LEU C 239 -18.17 23.98 24.87
N ASN C 240 -19.01 24.61 25.69
CA ASN C 240 -20.49 24.48 25.67
C ASN C 240 -20.97 23.13 26.19
N THR C 241 -20.15 22.37 26.94
CA THR C 241 -20.55 21.10 27.62
C THR C 241 -20.75 21.39 29.11
N PRO C 242 -21.84 20.92 29.75
CA PRO C 242 -21.94 21.01 31.20
C PRO C 242 -20.79 20.20 31.78
N LYS C 243 -20.32 20.58 32.97
CA LYS C 243 -19.32 19.83 33.77
C LYS C 243 -19.84 18.41 33.95
N GLY C 244 -19.06 17.37 33.62
CA GLY C 244 -19.36 15.94 33.82
C GLY C 244 -20.01 15.32 32.58
N TYR C 245 -20.34 16.14 31.59
CA TYR C 245 -21.08 15.67 30.37
C TYR C 245 -20.33 14.50 29.73
N ASP C 246 -19.02 14.65 29.57
CA ASP C 246 -18.12 13.68 28.88
C ASP C 246 -18.21 12.29 29.52
N VAL C 247 -18.04 12.20 30.85
CA VAL C 247 -18.16 10.90 31.58
C VAL C 247 -19.60 10.35 31.54
N LYS C 248 -20.61 11.20 31.76
CA LYS C 248 -22.02 10.77 31.88
C LYS C 248 -22.58 10.30 30.53
N VAL C 249 -22.21 10.96 29.43
CA VAL C 249 -22.73 10.58 28.09
C VAL C 249 -22.09 9.23 27.70
N ALA C 250 -20.82 8.97 28.06
CA ALA C 250 -20.12 7.69 27.79
C ALA C 250 -20.79 6.56 28.58
N GLU C 251 -21.22 6.84 29.81
CA GLU C 251 -21.97 5.89 30.68
C GLU C 251 -23.29 5.54 30.02
N TYR C 252 -24.03 6.55 29.56
CA TYR C 252 -25.30 6.35 28.81
C TYR C 252 -25.02 5.48 27.56
N ILE C 253 -23.86 5.60 26.89
CA ILE C 253 -23.62 4.88 25.60
C ILE C 253 -23.29 3.40 25.90
N ALA C 254 -22.53 3.14 26.97
CA ALA C 254 -22.16 1.77 27.41
C ALA C 254 -23.45 1.00 27.71
N LYS C 255 -24.38 1.69 28.38
CA LYS C 255 -25.66 1.14 28.90
C LYS C 255 -26.59 0.84 27.73
N PHE C 256 -26.73 1.75 26.78
CA PHE C 256 -27.62 1.51 25.62
C PHE C 256 -27.05 0.40 24.74
N THR C 257 -25.71 0.27 24.64
CA THR C 257 -25.04 -0.63 23.66
C THR C 257 -24.73 -1.98 24.29
N GLY C 258 -24.43 -2.03 25.61
CA GLY C 258 -24.04 -3.25 26.35
C GLY C 258 -22.55 -3.52 26.21
N LEU C 259 -21.77 -2.51 25.81
CA LEU C 259 -20.31 -2.58 25.51
C LEU C 259 -19.64 -1.57 26.40
N PRO C 260 -18.39 -1.80 26.85
CA PRO C 260 -17.75 -0.93 27.84
C PRO C 260 -17.03 0.30 27.25
N PHE C 261 -17.78 1.24 26.66
CA PHE C 261 -17.24 2.54 26.24
C PHE C 261 -16.88 3.38 27.47
N ILE C 262 -15.85 4.22 27.32
CA ILE C 262 -15.43 5.28 28.30
C ILE C 262 -15.15 6.56 27.52
N THR C 263 -15.06 7.71 28.22
CA THR C 263 -14.69 9.00 27.57
C THR C 263 -13.20 8.90 27.28
N ALA C 264 -12.75 9.39 26.12
CA ALA C 264 -11.33 9.38 25.68
C ALA C 264 -10.49 10.14 26.71
N GLU C 265 -9.24 9.70 27.01
CA GLU C 265 -8.38 10.38 28.04
C GLU C 265 -7.95 11.77 27.53
N ASN C 266 -7.91 11.97 26.20
CA ASN C 266 -7.43 13.20 25.55
C ASN C 266 -8.26 13.50 24.29
N LYS C 267 -9.08 14.56 24.34
CA LYS C 267 -10.11 14.84 23.31
C LYS C 267 -9.43 15.40 22.05
N PHE C 268 -8.19 15.91 22.19
CA PHE C 268 -7.39 16.49 21.09
C PHE C 268 -6.92 15.32 20.21
N GLU C 269 -6.30 14.33 20.83
CA GLU C 269 -5.97 13.05 20.13
C GLU C 269 -7.24 12.51 19.46
N ALA C 270 -8.38 12.59 20.15
CA ALA C 270 -9.67 11.96 19.74
C ALA C 270 -10.32 12.71 18.54
N LEU C 271 -9.93 13.97 18.29
CA LEU C 271 -10.50 14.82 17.20
C LEU C 271 -9.49 14.94 16.06
N ALA C 272 -8.21 15.17 16.37
CA ALA C 272 -7.20 15.55 15.35
C ALA C 272 -6.60 14.33 14.64
N THR C 273 -6.96 13.12 15.09
CA THR C 273 -6.42 11.82 14.62
C THR C 273 -7.58 10.80 14.56
N HIS C 274 -7.39 9.71 13.80
CA HIS C 274 -8.17 8.45 13.95
C HIS C 274 -7.19 7.30 14.17
N ASP C 275 -6.36 7.46 15.20
CA ASP C 275 -5.16 6.62 15.46
C ASP C 275 -5.64 5.24 15.94
N ALA C 276 -6.77 5.21 16.65
CA ALA C 276 -7.48 3.99 17.12
C ALA C 276 -8.00 3.17 15.92
N ILE C 277 -8.51 3.82 14.87
CA ILE C 277 -8.88 3.08 13.62
C ILE C 277 -7.62 2.48 12.97
N VAL C 278 -6.54 3.26 12.81
CA VAL C 278 -5.25 2.82 12.21
C VAL C 278 -4.77 1.59 13.00
N GLU C 279 -4.83 1.67 14.35
CA GLU C 279 -4.39 0.60 15.32
C GLU C 279 -5.21 -0.66 15.07
N THR C 280 -6.52 -0.57 15.23
CA THR C 280 -7.39 -1.76 15.11
C THR C 280 -7.32 -2.28 13.65
N HIS C 281 -7.33 -1.42 12.64
CA HIS C 281 -7.41 -1.95 11.25
C HIS C 281 -6.11 -2.69 10.92
N GLY C 282 -4.98 -2.20 11.47
CA GLY C 282 -3.66 -2.88 11.40
C GLY C 282 -3.78 -4.35 11.80
N ALA C 283 -4.50 -4.64 12.87
CA ALA C 283 -4.70 -5.99 13.42
C ALA C 283 -5.71 -6.77 12.56
N LEU C 284 -6.76 -6.12 12.04
CA LEU C 284 -7.66 -6.76 11.03
C LEU C 284 -6.76 -7.19 9.87
N LYS C 285 -5.88 -6.30 9.43
CA LYS C 285 -5.00 -6.57 8.27
C LYS C 285 -4.02 -7.72 8.57
N GLN C 286 -3.50 -7.85 9.81
CA GLN C 286 -2.59 -8.96 10.22
C GLN C 286 -3.40 -10.24 10.04
N VAL C 287 -4.65 -10.21 10.48
CA VAL C 287 -5.55 -11.40 10.40
C VAL C 287 -5.83 -11.74 8.94
N ALA C 288 -6.11 -10.76 8.06
CA ALA C 288 -6.39 -11.00 6.63
C ALA C 288 -5.16 -11.63 5.94
N MET C 289 -3.93 -11.23 6.27
CA MET C 289 -2.72 -11.78 5.58
C MET C 289 -2.52 -13.25 6.03
N SER C 290 -2.73 -13.57 7.32
CA SER C 290 -2.81 -14.93 7.89
C SER C 290 -3.89 -15.77 7.19
N LEU C 291 -5.10 -15.21 7.03
CA LEU C 291 -6.25 -15.92 6.40
C LEU C 291 -5.90 -16.19 4.93
N PHE C 292 -5.18 -15.27 4.29
CA PHE C 292 -4.75 -15.39 2.86
C PHE C 292 -3.88 -16.64 2.73
N LYS C 293 -2.89 -16.75 3.62
CA LYS C 293 -1.91 -17.87 3.62
C LYS C 293 -2.69 -19.18 3.79
N ILE C 294 -3.57 -19.22 4.79
CA ILE C 294 -4.36 -20.43 5.18
C ILE C 294 -5.26 -20.83 4.00
N ALA C 295 -6.05 -19.92 3.45
CA ALA C 295 -6.91 -20.24 2.27
C ALA C 295 -6.01 -20.75 1.14
N ASN C 296 -4.86 -20.13 0.92
CA ASN C 296 -3.93 -20.49 -0.17
C ASN C 296 -3.39 -21.90 0.09
N ASP C 297 -3.03 -22.24 1.32
CA ASP C 297 -2.52 -23.59 1.65
C ASP C 297 -3.60 -24.62 1.28
N ILE C 298 -4.82 -24.36 1.70
CA ILE C 298 -5.93 -25.35 1.59
C ILE C 298 -6.25 -25.61 0.09
N ARG C 299 -6.26 -24.60 -0.78
CA ARG C 299 -6.41 -24.88 -2.25
C ARG C 299 -5.20 -25.64 -2.82
N LEU C 300 -3.97 -25.40 -2.34
CA LEU C 300 -2.77 -26.14 -2.85
C LEU C 300 -2.87 -27.62 -2.41
N LEU C 301 -3.10 -27.85 -1.12
CA LEU C 301 -3.32 -29.19 -0.55
C LEU C 301 -4.48 -29.90 -1.25
N ALA C 302 -5.51 -29.18 -1.64
CA ALA C 302 -6.75 -29.74 -2.20
C ALA C 302 -6.59 -29.98 -3.70
N SER C 303 -5.50 -29.53 -4.31
CA SER C 303 -5.42 -29.29 -5.77
C SER C 303 -5.35 -30.62 -6.53
N GLY C 304 -5.85 -30.66 -7.78
CA GLY C 304 -6.00 -31.93 -8.52
C GLY C 304 -7.36 -32.01 -9.20
N PRO C 305 -8.11 -33.14 -9.12
CA PRO C 305 -7.80 -34.24 -8.20
C PRO C 305 -6.64 -35.17 -8.58
N ARG C 306 -6.25 -35.24 -9.86
CA ARG C 306 -5.29 -36.28 -10.34
C ARG C 306 -3.94 -35.69 -10.83
N SER C 307 -3.77 -34.37 -10.97
CA SER C 307 -2.55 -33.76 -11.57
C SER C 307 -2.08 -32.55 -10.77
N GLY C 308 -2.30 -32.59 -9.46
CA GLY C 308 -1.82 -31.58 -8.51
C GLY C 308 -1.30 -32.27 -7.27
N ILE C 309 -1.48 -31.69 -6.09
CA ILE C 309 -1.06 -32.29 -4.79
C ILE C 309 -2.14 -33.29 -4.33
N GLY C 310 -3.39 -32.82 -4.14
CA GLY C 310 -4.55 -33.60 -3.73
C GLY C 310 -4.36 -34.36 -2.42
N GLU C 311 -3.72 -33.76 -1.42
CA GLU C 311 -3.49 -34.40 -0.09
C GLU C 311 -4.72 -34.26 0.82
N ILE C 312 -5.61 -33.30 0.56
CA ILE C 312 -6.91 -33.18 1.28
C ILE C 312 -8.06 -33.21 0.28
N LEU C 313 -9.23 -33.61 0.77
CA LEU C 313 -10.56 -33.47 0.15
C LEU C 313 -11.28 -32.35 0.88
N ILE C 314 -11.96 -31.51 0.11
CA ILE C 314 -12.78 -30.40 0.65
C ILE C 314 -14.22 -30.61 0.19
N PRO C 315 -15.24 -30.11 0.95
CA PRO C 315 -16.62 -30.13 0.48
C PRO C 315 -16.80 -29.56 -0.95
N GLU C 316 -17.58 -30.25 -1.77
CA GLU C 316 -17.88 -29.94 -3.18
C GLU C 316 -19.27 -29.28 -3.22
N ASN C 317 -19.31 -27.94 -3.28
CA ASN C 317 -20.53 -27.18 -2.96
C ASN C 317 -21.29 -26.77 -4.24
N GLU C 318 -20.65 -26.75 -5.42
CA GLU C 318 -21.31 -26.27 -6.66
C GLU C 318 -20.50 -26.71 -7.87
N PRO C 319 -21.11 -26.81 -9.07
CA PRO C 319 -20.35 -27.01 -10.31
C PRO C 319 -19.24 -25.95 -10.40
N GLY C 320 -18.02 -26.34 -10.77
CA GLY C 320 -16.86 -25.46 -10.77
C GLY C 320 -16.81 -24.58 -12.01
N CYS C 321 -17.36 -25.01 -13.15
CA CYS C 321 -16.92 -24.51 -14.48
C CYS C 321 -17.99 -24.69 -15.58
N SER C 322 -18.35 -23.65 -16.29
CA SER C 322 -19.37 -23.66 -17.36
C SER C 322 -18.92 -24.41 -18.62
N ILE C 323 -17.63 -24.69 -18.81
CA ILE C 323 -17.11 -25.37 -20.04
C ILE C 323 -16.41 -26.69 -19.70
N MET C 324 -15.73 -26.75 -18.55
CA MET C 324 -14.99 -27.96 -18.09
C MET C 324 -15.95 -28.80 -17.24
N PRO C 325 -16.59 -29.82 -17.84
CA PRO C 325 -17.75 -30.45 -17.24
C PRO C 325 -17.35 -31.37 -16.08
N GLY C 326 -17.88 -31.10 -14.91
CA GLY C 326 -17.65 -31.95 -13.73
C GLY C 326 -16.54 -31.39 -12.88
N LYS C 327 -15.96 -30.26 -13.26
CA LYS C 327 -14.80 -29.68 -12.52
C LYS C 327 -15.29 -29.09 -11.18
N VAL C 328 -14.48 -29.16 -10.15
CA VAL C 328 -14.90 -28.69 -8.80
C VAL C 328 -13.79 -27.82 -8.23
N ASN C 329 -14.07 -26.58 -7.79
CA ASN C 329 -13.04 -25.58 -7.43
C ASN C 329 -13.13 -25.27 -5.93
N PRO C 330 -12.00 -24.86 -5.31
CA PRO C 330 -11.99 -24.44 -3.89
C PRO C 330 -12.53 -23.01 -3.76
N THR C 331 -13.82 -22.86 -4.02
CA THR C 331 -14.45 -21.54 -4.25
C THR C 331 -14.42 -20.76 -2.92
N GLN C 332 -14.57 -21.44 -1.78
CA GLN C 332 -14.52 -20.75 -0.47
C GLN C 332 -13.14 -20.12 -0.26
N CYS C 333 -12.06 -20.75 -0.71
CA CYS C 333 -10.66 -20.28 -0.52
C CYS C 333 -10.43 -18.98 -1.28
N GLU C 334 -10.97 -18.87 -2.51
CA GLU C 334 -10.88 -17.69 -3.39
C GLU C 334 -11.57 -16.46 -2.75
N ALA C 335 -12.79 -16.63 -2.25
CA ALA C 335 -13.52 -15.54 -1.59
C ALA C 335 -12.62 -14.99 -0.48
N MET C 336 -11.96 -15.87 0.29
CA MET C 336 -11.22 -15.46 1.50
C MET C 336 -9.96 -14.71 1.05
N THR C 337 -9.32 -15.20 0.00
CA THR C 337 -8.08 -14.59 -0.53
C THR C 337 -8.48 -13.25 -1.15
N MET C 338 -9.66 -13.17 -1.78
CA MET C 338 -10.14 -11.89 -2.39
C MET C 338 -10.45 -10.88 -1.28
N VAL C 339 -11.19 -11.30 -0.27
CA VAL C 339 -11.44 -10.45 0.91
C VAL C 339 -10.10 -9.94 1.44
N ALA C 340 -9.10 -10.81 1.63
CA ALA C 340 -7.77 -10.44 2.18
C ALA C 340 -7.11 -9.34 1.32
N ALA C 341 -7.17 -9.45 -0.04
CA ALA C 341 -6.63 -8.42 -0.97
C ALA C 341 -7.29 -7.07 -0.67
N GLN C 342 -8.62 -7.04 -0.48
CA GLN C 342 -9.38 -5.83 -0.13
C GLN C 342 -8.87 -5.25 1.21
N VAL C 343 -8.74 -6.07 2.25
CA VAL C 343 -8.38 -5.54 3.61
C VAL C 343 -7.00 -4.87 3.51
N LEU C 344 -6.07 -5.43 2.70
CA LEU C 344 -4.72 -4.84 2.57
C LEU C 344 -4.86 -3.42 2.04
N GLY C 345 -5.58 -3.24 0.92
CA GLY C 345 -5.76 -1.92 0.32
C GLY C 345 -6.57 -1.00 1.21
N ASN C 346 -7.59 -1.50 1.90
CA ASN C 346 -8.33 -0.76 2.96
C ASN C 346 -7.32 -0.20 3.99
N ASP C 347 -6.28 -0.97 4.32
CA ASP C 347 -5.26 -0.58 5.33
C ASP C 347 -4.39 0.54 4.76
N THR C 348 -4.13 0.53 3.43
CA THR C 348 -3.38 1.62 2.79
C THR C 348 -4.19 2.91 2.92
N THR C 349 -5.46 2.87 2.50
CA THR C 349 -6.38 4.03 2.55
C THR C 349 -6.38 4.55 4.02
N ILE C 350 -6.57 3.68 4.99
CA ILE C 350 -6.76 4.09 6.41
C ILE C 350 -5.49 4.76 6.91
N SER C 351 -4.32 4.22 6.60
CA SER C 351 -3.00 4.71 7.09
C SER C 351 -2.70 6.08 6.49
N PHE C 352 -2.90 6.24 5.17
CA PHE C 352 -2.82 7.51 4.41
C PHE C 352 -3.66 8.56 5.13
N ALA C 353 -4.97 8.33 5.28
CA ALA C 353 -5.93 9.25 5.93
C ALA C 353 -5.52 9.50 7.39
N GLY C 354 -4.94 8.52 8.08
CA GLY C 354 -4.52 8.61 9.48
C GLY C 354 -3.46 9.68 9.66
N SER C 355 -2.57 9.80 8.67
CA SER C 355 -1.45 10.77 8.66
C SER C 355 -1.94 12.21 8.38
N GLN C 356 -3.17 12.41 7.89
CA GLN C 356 -3.54 13.66 7.18
C GLN C 356 -4.40 14.58 8.05
N GLY C 357 -4.38 14.42 9.37
CA GLY C 357 -5.05 15.44 10.19
C GLY C 357 -4.33 16.79 10.08
N HIS C 358 -5.06 17.89 10.24
CA HIS C 358 -4.55 19.28 10.26
C HIS C 358 -5.06 19.93 11.54
N PHE C 359 -4.14 20.42 12.36
CA PHE C 359 -4.44 21.18 13.60
C PHE C 359 -5.45 20.34 14.38
N GLU C 360 -6.65 20.86 14.64
CA GLU C 360 -7.57 20.34 15.70
C GLU C 360 -8.47 19.21 15.16
N LEU C 361 -8.46 18.95 13.84
CA LEU C 361 -9.40 17.95 13.28
C LEU C 361 -8.86 17.24 12.04
N ASN C 362 -8.91 15.90 12.08
CA ASN C 362 -8.73 15.02 10.90
C ASN C 362 -10.04 15.01 10.09
N VAL C 363 -10.01 15.47 8.85
CA VAL C 363 -11.24 15.51 8.03
C VAL C 363 -11.11 14.45 6.94
N PHE C 364 -10.82 13.22 7.35
CA PHE C 364 -10.82 11.99 6.50
C PHE C 364 -11.79 10.96 7.10
N LYS C 365 -12.80 11.43 7.84
CA LYS C 365 -13.52 10.56 8.80
C LYS C 365 -14.40 9.55 8.07
N PRO C 366 -15.22 9.95 7.07
CA PRO C 366 -16.16 9.01 6.44
C PRO C 366 -15.40 7.90 5.71
N VAL C 367 -14.34 8.25 4.99
CA VAL C 367 -13.54 7.26 4.20
C VAL C 367 -12.80 6.30 5.15
N MET C 368 -12.27 6.80 6.25
CA MET C 368 -11.69 5.91 7.30
C MET C 368 -12.75 4.93 7.80
N ALA C 369 -13.93 5.44 8.18
CA ALA C 369 -15.08 4.68 8.74
C ALA C 369 -15.57 3.61 7.77
N ALA C 370 -15.86 4.00 6.52
CA ALA C 370 -16.39 3.11 5.45
C ALA C 370 -15.39 1.96 5.25
N ASN C 371 -14.12 2.30 5.03
CA ASN C 371 -13.02 1.32 4.78
C ASN C 371 -12.92 0.40 6.01
N PHE C 372 -12.94 0.93 7.27
CA PHE C 372 -12.81 0.08 8.48
C PHE C 372 -13.99 -0.91 8.55
N LEU C 373 -15.22 -0.40 8.55
CA LEU C 373 -16.46 -1.21 8.65
C LEU C 373 -16.53 -2.27 7.53
N GLN C 374 -16.06 -1.97 6.33
CA GLN C 374 -16.09 -2.97 5.23
C GLN C 374 -15.11 -4.09 5.54
N SER C 375 -13.91 -3.78 6.00
CA SER C 375 -12.95 -4.85 6.35
C SER C 375 -13.58 -5.70 7.47
N ALA C 376 -14.13 -5.06 8.51
CA ALA C 376 -14.62 -5.81 9.69
C ALA C 376 -15.79 -6.71 9.23
N GLN C 377 -16.68 -6.19 8.35
CA GLN C 377 -17.83 -6.96 7.84
C GLN C 377 -17.34 -8.09 6.94
N LEU C 378 -16.44 -7.82 6.01
CA LEU C 378 -16.02 -8.90 5.05
C LEU C 378 -15.22 -9.97 5.80
N ILE C 379 -14.33 -9.61 6.73
CA ILE C 379 -13.55 -10.64 7.47
C ILE C 379 -14.55 -11.56 8.15
N ALA C 380 -15.58 -11.02 8.82
CA ALA C 380 -16.61 -11.78 9.56
C ALA C 380 -17.39 -12.70 8.59
N ASP C 381 -17.97 -12.13 7.55
CA ASP C 381 -18.80 -12.90 6.57
C ASP C 381 -17.98 -14.06 5.98
N VAL C 382 -16.75 -13.84 5.49
CA VAL C 382 -16.03 -14.92 4.76
C VAL C 382 -15.47 -15.96 5.73
N CYS C 383 -15.18 -15.57 6.97
CA CYS C 383 -14.73 -16.52 8.02
C CYS C 383 -15.82 -17.50 8.40
N ILE C 384 -17.07 -17.03 8.57
CA ILE C 384 -18.26 -17.91 8.75
C ILE C 384 -18.47 -18.72 7.46
N SER C 385 -18.58 -18.09 6.29
CA SER C 385 -18.78 -18.87 5.04
C SER C 385 -17.70 -19.95 4.90
N PHE C 386 -16.42 -19.61 4.99
CA PHE C 386 -15.30 -20.58 4.88
C PHE C 386 -15.39 -21.68 5.95
N ASP C 387 -15.73 -21.35 7.21
CA ASP C 387 -15.82 -22.38 8.28
C ASP C 387 -16.94 -23.37 7.93
N GLU C 388 -18.10 -22.83 7.60
CA GLU C 388 -19.32 -23.62 7.32
C GLU C 388 -19.14 -24.43 6.02
N HIS C 389 -18.57 -23.87 4.95
CA HIS C 389 -18.69 -24.46 3.58
C HIS C 389 -17.39 -25.13 3.11
N CYS C 390 -16.34 -25.13 3.94
CA CYS C 390 -15.01 -25.73 3.62
C CYS C 390 -14.32 -26.25 4.90
N ALA C 391 -13.92 -25.36 5.80
CA ALA C 391 -13.04 -25.76 6.93
C ALA C 391 -13.61 -27.01 7.62
N THR C 392 -14.91 -27.01 7.97
CA THR C 392 -15.56 -28.06 8.82
C THR C 392 -15.47 -29.43 8.13
N GLY C 393 -15.50 -29.48 6.79
CA GLY C 393 -15.63 -30.73 6.03
C GLY C 393 -14.30 -31.19 5.46
N ILE C 394 -13.15 -30.58 5.84
CA ILE C 394 -11.82 -30.94 5.25
C ILE C 394 -11.48 -32.34 5.74
N GLN C 395 -11.03 -33.21 4.83
CA GLN C 395 -10.60 -34.59 5.17
C GLN C 395 -9.30 -34.91 4.43
N PRO C 396 -8.41 -35.73 5.02
CA PRO C 396 -7.19 -36.17 4.34
C PRO C 396 -7.49 -37.14 3.21
N ASN C 397 -6.87 -36.96 2.05
CA ASN C 397 -6.88 -37.97 0.95
C ASN C 397 -5.77 -39.02 1.23
N THR C 398 -6.10 -40.02 2.08
CA THR C 398 -5.18 -40.93 2.81
C THR C 398 -4.24 -41.69 1.85
N PRO C 399 -4.72 -42.32 0.74
CA PRO C 399 -3.81 -43.03 -0.18
C PRO C 399 -2.77 -42.06 -0.77
N ARG C 400 -3.25 -40.88 -1.18
CA ARG C 400 -2.46 -39.82 -1.84
C ARG C 400 -1.39 -39.29 -0.88
N ILE C 401 -1.77 -38.92 0.35
CA ILE C 401 -0.80 -38.54 1.43
C ILE C 401 0.31 -39.60 1.49
N GLN C 402 -0.04 -40.88 1.57
CA GLN C 402 0.98 -41.94 1.80
C GLN C 402 1.91 -42.07 0.58
N HIS C 403 1.39 -41.99 -0.65
CA HIS C 403 2.25 -41.96 -1.88
C HIS C 403 3.21 -40.78 -1.77
N LEU C 404 2.70 -39.55 -1.58
CA LEU C 404 3.58 -38.34 -1.60
C LEU C 404 4.59 -38.38 -0.43
N LEU C 405 4.26 -38.98 0.72
CA LEU C 405 5.17 -39.09 1.88
C LEU C 405 6.38 -39.98 1.53
N ASP C 406 6.09 -41.19 1.07
CA ASP C 406 7.12 -42.22 0.76
C ASP C 406 7.93 -41.80 -0.48
N SER C 407 7.43 -40.85 -1.28
CA SER C 407 8.17 -40.44 -2.50
C SER C 407 9.35 -39.49 -2.18
N SER C 408 9.33 -38.75 -1.05
CA SER C 408 10.31 -37.66 -0.77
C SER C 408 11.73 -38.23 -0.51
N LEU C 409 12.72 -37.82 -1.29
CA LEU C 409 14.13 -38.23 -1.03
C LEU C 409 14.63 -37.62 0.29
N MET C 410 13.93 -36.63 0.86
CA MET C 410 14.46 -35.87 2.02
C MET C 410 14.07 -36.52 3.34
N LEU C 411 13.41 -37.68 3.29
CA LEU C 411 13.38 -38.67 4.41
C LEU C 411 14.84 -39.00 4.78
N VAL C 412 15.77 -38.83 3.84
CA VAL C 412 17.22 -39.13 4.07
C VAL C 412 17.71 -38.35 5.30
N THR C 413 17.08 -37.21 5.59
CA THR C 413 17.45 -36.31 6.71
C THR C 413 17.51 -37.10 8.03
N ALA C 414 16.73 -38.15 8.16
CA ALA C 414 16.64 -39.02 9.36
C ALA C 414 18.00 -39.68 9.63
N LEU C 415 18.88 -39.67 8.62
CA LEU C 415 20.16 -40.38 8.69
C LEU C 415 21.31 -39.44 9.07
N ASN C 416 21.07 -38.12 9.09
CA ASN C 416 22.04 -37.08 9.50
C ASN C 416 22.77 -37.55 10.77
N THR C 417 22.09 -37.86 11.88
CA THR C 417 22.80 -38.08 13.18
C THR C 417 23.41 -39.49 13.24
N HIS C 418 23.30 -40.27 12.15
CA HIS C 418 23.89 -41.62 12.08
C HIS C 418 25.12 -41.57 11.19
N ILE C 419 25.00 -41.04 9.95
CA ILE C 419 26.09 -41.03 8.93
C ILE C 419 26.60 -39.62 8.62
N GLY C 420 26.01 -38.56 9.17
CA GLY C 420 26.44 -37.17 8.98
C GLY C 420 25.97 -36.58 7.63
N TYR C 421 26.05 -35.26 7.53
CA TYR C 421 25.45 -34.46 6.43
C TYR C 421 25.90 -35.02 5.05
N GLU C 422 27.21 -35.17 4.80
CA GLU C 422 27.76 -35.36 3.43
C GLU C 422 27.39 -36.77 2.91
N ASN C 423 27.46 -37.81 3.75
CA ASN C 423 27.03 -39.20 3.41
C ASN C 423 25.53 -39.21 3.11
N ALA C 424 24.70 -38.60 3.97
CA ALA C 424 23.25 -38.53 3.70
C ALA C 424 23.01 -37.94 2.30
N ALA C 425 23.73 -36.88 1.93
CA ALA C 425 23.51 -36.13 0.69
C ALA C 425 23.90 -36.98 -0.54
N LYS C 426 24.95 -37.80 -0.41
CA LYS C 426 25.43 -38.79 -1.41
C LYS C 426 24.26 -39.73 -1.79
N ILE C 427 23.57 -40.26 -0.80
CA ILE C 427 22.40 -41.15 -1.01
C ILE C 427 21.30 -40.41 -1.79
N ALA C 428 20.83 -39.25 -1.29
CA ALA C 428 19.74 -38.48 -1.92
C ALA C 428 20.16 -38.08 -3.35
N LYS C 429 21.38 -37.57 -3.55
CA LYS C 429 21.85 -37.10 -4.86
C LYS C 429 21.93 -38.28 -5.83
N THR C 430 22.45 -39.40 -5.37
CA THR C 430 22.56 -40.60 -6.23
C THR C 430 21.18 -41.08 -6.64
N ALA C 431 20.29 -41.21 -5.67
CA ALA C 431 18.86 -41.55 -5.86
C ALA C 431 18.26 -40.57 -6.89
N HIS C 432 18.37 -39.28 -6.65
CA HIS C 432 17.85 -38.24 -7.56
C HIS C 432 18.45 -38.46 -8.96
N LYS C 433 19.75 -38.72 -9.06
CA LYS C 433 20.49 -38.88 -10.34
C LYS C 433 20.05 -40.17 -11.06
N ASN C 434 19.82 -41.27 -10.34
CA ASN C 434 19.54 -42.61 -10.93
C ASN C 434 18.04 -42.83 -11.18
N GLY C 435 17.19 -41.97 -10.63
CA GLY C 435 15.72 -42.13 -10.64
C GLY C 435 15.31 -43.34 -9.82
N THR C 436 16.13 -43.70 -8.84
CA THR C 436 15.92 -44.86 -7.96
C THR C 436 15.31 -44.34 -6.64
N THR C 437 15.16 -45.24 -5.69
CA THR C 437 14.61 -45.00 -4.33
C THR C 437 15.77 -44.74 -3.37
N LEU C 438 15.51 -44.01 -2.29
CA LEU C 438 16.47 -43.76 -1.17
C LEU C 438 17.05 -45.06 -0.65
N ARG C 439 16.16 -45.96 -0.23
CA ARG C 439 16.51 -47.30 0.30
C ARG C 439 17.46 -47.98 -0.69
N GLU C 440 17.04 -48.10 -1.96
CA GLU C 440 17.83 -48.78 -3.02
C GLU C 440 19.29 -48.35 -2.86
N GLU C 441 19.52 -47.03 -2.86
CA GLU C 441 20.86 -46.39 -3.01
C GLU C 441 21.59 -46.35 -1.67
N ALA C 442 20.93 -46.05 -0.55
CA ALA C 442 21.57 -46.12 0.79
C ALA C 442 22.33 -47.46 0.88
N ILE C 443 21.60 -48.54 0.57
CA ILE C 443 22.03 -49.97 0.59
C ILE C 443 23.08 -50.19 -0.49
N ASN C 444 22.75 -49.76 -1.71
CA ASN C 444 23.60 -49.91 -2.93
C ASN C 444 25.00 -49.33 -2.69
N LEU C 445 25.13 -48.14 -2.07
CA LEU C 445 26.44 -47.51 -1.75
C LEU C 445 27.01 -48.09 -0.46
N GLY C 446 26.17 -48.79 0.33
CA GLY C 446 26.60 -49.37 1.61
C GLY C 446 26.94 -48.34 2.66
N LEU C 447 26.17 -47.27 2.72
CA LEU C 447 26.27 -46.23 3.78
C LEU C 447 25.36 -46.65 4.94
N VAL C 448 24.29 -47.42 4.63
CA VAL C 448 23.33 -48.02 5.61
C VAL C 448 23.04 -49.45 5.16
N SER C 449 23.03 -50.40 6.10
CA SER C 449 22.41 -51.76 5.98
C SER C 449 20.90 -51.64 5.75
N ALA C 450 20.29 -52.61 5.09
CA ALA C 450 18.82 -52.73 4.89
C ALA C 450 18.10 -52.69 6.22
N GLU C 451 18.64 -53.34 7.26
CA GLU C 451 17.98 -53.50 8.59
C GLU C 451 17.97 -52.15 9.31
N ASP C 452 19.12 -51.48 9.35
CA ASP C 452 19.30 -50.15 9.99
C ASP C 452 18.38 -49.14 9.27
N PHE C 453 18.34 -49.13 7.94
CA PHE C 453 17.56 -48.14 7.15
C PHE C 453 16.08 -48.28 7.50
N ASP C 454 15.62 -49.53 7.51
CA ASP C 454 14.21 -49.83 7.83
C ASP C 454 13.89 -49.43 9.28
N LYS C 455 14.88 -49.38 10.16
CA LYS C 455 14.68 -48.98 11.59
C LYS C 455 14.82 -47.47 11.72
N TRP C 456 15.65 -46.83 10.89
CA TRP C 456 16.13 -45.43 11.09
C TRP C 456 15.28 -44.44 10.29
N VAL C 457 14.79 -44.86 9.13
CA VAL C 457 14.03 -43.97 8.20
C VAL C 457 12.54 -44.30 8.34
N VAL C 458 11.93 -43.93 9.48
CA VAL C 458 10.48 -44.16 9.77
C VAL C 458 9.76 -42.82 9.93
N PRO C 459 8.97 -42.40 8.90
CA PRO C 459 8.25 -41.12 8.94
C PRO C 459 7.58 -40.79 10.27
N ALA C 460 6.93 -41.77 10.89
CA ALA C 460 6.15 -41.59 12.14
C ALA C 460 7.10 -41.24 13.29
N ASP C 461 8.38 -41.53 13.16
CA ASP C 461 9.41 -41.24 14.21
C ASP C 461 10.06 -39.88 13.95
N MET C 462 9.74 -39.28 12.81
CA MET C 462 10.37 -38.04 12.29
C MET C 462 9.51 -36.80 12.57
N VAL C 463 8.43 -36.90 13.36
CA VAL C 463 7.52 -35.75 13.66
C VAL C 463 7.69 -35.28 15.11
N GLY C 464 8.80 -35.62 15.75
CA GLY C 464 9.12 -35.22 17.14
C GLY C 464 10.63 -35.10 17.32
N SER C 465 11.13 -34.89 18.56
CA SER C 465 12.56 -34.78 18.93
C SER C 465 13.14 -36.14 19.35
N LEU C 466 14.48 -36.25 19.46
CA LEU C 466 15.28 -37.53 19.55
C LEU C 466 14.95 -38.33 20.83
N ALA D 5 -43.73 -21.33 -3.85
CA ALA D 5 -42.74 -20.23 -3.54
C ALA D 5 -41.34 -20.63 -4.05
N PHE D 6 -41.09 -21.94 -4.16
CA PHE D 6 -39.87 -22.55 -4.77
C PHE D 6 -40.27 -23.50 -5.89
N ARG D 7 -39.44 -23.60 -6.94
CA ARG D 7 -39.54 -24.65 -7.99
C ARG D 7 -38.19 -25.40 -8.07
N ILE D 8 -38.18 -26.59 -8.68
CA ILE D 8 -36.94 -27.40 -8.80
C ILE D 8 -36.25 -27.05 -10.11
N GLU D 9 -34.97 -26.71 -10.00
CA GLU D 9 -33.97 -26.67 -11.11
C GLU D 9 -32.82 -27.62 -10.72
N LYS D 10 -32.10 -28.12 -11.73
CA LYS D 10 -30.99 -29.09 -11.53
C LYS D 10 -29.74 -28.52 -12.20
N ASP D 11 -28.57 -28.88 -11.67
CA ASP D 11 -27.25 -28.73 -12.36
C ASP D 11 -26.63 -30.13 -12.37
N THR D 12 -25.39 -30.27 -12.81
CA THR D 12 -24.61 -31.52 -12.76
C THR D 12 -24.38 -31.99 -11.30
N MET D 13 -24.78 -31.24 -10.28
CA MET D 13 -24.57 -31.68 -8.86
C MET D 13 -25.88 -32.18 -8.22
N GLY D 14 -27.03 -31.89 -8.80
CA GLY D 14 -28.34 -32.39 -8.31
C GLY D 14 -29.37 -31.28 -8.27
N GLU D 15 -30.33 -31.39 -7.36
CA GLU D 15 -31.57 -30.58 -7.41
C GLU D 15 -31.45 -29.37 -6.49
N VAL D 16 -32.02 -28.25 -6.90
CA VAL D 16 -32.03 -27.00 -6.09
C VAL D 16 -33.41 -26.35 -6.12
N GLN D 17 -33.83 -25.92 -4.94
CA GLN D 17 -35.05 -25.09 -4.70
C GLN D 17 -34.73 -23.61 -4.99
N VAL D 18 -35.20 -23.15 -6.15
CA VAL D 18 -35.04 -21.77 -6.70
C VAL D 18 -36.34 -21.02 -6.44
N PRO D 19 -36.32 -19.74 -6.00
CA PRO D 19 -37.55 -18.96 -5.89
C PRO D 19 -38.35 -19.03 -7.21
N ALA D 20 -39.64 -19.39 -7.13
CA ALA D 20 -40.43 -19.84 -8.29
C ALA D 20 -40.57 -18.72 -9.32
N ASP D 21 -40.61 -17.47 -8.88
CA ASP D 21 -40.85 -16.30 -9.78
C ASP D 21 -39.53 -15.82 -10.44
N LYS D 22 -38.34 -16.28 -10.01
CA LYS D 22 -37.04 -15.77 -10.54
C LYS D 22 -36.58 -16.58 -11.76
N TYR D 23 -35.90 -15.86 -12.66
CA TYR D 23 -35.42 -16.33 -13.98
C TYR D 23 -34.09 -17.08 -13.81
N TRP D 24 -33.48 -17.03 -12.61
CA TRP D 24 -32.20 -17.74 -12.42
C TRP D 24 -32.48 -19.24 -12.17
N ALA D 25 -31.43 -20.05 -12.02
CA ALA D 25 -31.57 -21.51 -11.84
C ALA D 25 -30.62 -22.00 -10.74
N ALA D 26 -30.18 -23.25 -10.89
CA ALA D 26 -29.60 -24.01 -9.76
C ALA D 26 -28.29 -23.38 -9.32
N GLN D 27 -27.44 -22.94 -10.25
CA GLN D 27 -26.07 -22.48 -9.92
C GLN D 27 -26.18 -21.10 -9.25
N THR D 28 -26.99 -20.18 -9.80
CA THR D 28 -27.18 -18.83 -9.20
C THR D 28 -27.63 -19.00 -7.75
N GLU D 29 -28.62 -19.90 -7.54
CA GLU D 29 -29.29 -20.10 -6.24
C GLU D 29 -28.25 -20.60 -5.23
N ARG D 30 -27.46 -21.60 -5.63
CA ARG D 30 -26.33 -22.15 -4.82
C ARG D 30 -25.40 -21.00 -4.43
N SER D 31 -25.00 -20.20 -5.42
CA SER D 31 -24.05 -19.07 -5.19
C SER D 31 -24.66 -18.13 -4.15
N ARG D 32 -25.96 -17.83 -4.30
CA ARG D 32 -26.69 -16.86 -3.44
C ARG D 32 -26.64 -17.34 -1.97
N ASN D 33 -26.70 -18.65 -1.73
CA ASN D 33 -26.84 -19.21 -0.35
C ASN D 33 -25.47 -19.43 0.29
N ASN D 34 -24.46 -19.68 -0.56
CA ASN D 34 -23.12 -20.19 -0.16
C ASN D 34 -22.08 -19.07 -0.03
N PHE D 35 -22.35 -17.89 -0.58
CA PHE D 35 -21.45 -16.71 -0.50
C PHE D 35 -22.22 -15.52 0.09
N LYS D 36 -22.61 -15.67 1.37
CA LYS D 36 -23.28 -14.64 2.22
C LYS D 36 -22.21 -13.73 2.79
N ILE D 37 -21.57 -12.97 1.90
CA ILE D 37 -20.37 -12.12 2.18
C ILE D 37 -20.64 -10.73 1.59
N GLY D 38 -20.75 -9.75 2.46
CA GLY D 38 -21.00 -8.35 2.06
C GLY D 38 -22.50 -8.12 1.79
N PRO D 39 -22.87 -6.89 1.36
CA PRO D 39 -24.24 -6.60 0.95
C PRO D 39 -24.64 -7.48 -0.26
N ALA D 40 -25.90 -7.88 -0.25
CA ALA D 40 -26.55 -8.76 -1.25
C ALA D 40 -26.32 -8.15 -2.62
N ALA D 41 -26.16 -8.97 -3.65
CA ALA D 41 -26.07 -8.51 -5.06
C ALA D 41 -24.98 -7.44 -5.24
N SER D 42 -23.79 -7.59 -4.71
CA SER D 42 -22.69 -6.58 -4.85
C SER D 42 -22.03 -6.63 -6.25
N MET D 43 -22.13 -7.70 -7.03
CA MET D 43 -21.44 -7.71 -8.34
C MET D 43 -21.83 -6.43 -9.08
N PRO D 44 -20.90 -5.56 -9.54
CA PRO D 44 -21.29 -4.26 -10.08
C PRO D 44 -22.16 -4.38 -11.34
N HIS D 45 -23.18 -3.52 -11.47
CA HIS D 45 -24.13 -3.50 -12.62
C HIS D 45 -23.36 -3.37 -13.94
N GLU D 46 -22.20 -2.71 -13.95
CA GLU D 46 -21.41 -2.51 -15.21
C GLU D 46 -20.88 -3.88 -15.71
N ILE D 47 -20.55 -4.80 -14.79
CA ILE D 47 -20.08 -6.17 -15.15
C ILE D 47 -21.26 -6.93 -15.82
N ILE D 48 -22.46 -6.85 -15.21
CA ILE D 48 -23.74 -7.41 -15.76
C ILE D 48 -24.01 -6.85 -17.17
N GLU D 49 -23.92 -5.52 -17.33
CA GLU D 49 -24.11 -4.78 -18.63
C GLU D 49 -23.10 -5.27 -19.67
N ALA D 50 -21.79 -5.22 -19.35
CA ALA D 50 -20.73 -5.77 -20.21
C ALA D 50 -21.11 -7.18 -20.64
N PHE D 51 -21.55 -8.02 -19.72
CA PHE D 51 -21.96 -9.43 -19.99
C PHE D 51 -23.11 -9.42 -20.99
N GLY D 52 -24.10 -8.53 -20.82
CA GLY D 52 -25.21 -8.34 -21.76
C GLY D 52 -24.71 -8.18 -23.20
N TYR D 53 -23.80 -7.25 -23.40
CA TYR D 53 -23.06 -7.03 -24.68
C TYR D 53 -22.36 -8.30 -25.21
N LEU D 54 -21.61 -9.02 -24.38
CA LEU D 54 -20.68 -10.06 -24.92
C LEU D 54 -21.42 -11.38 -25.15
N LYS D 55 -22.46 -11.68 -24.38
CA LYS D 55 -23.36 -12.87 -24.59
C LYS D 55 -24.11 -12.71 -25.92
N LYS D 56 -24.56 -11.51 -26.26
CA LYS D 56 -25.21 -11.20 -27.56
C LYS D 56 -24.22 -11.38 -28.70
N ALA D 57 -23.09 -10.69 -28.64
CA ALA D 57 -21.89 -10.89 -29.49
C ALA D 57 -21.59 -12.38 -29.71
N ALA D 58 -21.44 -13.17 -28.64
CA ALA D 58 -21.07 -14.59 -28.77
C ALA D 58 -22.10 -15.31 -29.67
N ALA D 59 -23.38 -15.01 -29.47
CA ALA D 59 -24.53 -15.67 -30.11
C ALA D 59 -24.49 -15.32 -31.60
N PHE D 60 -24.22 -14.05 -31.89
CA PHE D 60 -24.18 -13.52 -33.28
C PHE D 60 -22.96 -14.10 -34.00
N ALA D 61 -21.80 -14.12 -33.35
CA ALA D 61 -20.58 -14.79 -33.82
C ALA D 61 -20.88 -16.29 -34.08
N ASN D 62 -21.41 -16.99 -33.09
CA ASN D 62 -21.66 -18.46 -33.18
C ASN D 62 -22.53 -18.77 -34.41
N THR D 63 -23.58 -17.95 -34.67
CA THR D 63 -24.45 -18.15 -35.85
C THR D 63 -23.67 -17.91 -37.14
N ASP D 64 -22.90 -16.81 -37.31
CA ASP D 64 -22.17 -16.53 -38.60
C ASP D 64 -21.17 -17.65 -38.90
N LEU D 65 -20.69 -18.32 -37.85
CA LEU D 65 -19.74 -19.45 -37.94
C LEU D 65 -20.48 -20.79 -38.06
N GLY D 66 -21.82 -20.79 -38.17
CA GLY D 66 -22.69 -21.97 -38.36
C GLY D 66 -22.75 -22.94 -37.16
N VAL D 67 -22.58 -22.51 -35.92
CA VAL D 67 -22.64 -23.49 -34.78
C VAL D 67 -23.82 -23.19 -33.83
N LEU D 68 -24.51 -22.06 -34.00
CA LEU D 68 -25.76 -21.77 -33.25
C LEU D 68 -26.87 -21.47 -34.26
N PRO D 69 -28.03 -22.14 -34.17
CA PRO D 69 -29.16 -21.79 -35.03
C PRO D 69 -29.57 -20.33 -34.80
N ALA D 70 -29.98 -19.65 -35.87
CA ALA D 70 -30.41 -18.24 -35.89
C ALA D 70 -31.61 -18.01 -34.96
N GLU D 71 -32.54 -18.98 -34.86
CA GLU D 71 -33.74 -18.88 -34.00
C GLU D 71 -33.27 -18.68 -32.56
N LYS D 72 -32.17 -19.34 -32.19
CA LYS D 72 -31.63 -19.30 -30.80
C LYS D 72 -30.81 -18.04 -30.63
N ARG D 73 -30.18 -17.53 -31.70
CA ARG D 73 -29.47 -16.23 -31.64
C ARG D 73 -30.48 -15.13 -31.29
N ASP D 74 -31.62 -15.13 -31.99
CA ASP D 74 -32.72 -14.13 -31.84
C ASP D 74 -33.23 -14.15 -30.40
N LEU D 75 -33.52 -15.34 -29.91
CA LEU D 75 -33.99 -15.47 -28.52
C LEU D 75 -32.94 -14.85 -27.60
N ILE D 76 -31.68 -15.28 -27.72
CA ILE D 76 -30.58 -14.89 -26.77
C ILE D 76 -30.40 -13.37 -26.81
N GLY D 77 -30.30 -12.81 -28.02
CA GLY D 77 -30.26 -11.35 -28.30
C GLY D 77 -31.37 -10.56 -27.63
N GLN D 78 -32.62 -11.04 -27.67
CA GLN D 78 -33.76 -10.30 -27.05
C GLN D 78 -33.58 -10.20 -25.53
N ALA D 79 -33.22 -11.31 -24.90
CA ALA D 79 -32.94 -11.42 -23.45
C ALA D 79 -31.81 -10.43 -23.12
N CYS D 80 -30.77 -10.39 -23.95
CA CYS D 80 -29.58 -9.54 -23.73
C CYS D 80 -29.98 -8.06 -23.84
N ASP D 81 -30.82 -7.73 -24.82
CA ASP D 81 -31.39 -6.37 -25.04
C ASP D 81 -32.19 -5.96 -23.79
N GLU D 82 -32.78 -6.92 -23.07
CA GLU D 82 -33.53 -6.67 -21.81
C GLU D 82 -32.56 -6.38 -20.67
N ILE D 83 -31.48 -7.14 -20.57
CA ILE D 83 -30.37 -6.84 -19.63
C ILE D 83 -29.85 -5.41 -19.89
N LEU D 84 -29.51 -5.09 -21.13
CA LEU D 84 -28.88 -3.82 -21.51
C LEU D 84 -29.81 -2.65 -21.16
N ALA D 85 -31.13 -2.85 -21.24
CA ALA D 85 -32.15 -1.82 -20.99
C ALA D 85 -32.61 -1.87 -19.53
N ARG D 86 -31.79 -2.42 -18.63
CA ARG D 86 -32.06 -2.51 -17.17
C ARG D 86 -33.50 -2.97 -16.93
N LYS D 87 -33.94 -4.03 -17.60
CA LYS D 87 -35.25 -4.68 -17.32
C LYS D 87 -35.07 -5.85 -16.34
N LEU D 88 -33.85 -6.33 -16.10
CA LEU D 88 -33.65 -7.64 -15.42
C LEU D 88 -32.78 -7.54 -14.18
N ASP D 89 -32.63 -6.34 -13.62
CA ASP D 89 -31.69 -6.05 -12.49
C ASP D 89 -31.95 -6.95 -11.26
N ASP D 90 -33.19 -7.35 -10.99
CA ASP D 90 -33.53 -8.18 -9.78
C ASP D 90 -33.28 -9.68 -10.05
N GLN D 91 -32.79 -10.04 -11.25
CA GLN D 91 -32.40 -11.44 -11.64
C GLN D 91 -30.92 -11.70 -11.37
N PHE D 92 -30.19 -10.74 -10.81
CA PHE D 92 -28.73 -10.85 -10.56
C PHE D 92 -28.45 -10.58 -9.08
N PRO D 93 -28.48 -11.62 -8.22
CA PRO D 93 -28.27 -11.44 -6.78
C PRO D 93 -26.90 -11.80 -6.19
N LEU D 94 -25.93 -12.11 -7.05
CA LEU D 94 -24.64 -12.68 -6.58
C LEU D 94 -23.70 -11.58 -6.13
N VAL D 95 -22.76 -11.95 -5.26
CA VAL D 95 -21.81 -11.01 -4.61
C VAL D 95 -20.47 -11.08 -5.36
N ILE D 96 -19.70 -9.99 -5.24
CA ILE D 96 -18.28 -9.83 -5.67
C ILE D 96 -17.48 -11.04 -5.16
N TRP D 97 -17.63 -11.32 -3.85
CA TRP D 97 -16.87 -12.29 -3.03
C TRP D 97 -17.40 -13.72 -3.27
N GLN D 98 -17.51 -14.11 -4.56
CA GLN D 98 -17.85 -15.48 -5.03
C GLN D 98 -16.57 -16.21 -5.47
N THR D 99 -16.70 -17.24 -6.31
CA THR D 99 -15.55 -17.86 -7.02
C THR D 99 -14.70 -16.73 -7.63
N GLY D 100 -13.38 -16.85 -7.48
CA GLY D 100 -12.34 -15.95 -7.98
C GLY D 100 -12.35 -15.76 -9.49
N SER D 101 -13.01 -16.63 -10.26
CA SER D 101 -13.04 -16.55 -11.74
C SER D 101 -14.25 -15.75 -12.24
N GLY D 102 -15.22 -15.54 -11.34
CA GLY D 102 -16.57 -15.07 -11.71
C GLY D 102 -17.45 -16.12 -12.40
N THR D 103 -17.14 -17.42 -12.31
CA THR D 103 -17.91 -18.56 -12.88
C THR D 103 -19.40 -18.39 -12.56
N GLN D 104 -19.70 -18.06 -11.29
CA GLN D 104 -21.09 -18.05 -10.74
C GLN D 104 -21.88 -16.93 -11.39
N SER D 105 -21.30 -15.75 -11.58
CA SER D 105 -21.96 -14.67 -12.35
C SER D 105 -22.06 -15.09 -13.83
N ASN D 106 -21.09 -15.83 -14.40
CA ASN D 106 -21.17 -16.26 -15.82
C ASN D 106 -22.44 -17.08 -15.98
N MET D 107 -22.66 -18.00 -15.03
CA MET D 107 -23.76 -18.99 -15.03
C MET D 107 -25.08 -18.26 -14.69
N ASN D 108 -25.01 -17.16 -13.92
CA ASN D 108 -26.15 -16.23 -13.60
C ASN D 108 -26.67 -15.64 -14.93
N LEU D 109 -25.78 -15.13 -15.76
CA LEU D 109 -26.12 -14.69 -17.14
C LEU D 109 -26.74 -15.81 -17.94
N ASN D 110 -26.05 -16.95 -18.00
CA ASN D 110 -26.41 -18.16 -18.76
C ASN D 110 -27.82 -18.61 -18.37
N GLU D 111 -28.08 -18.74 -17.06
CA GLU D 111 -29.37 -19.29 -16.55
C GLU D 111 -30.49 -18.27 -16.86
N VAL D 112 -30.26 -16.97 -16.66
CA VAL D 112 -31.33 -15.95 -16.82
C VAL D 112 -31.61 -15.77 -18.32
N ILE D 113 -30.60 -15.82 -19.17
CA ILE D 113 -30.80 -15.71 -20.64
C ILE D 113 -31.62 -16.91 -21.08
N ALA D 114 -31.20 -18.11 -20.68
CA ALA D 114 -31.82 -19.39 -21.08
C ALA D 114 -33.30 -19.39 -20.68
N ASN D 115 -33.59 -19.15 -19.40
CA ASN D 115 -34.95 -19.08 -18.83
C ASN D 115 -35.77 -17.96 -19.50
N ARG D 116 -35.22 -16.76 -19.59
CA ARG D 116 -35.90 -15.62 -20.22
C ARG D 116 -36.20 -15.98 -21.69
N ALA D 117 -35.25 -16.58 -22.39
CA ALA D 117 -35.43 -17.00 -23.80
C ALA D 117 -36.64 -17.93 -23.91
N HIS D 118 -36.77 -18.85 -22.95
CA HIS D 118 -37.85 -19.88 -22.88
C HIS D 118 -39.21 -19.18 -22.93
N VAL D 119 -39.42 -18.23 -22.01
CA VAL D 119 -40.66 -17.44 -21.80
C VAL D 119 -40.93 -16.53 -23.00
N ILE D 120 -39.91 -15.86 -23.55
CA ILE D 120 -40.05 -15.04 -24.80
C ILE D 120 -40.63 -15.92 -25.92
N ASN D 121 -40.32 -17.22 -25.96
CA ASN D 121 -40.63 -18.13 -27.10
C ASN D 121 -42.05 -18.64 -26.90
N GLY D 122 -42.57 -18.55 -25.67
CA GLY D 122 -43.98 -18.82 -25.35
C GLY D 122 -44.12 -19.87 -24.26
N GLY D 123 -42.99 -20.40 -23.76
CA GLY D 123 -43.01 -21.43 -22.71
C GLY D 123 -43.25 -20.84 -21.35
N LYS D 124 -43.16 -21.65 -20.30
CA LYS D 124 -43.44 -21.22 -18.91
C LYS D 124 -42.22 -21.50 -18.01
N LEU D 125 -41.87 -20.53 -17.17
CA LEU D 125 -40.75 -20.64 -16.20
C LEU D 125 -40.93 -21.91 -15.34
N GLY D 126 -39.92 -22.78 -15.28
CA GLY D 126 -39.98 -24.04 -14.51
C GLY D 126 -40.01 -25.26 -15.42
N GLU D 127 -40.49 -25.11 -16.65
CA GLU D 127 -40.36 -26.12 -17.71
C GLU D 127 -38.91 -26.09 -18.24
N LYS D 128 -38.41 -27.21 -18.74
CA LYS D 128 -37.07 -27.32 -19.36
C LYS D 128 -36.98 -26.32 -20.53
N SER D 129 -35.95 -25.48 -20.52
CA SER D 129 -35.79 -24.33 -21.44
C SER D 129 -35.48 -24.86 -22.84
N ILE D 130 -36.04 -24.26 -23.87
CA ILE D 130 -35.72 -24.63 -25.27
C ILE D 130 -34.23 -24.28 -25.52
N ILE D 131 -33.64 -23.42 -24.69
CA ILE D 131 -32.24 -22.88 -24.82
C ILE D 131 -31.44 -23.41 -23.62
N HIS D 132 -30.28 -23.99 -23.88
CA HIS D 132 -29.46 -24.62 -22.80
C HIS D 132 -28.52 -23.56 -22.22
N PRO D 133 -28.45 -23.41 -20.88
CA PRO D 133 -27.51 -22.47 -20.27
C PRO D 133 -26.03 -22.73 -20.63
N ASN D 134 -25.57 -23.98 -20.67
CA ASN D 134 -24.18 -24.29 -21.10
C ASN D 134 -24.09 -24.41 -22.64
N ASP D 135 -24.84 -25.32 -23.23
CA ASP D 135 -24.63 -25.73 -24.63
C ASP D 135 -24.94 -24.57 -25.60
N ASP D 136 -25.92 -23.71 -25.32
CA ASP D 136 -26.36 -22.64 -26.25
C ASP D 136 -25.82 -21.27 -25.79
N VAL D 137 -26.23 -20.77 -24.60
CA VAL D 137 -25.94 -19.37 -24.20
C VAL D 137 -24.42 -19.20 -23.99
N ASN D 138 -23.77 -20.27 -23.52
CA ASN D 138 -22.33 -20.33 -23.17
C ASN D 138 -21.56 -21.07 -24.28
N LYS D 139 -22.16 -21.20 -25.48
CA LYS D 139 -21.53 -21.95 -26.61
C LYS D 139 -20.22 -21.22 -26.97
N SER D 140 -19.11 -21.96 -26.94
CA SER D 140 -17.77 -21.53 -27.36
C SER D 140 -17.15 -20.60 -26.33
N GLN D 141 -17.64 -20.58 -25.08
CA GLN D 141 -17.14 -19.61 -24.07
C GLN D 141 -16.79 -20.35 -22.79
N SER D 142 -15.98 -19.70 -21.96
CA SER D 142 -15.69 -20.08 -20.57
C SER D 142 -16.10 -18.92 -19.68
N SER D 143 -16.09 -19.08 -18.35
CA SER D 143 -16.12 -17.95 -17.40
C SER D 143 -14.75 -17.26 -17.51
N ASN D 144 -13.74 -18.02 -17.94
CA ASN D 144 -12.31 -17.63 -17.88
C ASN D 144 -12.00 -16.54 -18.90
N ASP D 145 -12.62 -16.58 -20.09
CA ASP D 145 -12.50 -15.58 -21.17
C ASP D 145 -13.68 -14.59 -21.16
N THR D 146 -14.90 -15.01 -20.77
CA THR D 146 -16.07 -14.09 -20.65
C THR D 146 -15.87 -13.06 -19.53
N TYR D 147 -15.42 -13.45 -18.32
CA TYR D 147 -15.42 -12.53 -17.15
C TYR D 147 -14.31 -11.48 -17.31
N PRO D 148 -13.10 -11.82 -17.80
CA PRO D 148 -12.18 -10.78 -18.27
C PRO D 148 -12.75 -9.92 -19.43
N THR D 149 -13.55 -10.46 -20.35
CA THR D 149 -14.11 -9.61 -21.42
C THR D 149 -15.08 -8.60 -20.78
N ALA D 150 -15.85 -9.05 -19.81
CA ALA D 150 -16.78 -8.21 -19.03
C ALA D 150 -16.01 -7.07 -18.33
N MET D 151 -14.98 -7.41 -17.56
CA MET D 151 -14.09 -6.44 -16.85
C MET D 151 -13.56 -5.37 -17.84
N HIS D 152 -12.96 -5.77 -18.95
CA HIS D 152 -12.37 -4.86 -19.96
C HIS D 152 -13.44 -3.95 -20.58
N ILE D 153 -14.59 -4.49 -20.94
CA ILE D 153 -15.67 -3.70 -21.56
C ILE D 153 -16.15 -2.65 -20.55
N ALA D 154 -16.33 -3.05 -19.28
CA ALA D 154 -16.86 -2.16 -18.22
C ALA D 154 -15.84 -1.09 -17.88
N ALA D 155 -14.56 -1.48 -17.74
CA ALA D 155 -13.41 -0.61 -17.38
C ALA D 155 -13.14 0.39 -18.50
N TYR D 156 -13.01 -0.06 -19.75
CA TYR D 156 -12.84 0.84 -20.93
C TYR D 156 -13.99 1.84 -20.96
N LYS D 157 -15.22 1.34 -21.04
CA LYS D 157 -16.44 2.19 -21.17
C LYS D 157 -16.44 3.29 -20.11
N LYS D 158 -16.22 2.93 -18.84
CA LYS D 158 -16.20 3.86 -17.71
C LYS D 158 -15.10 4.94 -17.90
N VAL D 159 -13.87 4.54 -18.17
CA VAL D 159 -12.74 5.51 -18.35
C VAL D 159 -13.03 6.50 -19.49
N VAL D 160 -13.43 6.04 -20.69
CA VAL D 160 -13.61 6.95 -21.86
C VAL D 160 -14.95 7.72 -21.82
N GLU D 161 -16.02 7.18 -21.22
CA GLU D 161 -17.34 7.85 -21.16
C GLU D 161 -17.46 8.72 -19.91
N ALA D 162 -16.77 8.37 -18.81
CA ALA D 162 -16.93 9.03 -17.49
C ALA D 162 -15.61 9.70 -17.04
N THR D 163 -14.56 8.93 -16.78
CA THR D 163 -13.34 9.44 -16.09
C THR D 163 -12.64 10.51 -16.94
N ILE D 164 -12.25 10.18 -18.18
CA ILE D 164 -11.50 11.12 -19.05
C ILE D 164 -12.30 12.42 -19.25
N PRO D 165 -13.60 12.41 -19.63
CA PRO D 165 -14.35 13.65 -19.80
C PRO D 165 -14.48 14.51 -18.54
N ALA D 166 -14.70 13.88 -17.37
CA ALA D 166 -14.71 14.57 -16.06
C ALA D 166 -13.38 15.30 -15.83
N VAL D 167 -12.26 14.57 -15.98
CA VAL D 167 -10.87 15.05 -15.78
C VAL D 167 -10.56 16.15 -16.80
N GLU D 168 -10.99 15.99 -18.06
CA GLU D 168 -10.85 17.00 -19.15
C GLU D 168 -11.60 18.29 -18.81
N ARG D 169 -12.83 18.18 -18.29
CA ARG D 169 -13.64 19.35 -17.84
C ARG D 169 -12.89 20.09 -16.71
N LEU D 170 -12.26 19.40 -15.77
CA LEU D 170 -11.60 20.12 -14.64
C LEU D 170 -10.31 20.76 -15.17
N GLN D 171 -9.54 20.03 -15.97
CA GLN D 171 -8.29 20.52 -16.60
C GLN D 171 -8.56 21.88 -17.27
N LYS D 172 -9.67 21.98 -18.03
CA LYS D 172 -10.03 23.18 -18.82
C LYS D 172 -10.43 24.33 -17.89
N THR D 173 -11.18 24.08 -16.81
CA THR D 173 -11.51 25.14 -15.83
C THR D 173 -10.22 25.66 -15.19
N LEU D 174 -9.36 24.75 -14.72
CA LEU D 174 -8.01 25.07 -14.19
C LEU D 174 -7.23 25.93 -15.19
N ALA D 175 -7.27 25.62 -16.50
CA ALA D 175 -6.52 26.36 -17.54
C ALA D 175 -7.17 27.73 -17.75
N ALA D 176 -8.49 27.82 -17.80
CA ALA D 176 -9.22 29.10 -17.87
C ALA D 176 -8.83 29.99 -16.69
N LYS D 177 -8.70 29.39 -15.49
CA LYS D 177 -8.35 30.15 -14.26
C LYS D 177 -6.89 30.61 -14.36
N ALA D 178 -5.98 29.80 -14.92
CA ALA D 178 -4.58 30.22 -15.22
C ALA D 178 -4.56 31.46 -16.14
N ALA D 179 -5.36 31.48 -17.22
CA ALA D 179 -5.49 32.67 -18.11
C ALA D 179 -6.23 33.80 -17.39
N GLU D 180 -7.37 33.54 -16.74
CA GLU D 180 -8.08 34.53 -15.92
C GLU D 180 -7.11 35.23 -14.93
N PHE D 181 -6.31 34.51 -14.13
CA PHE D 181 -5.49 35.13 -13.06
C PHE D 181 -4.04 35.40 -13.47
N LYS D 182 -3.80 35.64 -14.76
CA LYS D 182 -2.44 35.73 -15.36
C LYS D 182 -1.68 36.96 -14.83
N ASP D 183 -2.36 38.02 -14.37
CA ASP D 183 -1.68 39.27 -13.89
C ASP D 183 -1.83 39.42 -12.38
N VAL D 184 -2.40 38.43 -11.71
CA VAL D 184 -2.56 38.49 -10.22
C VAL D 184 -1.28 37.99 -9.57
N VAL D 185 -0.40 38.90 -9.13
CA VAL D 185 0.90 38.53 -8.55
C VAL D 185 0.66 38.18 -7.08
N LYS D 186 1.15 37.02 -6.66
CA LYS D 186 1.02 36.55 -5.25
C LYS D 186 2.38 36.06 -4.77
N ILE D 187 2.51 35.80 -3.48
CA ILE D 187 3.80 35.27 -3.00
C ILE D 187 3.83 33.75 -3.18
N GLY D 188 4.99 33.23 -3.58
CA GLY D 188 5.29 31.79 -3.61
C GLY D 188 5.51 31.28 -2.20
N ARG D 189 5.26 29.99 -1.96
CA ARG D 189 5.66 29.30 -0.71
C ARG D 189 6.34 27.99 -1.06
N THR D 190 7.52 27.80 -0.49
CA THR D 190 8.30 26.55 -0.55
C THR D 190 8.55 26.15 0.90
N HIS D 191 8.43 24.86 1.21
CA HIS D 191 8.56 24.36 2.61
C HIS D 191 7.51 25.01 3.53
N LEU D 192 6.44 25.59 2.98
CA LEU D 192 5.37 26.33 3.70
C LEU D 192 5.86 27.73 4.10
N MET D 193 7.14 28.07 3.85
CA MET D 193 7.78 29.36 4.21
C MET D 193 7.75 30.34 3.01
N ASP D 194 7.65 31.64 3.32
CA ASP D 194 7.43 32.74 2.34
C ASP D 194 8.59 32.70 1.35
N ALA D 195 8.30 32.77 0.05
CA ALA D 195 9.32 32.66 -1.00
C ALA D 195 9.18 33.86 -1.95
N THR D 196 9.38 33.63 -3.26
CA THR D 196 9.49 34.69 -4.30
C THR D 196 8.23 34.67 -5.15
N PRO D 197 7.93 35.77 -5.88
CA PRO D 197 6.63 35.90 -6.52
C PRO D 197 6.38 34.88 -7.66
N LEU D 198 5.12 34.49 -7.83
CA LEU D 198 4.53 33.96 -9.10
C LEU D 198 3.09 34.48 -9.20
N THR D 199 2.49 34.39 -10.38
CA THR D 199 1.08 34.83 -10.56
C THR D 199 0.20 33.69 -10.04
N LEU D 200 -0.99 34.03 -9.54
CA LEU D 200 -2.07 33.06 -9.31
C LEU D 200 -2.33 32.29 -10.61
N GLY D 201 -2.25 32.95 -11.78
CA GLY D 201 -2.38 32.30 -13.11
C GLY D 201 -1.41 31.12 -13.24
N GLN D 202 -0.12 31.38 -13.01
CA GLN D 202 0.99 30.38 -13.13
C GLN D 202 0.72 29.18 -12.20
N GLU D 203 0.34 29.45 -10.94
CA GLU D 203 0.03 28.41 -9.92
C GLU D 203 -1.05 27.48 -10.47
N PHE D 204 -2.17 28.04 -10.94
CA PHE D 204 -3.24 27.24 -11.58
C PHE D 204 -2.73 26.60 -12.86
N SER D 205 -1.72 27.19 -13.50
CA SER D 205 -1.16 26.61 -14.74
C SER D 205 -0.43 25.30 -14.39
N GLY D 206 0.13 25.19 -13.17
CA GLY D 206 0.73 23.94 -12.67
C GLY D 206 -0.35 22.89 -12.52
N TYR D 207 -1.46 23.28 -11.91
CA TYR D 207 -2.64 22.39 -11.77
C TYR D 207 -3.09 21.93 -13.15
N ALA D 208 -3.42 22.81 -14.08
CA ALA D 208 -3.88 22.39 -15.43
C ALA D 208 -2.90 21.37 -16.03
N ALA D 209 -1.61 21.54 -15.85
CA ALA D 209 -0.54 20.74 -16.49
C ALA D 209 -0.47 19.35 -15.87
N GLN D 210 -0.61 19.27 -14.54
CA GLN D 210 -0.80 18.02 -13.77
C GLN D 210 -1.88 17.16 -14.46
N LEU D 211 -3.06 17.72 -14.73
CA LEU D 211 -4.20 16.93 -15.26
C LEU D 211 -4.00 16.66 -16.77
N SER D 212 -3.32 17.53 -17.51
CA SER D 212 -2.86 17.23 -18.88
C SER D 212 -1.93 16.03 -18.89
N PHE D 213 -1.02 15.90 -17.91
CA PHE D 213 -0.02 14.79 -17.88
C PHE D 213 -0.72 13.47 -17.53
N GLY D 214 -1.60 13.48 -16.51
CA GLY D 214 -2.54 12.43 -16.10
C GLY D 214 -3.43 11.91 -17.23
N LEU D 215 -4.16 12.77 -17.94
CA LEU D 215 -4.94 12.40 -19.14
C LEU D 215 -4.08 11.63 -20.14
N THR D 216 -2.82 12.02 -20.32
CA THR D 216 -1.89 11.38 -21.28
C THR D 216 -1.53 10.00 -20.72
N ALA D 217 -1.23 9.92 -19.41
CA ALA D 217 -0.84 8.68 -18.72
C ALA D 217 -1.98 7.66 -18.84
N ILE D 218 -3.23 8.06 -18.56
CA ILE D 218 -4.44 7.19 -18.72
C ILE D 218 -4.56 6.73 -20.19
N LYS D 219 -4.54 7.63 -21.16
CA LYS D 219 -4.80 7.23 -22.57
C LYS D 219 -3.73 6.25 -23.04
N ASN D 220 -2.51 6.39 -22.54
CA ASN D 220 -1.37 5.53 -22.93
C ASN D 220 -1.71 4.08 -22.58
N THR D 221 -2.64 3.86 -21.66
CA THR D 221 -2.95 2.50 -21.16
C THR D 221 -4.14 1.91 -21.93
N LEU D 222 -4.77 2.69 -22.80
CA LEU D 222 -6.06 2.26 -23.40
C LEU D 222 -5.81 1.14 -24.41
N PRO D 223 -4.69 1.15 -25.19
CA PRO D 223 -4.42 0.08 -26.15
C PRO D 223 -4.45 -1.35 -25.57
N HIS D 224 -3.90 -1.54 -24.35
CA HIS D 224 -3.85 -2.83 -23.61
C HIS D 224 -5.25 -3.15 -23.07
N LEU D 225 -5.95 -2.14 -22.51
CA LEU D 225 -7.30 -2.29 -21.89
C LEU D 225 -8.36 -2.69 -22.93
N ARG D 226 -8.18 -2.38 -24.22
CA ARG D 226 -9.20 -2.66 -25.28
C ARG D 226 -9.03 -4.08 -25.84
N GLN D 227 -7.98 -4.79 -25.42
CA GLN D 227 -7.79 -6.23 -25.75
C GLN D 227 -8.74 -7.08 -24.93
N LEU D 228 -9.50 -7.92 -25.63
CA LEU D 228 -10.52 -8.83 -25.03
C LEU D 228 -10.03 -10.28 -25.15
N ALA D 229 -10.11 -10.99 -24.03
CA ALA D 229 -9.78 -12.42 -23.83
C ALA D 229 -10.74 -13.33 -24.60
N LEU D 230 -11.95 -12.87 -24.92
CA LEU D 230 -13.02 -13.79 -25.44
C LEU D 230 -12.49 -14.60 -26.64
N GLY D 231 -12.50 -15.93 -26.52
CA GLY D 231 -11.95 -16.86 -27.52
C GLY D 231 -10.91 -17.75 -26.90
N GLY D 232 -10.36 -17.37 -25.74
CA GLY D 232 -9.36 -18.18 -25.02
C GLY D 232 -9.97 -19.42 -24.40
N THR D 233 -11.26 -19.37 -24.10
CA THR D 233 -12.05 -20.35 -23.32
C THR D 233 -11.28 -20.77 -22.04
N ALA D 234 -11.05 -22.06 -21.86
CA ALA D 234 -10.73 -22.62 -20.54
C ALA D 234 -9.35 -22.20 -20.05
N VAL D 235 -8.37 -22.27 -20.94
CA VAL D 235 -6.95 -22.04 -20.54
C VAL D 235 -6.22 -21.02 -21.42
N GLY D 236 -6.83 -20.62 -22.56
CA GLY D 236 -6.23 -19.67 -23.50
C GLY D 236 -6.15 -20.22 -24.91
N THR D 237 -6.35 -21.52 -25.11
CA THR D 237 -6.05 -22.22 -26.40
C THR D 237 -7.11 -21.96 -27.46
N GLY D 238 -8.29 -21.49 -27.04
CA GLY D 238 -9.54 -21.43 -27.85
C GLY D 238 -10.13 -22.82 -28.11
N LEU D 239 -9.95 -23.75 -27.18
CA LEU D 239 -10.56 -25.11 -27.25
C LEU D 239 -12.06 -24.91 -27.41
N ASN D 240 -12.65 -25.55 -28.43
CA ASN D 240 -14.10 -25.61 -28.68
C ASN D 240 -14.59 -24.27 -29.21
N THR D 241 -13.72 -23.42 -29.79
CA THR D 241 -14.21 -22.26 -30.57
C THR D 241 -14.16 -22.65 -32.05
N PRO D 242 -15.10 -22.18 -32.91
CA PRO D 242 -14.91 -22.29 -34.36
C PRO D 242 -13.72 -21.42 -34.77
N LYS D 243 -13.15 -21.67 -35.95
CA LYS D 243 -12.03 -20.87 -36.46
C LYS D 243 -12.52 -19.44 -36.70
N GLY D 244 -11.76 -18.46 -36.19
CA GLY D 244 -12.07 -17.03 -36.38
C GLY D 244 -13.08 -16.49 -35.38
N TYR D 245 -13.50 -17.31 -34.43
CA TYR D 245 -14.45 -16.91 -33.35
C TYR D 245 -13.91 -15.70 -32.58
N ASP D 246 -12.63 -15.72 -32.20
CA ASP D 246 -11.99 -14.73 -31.28
C ASP D 246 -12.10 -13.32 -31.88
N VAL D 247 -11.99 -13.24 -33.22
CA VAL D 247 -11.92 -11.99 -34.02
C VAL D 247 -13.32 -11.57 -34.46
N LYS D 248 -14.21 -12.53 -34.79
CA LYS D 248 -15.62 -12.23 -35.13
C LYS D 248 -16.32 -11.70 -33.88
N VAL D 249 -16.10 -12.33 -32.73
CA VAL D 249 -16.81 -11.90 -31.51
C VAL D 249 -16.34 -10.50 -31.07
N ALA D 250 -15.05 -10.18 -31.15
CA ALA D 250 -14.55 -8.83 -30.71
C ALA D 250 -15.17 -7.73 -31.60
N GLU D 251 -15.25 -7.96 -32.91
CA GLU D 251 -15.90 -7.02 -33.85
C GLU D 251 -17.37 -6.75 -33.42
N TYR D 252 -18.16 -7.79 -33.14
CA TYR D 252 -19.55 -7.62 -32.62
C TYR D 252 -19.53 -6.81 -31.32
N ILE D 253 -18.66 -7.14 -30.34
CA ILE D 253 -18.57 -6.32 -29.08
C ILE D 253 -18.33 -4.87 -29.50
N ALA D 254 -17.29 -4.64 -30.30
CA ALA D 254 -16.93 -3.31 -30.86
C ALA D 254 -18.14 -2.63 -31.52
N LYS D 255 -18.88 -3.31 -32.40
CA LYS D 255 -20.02 -2.68 -33.13
C LYS D 255 -21.13 -2.33 -32.15
N PHE D 256 -21.45 -3.22 -31.20
CA PHE D 256 -22.64 -3.08 -30.31
C PHE D 256 -22.31 -2.01 -29.26
N THR D 257 -21.04 -1.96 -28.82
CA THR D 257 -20.59 -1.00 -27.78
C THR D 257 -20.22 0.35 -28.39
N GLY D 258 -19.81 0.39 -29.66
CA GLY D 258 -19.28 1.59 -30.34
C GLY D 258 -17.88 1.97 -29.85
N LEU D 259 -17.12 0.99 -29.36
CA LEU D 259 -15.83 1.21 -28.66
C LEU D 259 -14.77 0.36 -29.35
N PRO D 260 -13.51 0.82 -29.40
CA PRO D 260 -12.49 0.16 -30.24
C PRO D 260 -11.89 -1.13 -29.66
N PHE D 261 -12.72 -2.15 -29.35
CA PHE D 261 -12.24 -3.45 -28.80
C PHE D 261 -11.69 -4.33 -29.95
N ILE D 262 -10.67 -5.11 -29.62
CA ILE D 262 -9.91 -6.06 -30.51
C ILE D 262 -9.69 -7.33 -29.69
N THR D 263 -9.59 -8.48 -30.36
CA THR D 263 -9.24 -9.76 -29.70
C THR D 263 -7.83 -9.59 -29.13
N ALA D 264 -7.53 -10.18 -27.98
CA ALA D 264 -6.22 -10.03 -27.30
C ALA D 264 -5.13 -10.71 -28.14
N GLU D 265 -3.94 -10.10 -28.15
CA GLU D 265 -2.76 -10.63 -28.87
C GLU D 265 -2.40 -12.00 -28.28
N ASN D 266 -2.49 -12.12 -26.95
CA ASN D 266 -2.05 -13.33 -26.23
C ASN D 266 -3.12 -13.67 -25.17
N LYS D 267 -3.87 -14.73 -25.45
CA LYS D 267 -5.05 -15.16 -24.66
C LYS D 267 -4.61 -15.72 -23.30
N PHE D 268 -3.36 -16.22 -23.19
CA PHE D 268 -2.83 -16.82 -21.93
C PHE D 268 -2.53 -15.68 -20.93
N GLU D 269 -1.99 -14.56 -21.41
CA GLU D 269 -1.80 -13.29 -20.66
C GLU D 269 -3.17 -12.68 -20.33
N ALA D 270 -4.16 -12.85 -21.21
CA ALA D 270 -5.52 -12.27 -20.99
C ALA D 270 -6.24 -13.01 -19.86
N LEU D 271 -5.91 -14.28 -19.57
CA LEU D 271 -6.63 -15.15 -18.61
C LEU D 271 -5.85 -15.25 -17.30
N ALA D 272 -4.53 -15.36 -17.42
CA ALA D 272 -3.61 -15.75 -16.33
C ALA D 272 -3.27 -14.51 -15.48
N THR D 273 -3.54 -13.34 -16.05
CA THR D 273 -3.24 -12.00 -15.48
C THR D 273 -4.39 -11.01 -15.72
N HIS D 274 -4.34 -9.88 -14.99
CA HIS D 274 -5.10 -8.63 -15.25
C HIS D 274 -4.11 -7.46 -15.19
N ASP D 275 -3.01 -7.63 -15.92
CA ASP D 275 -1.96 -6.59 -16.04
C ASP D 275 -2.55 -5.33 -16.71
N ALA D 276 -3.51 -5.46 -17.65
CA ALA D 276 -4.26 -4.32 -18.25
C ALA D 276 -4.99 -3.54 -17.15
N ILE D 277 -5.54 -4.24 -16.16
CA ILE D 277 -6.27 -3.52 -15.08
C ILE D 277 -5.22 -2.81 -14.22
N VAL D 278 -4.10 -3.46 -13.91
CA VAL D 278 -3.03 -2.83 -13.09
C VAL D 278 -2.49 -1.60 -13.82
N GLU D 279 -2.19 -1.72 -15.13
CA GLU D 279 -1.59 -0.63 -15.95
C GLU D 279 -2.46 0.61 -15.75
N THR D 280 -3.72 0.51 -16.21
CA THR D 280 -4.70 1.62 -16.30
C THR D 280 -4.90 2.17 -14.89
N HIS D 281 -5.09 1.30 -13.91
CA HIS D 281 -5.38 1.76 -12.52
C HIS D 281 -4.20 2.56 -11.95
N GLY D 282 -2.96 2.17 -12.28
CA GLY D 282 -1.75 2.96 -11.99
C GLY D 282 -1.88 4.39 -12.50
N ALA D 283 -2.39 4.57 -13.70
CA ALA D 283 -2.63 5.89 -14.31
C ALA D 283 -3.74 6.62 -13.55
N LEU D 284 -4.85 5.94 -13.21
CA LEU D 284 -5.96 6.54 -12.41
C LEU D 284 -5.40 7.01 -11.06
N LYS D 285 -4.45 6.28 -10.50
CA LYS D 285 -3.89 6.57 -9.14
C LYS D 285 -2.86 7.71 -9.26
N GLN D 286 -2.15 7.84 -10.40
CA GLN D 286 -1.29 9.02 -10.63
C GLN D 286 -2.18 10.27 -10.59
N VAL D 287 -3.13 10.39 -11.50
CA VAL D 287 -4.16 11.46 -11.53
C VAL D 287 -4.74 11.71 -10.12
N ALA D 288 -5.11 10.65 -9.42
CA ALA D 288 -5.62 10.73 -8.02
C ALA D 288 -4.62 11.45 -7.11
N MET D 289 -3.32 11.19 -7.21
CA MET D 289 -2.33 11.83 -6.31
C MET D 289 -2.12 13.30 -6.73
N SER D 290 -2.25 13.60 -8.03
CA SER D 290 -2.32 14.97 -8.61
C SER D 290 -3.53 15.74 -8.03
N LEU D 291 -4.73 15.15 -8.08
CA LEU D 291 -5.98 15.77 -7.59
C LEU D 291 -5.88 16.04 -6.08
N PHE D 292 -5.30 15.13 -5.32
CA PHE D 292 -5.11 15.31 -3.87
C PHE D 292 -4.37 16.62 -3.70
N LYS D 293 -3.19 16.72 -4.32
CA LYS D 293 -2.30 17.90 -4.19
C LYS D 293 -3.12 19.14 -4.51
N ILE D 294 -3.69 19.19 -5.73
CA ILE D 294 -4.49 20.35 -6.21
C ILE D 294 -5.60 20.68 -5.18
N ALA D 295 -6.36 19.71 -4.71
CA ALA D 295 -7.48 19.97 -3.79
C ALA D 295 -6.90 20.48 -2.46
N ASN D 296 -5.74 19.99 -2.03
CA ASN D 296 -5.15 20.36 -0.72
C ASN D 296 -4.63 21.80 -0.82
N ASP D 297 -4.11 22.22 -1.98
CA ASP D 297 -3.60 23.60 -2.18
C ASP D 297 -4.75 24.59 -2.08
N ILE D 298 -5.86 24.26 -2.76
CA ILE D 298 -7.04 25.16 -2.84
C ILE D 298 -7.61 25.33 -1.44
N ARG D 299 -7.60 24.30 -0.62
CA ARG D 299 -8.10 24.49 0.77
C ARG D 299 -7.10 25.37 1.48
N LEU D 300 -5.80 25.14 1.28
CA LEU D 300 -4.78 25.92 2.02
C LEU D 300 -4.89 27.41 1.67
N LEU D 301 -5.12 27.72 0.40
CA LEU D 301 -5.21 29.12 -0.13
C LEU D 301 -6.50 29.79 0.35
N ALA D 302 -7.56 29.01 0.62
CA ALA D 302 -8.88 29.57 1.01
C ALA D 302 -8.95 29.63 2.52
N SER D 303 -7.97 29.06 3.21
CA SER D 303 -8.02 28.89 4.69
C SER D 303 -8.19 30.25 5.37
N GLY D 304 -8.96 30.29 6.46
CA GLY D 304 -9.13 31.48 7.31
C GLY D 304 -10.59 31.59 7.74
N PRO D 305 -11.28 32.73 7.54
CA PRO D 305 -10.81 33.81 6.67
C PRO D 305 -9.83 34.85 7.28
N ARG D 306 -9.67 34.84 8.61
CA ARG D 306 -8.84 35.84 9.33
C ARG D 306 -7.59 35.22 9.94
N SER D 307 -7.47 33.90 10.05
CA SER D 307 -6.34 33.31 10.81
C SER D 307 -5.63 32.23 10.01
N GLY D 308 -5.69 32.33 8.68
CA GLY D 308 -5.03 31.41 7.73
C GLY D 308 -4.30 32.14 6.61
N ILE D 309 -4.36 31.58 5.39
CA ILE D 309 -3.73 32.17 4.19
C ILE D 309 -4.68 33.21 3.60
N GLY D 310 -5.90 32.81 3.18
CA GLY D 310 -6.96 33.74 2.73
C GLY D 310 -6.74 34.30 1.31
N GLU D 311 -5.85 33.70 0.53
CA GLU D 311 -5.45 34.26 -0.77
C GLU D 311 -6.52 34.03 -1.83
N ILE D 312 -7.40 33.02 -1.69
CA ILE D 312 -8.53 32.82 -2.66
C ILE D 312 -9.86 32.83 -1.90
N LEU D 313 -10.92 33.09 -2.62
CA LEU D 313 -12.31 32.88 -2.12
C LEU D 313 -12.91 31.75 -2.96
N ILE D 314 -13.49 30.75 -2.31
CA ILE D 314 -14.14 29.59 -2.99
C ILE D 314 -15.65 29.72 -2.84
N PRO D 315 -16.46 29.20 -3.80
CA PRO D 315 -17.91 29.12 -3.61
C PRO D 315 -18.18 28.53 -2.21
N GLU D 316 -19.15 29.13 -1.52
CA GLU D 316 -19.71 28.75 -0.19
C GLU D 316 -21.06 28.06 -0.45
N ASN D 317 -21.05 26.72 -0.50
CA ASN D 317 -22.23 25.92 -0.91
C ASN D 317 -23.13 25.59 0.29
N GLU D 318 -22.63 25.66 1.53
CA GLU D 318 -23.44 25.12 2.65
C GLU D 318 -22.86 25.58 3.99
N PRO D 319 -23.68 25.67 5.06
CA PRO D 319 -23.13 25.83 6.42
C PRO D 319 -22.10 24.72 6.64
N GLY D 320 -20.95 25.07 7.17
CA GLY D 320 -19.82 24.15 7.32
C GLY D 320 -19.85 23.45 8.67
N CYS D 321 -20.63 23.93 9.65
CA CYS D 321 -20.44 23.49 11.08
C CYS D 321 -21.71 23.63 11.93
N SER D 322 -22.16 22.52 12.51
CA SER D 322 -23.33 22.42 13.40
C SER D 322 -23.13 23.17 14.74
N ILE D 323 -21.90 23.53 15.14
CA ILE D 323 -21.72 24.25 16.45
C ILE D 323 -21.16 25.66 16.23
N MET D 324 -20.36 25.88 15.18
CA MET D 324 -19.67 27.16 14.92
C MET D 324 -20.50 27.89 13.88
N PRO D 325 -21.36 28.83 14.32
CA PRO D 325 -22.38 29.42 13.46
C PRO D 325 -21.77 30.35 12.42
N GLY D 326 -22.09 30.19 11.12
CA GLY D 326 -21.57 31.08 10.06
C GLY D 326 -20.25 30.56 9.47
N LYS D 327 -19.54 29.64 10.15
CA LYS D 327 -18.30 29.05 9.61
C LYS D 327 -18.68 28.33 8.32
N VAL D 328 -17.76 28.36 7.37
CA VAL D 328 -17.92 27.71 6.03
C VAL D 328 -16.60 27.02 5.73
N ASN D 329 -16.67 25.79 5.20
CA ASN D 329 -15.54 24.86 4.97
C ASN D 329 -15.40 24.60 3.48
N PRO D 330 -14.16 24.33 2.98
CA PRO D 330 -13.91 23.94 1.58
C PRO D 330 -14.26 22.47 1.32
N THR D 331 -15.54 22.14 1.37
CA THR D 331 -16.05 20.76 1.49
C THR D 331 -15.80 19.98 0.18
N GLN D 332 -15.87 20.61 -0.99
CA GLN D 332 -15.52 19.90 -2.23
C GLN D 332 -14.05 19.47 -2.15
N CYS D 333 -13.14 20.31 -1.66
CA CYS D 333 -11.70 19.94 -1.51
C CYS D 333 -11.61 18.62 -0.72
N GLU D 334 -12.39 18.49 0.36
CA GLU D 334 -12.28 17.37 1.32
C GLU D 334 -12.72 16.08 0.61
N ALA D 335 -13.80 16.17 -0.18
CA ALA D 335 -14.39 15.02 -0.90
C ALA D 335 -13.33 14.49 -1.86
N MET D 336 -12.59 15.39 -2.49
CA MET D 336 -11.59 15.04 -3.52
C MET D 336 -10.36 14.40 -2.84
N THR D 337 -9.89 14.90 -1.70
CA THR D 337 -8.77 14.25 -0.98
C THR D 337 -9.21 12.89 -0.46
N MET D 338 -10.48 12.70 -0.13
CA MET D 338 -10.96 11.41 0.42
C MET D 338 -11.05 10.37 -0.69
N VAL D 339 -11.58 10.76 -1.84
CA VAL D 339 -11.54 9.89 -3.06
C VAL D 339 -10.08 9.48 -3.33
N ALA D 340 -9.16 10.43 -3.31
CA ALA D 340 -7.75 10.17 -3.68
C ALA D 340 -7.22 9.08 -2.75
N ALA D 341 -7.48 9.20 -1.44
CA ALA D 341 -7.06 8.21 -0.43
C ALA D 341 -7.67 6.83 -0.77
N GLN D 342 -8.91 6.80 -1.27
CA GLN D 342 -9.59 5.53 -1.64
C GLN D 342 -8.80 4.92 -2.79
N VAL D 343 -8.45 5.73 -3.80
CA VAL D 343 -7.88 5.21 -5.06
C VAL D 343 -6.46 4.68 -4.77
N LEU D 344 -5.72 5.27 -3.83
CA LEU D 344 -4.38 4.72 -3.50
C LEU D 344 -4.53 3.28 -2.96
N GLY D 345 -5.51 3.06 -2.08
CA GLY D 345 -5.74 1.73 -1.47
C GLY D 345 -6.33 0.75 -2.48
N ASN D 346 -7.26 1.22 -3.31
CA ASN D 346 -7.74 0.44 -4.47
C ASN D 346 -6.52 -0.03 -5.28
N ASP D 347 -5.48 0.82 -5.42
CA ASP D 347 -4.25 0.46 -6.18
C ASP D 347 -3.48 -0.63 -5.44
N THR D 348 -3.31 -0.55 -4.11
CA THR D 348 -2.68 -1.64 -3.35
C THR D 348 -3.43 -2.94 -3.70
N THR D 349 -4.76 -2.96 -3.59
CA THR D 349 -5.59 -4.16 -3.80
C THR D 349 -5.32 -4.69 -5.22
N ILE D 350 -5.48 -3.83 -6.24
CA ILE D 350 -5.35 -4.28 -7.66
C ILE D 350 -3.93 -4.82 -7.86
N SER D 351 -2.92 -4.13 -7.37
CA SER D 351 -1.50 -4.56 -7.59
C SER D 351 -1.29 -5.95 -6.98
N PHE D 352 -1.59 -6.06 -5.70
CA PHE D 352 -1.48 -7.30 -4.90
C PHE D 352 -2.21 -8.48 -5.57
N ALA D 353 -3.52 -8.38 -5.78
CA ALA D 353 -4.35 -9.36 -6.53
C ALA D 353 -3.73 -9.65 -7.92
N GLY D 354 -3.21 -8.61 -8.60
CA GLY D 354 -2.57 -8.70 -9.93
C GLY D 354 -1.37 -9.65 -9.94
N SER D 355 -0.70 -9.84 -8.79
CA SER D 355 0.54 -10.64 -8.67
C SER D 355 0.21 -12.11 -8.42
N GLN D 356 -1.05 -12.47 -8.10
CA GLN D 356 -1.43 -13.77 -7.48
C GLN D 356 -2.12 -14.72 -8.49
N GLY D 357 -1.91 -14.53 -9.79
CA GLY D 357 -2.24 -15.55 -10.80
C GLY D 357 -1.45 -16.84 -10.57
N HIS D 358 -2.12 -17.96 -10.78
CA HIS D 358 -1.59 -19.35 -10.80
C HIS D 358 -1.86 -19.96 -12.18
N PHE D 359 -0.80 -20.41 -12.82
CA PHE D 359 -0.86 -21.29 -14.01
C PHE D 359 -1.69 -20.49 -15.01
N GLU D 360 -2.85 -21.01 -15.43
CA GLU D 360 -3.54 -20.48 -16.62
C GLU D 360 -4.61 -19.46 -16.21
N LEU D 361 -4.82 -19.14 -14.93
CA LEU D 361 -5.92 -18.21 -14.53
C LEU D 361 -5.58 -17.41 -13.29
N ASN D 362 -5.81 -16.10 -13.33
CA ASN D 362 -5.90 -15.24 -12.11
C ASN D 362 -7.32 -15.35 -11.57
N VAL D 363 -7.49 -15.88 -10.34
CA VAL D 363 -8.84 -16.09 -9.72
C VAL D 363 -9.05 -15.02 -8.62
N PHE D 364 -8.78 -13.77 -9.01
CA PHE D 364 -9.11 -12.55 -8.22
C PHE D 364 -10.00 -11.61 -9.05
N LYS D 365 -10.70 -12.11 -10.10
CA LYS D 365 -11.26 -11.24 -11.18
C LYS D 365 -12.25 -10.21 -10.60
N PRO D 366 -13.22 -10.61 -9.75
CA PRO D 366 -14.19 -9.63 -9.25
C PRO D 366 -13.60 -8.57 -8.30
N VAL D 367 -12.68 -8.91 -7.41
CA VAL D 367 -12.11 -7.92 -6.46
C VAL D 367 -11.34 -6.87 -7.30
N MET D 368 -10.70 -7.30 -8.38
CA MET D 368 -9.96 -6.40 -9.32
C MET D 368 -10.98 -5.52 -10.08
N ALA D 369 -12.05 -6.13 -10.58
CA ALA D 369 -13.16 -5.47 -11.30
C ALA D 369 -13.73 -4.35 -10.40
N ALA D 370 -14.14 -4.67 -9.18
CA ALA D 370 -14.95 -3.74 -8.34
C ALA D 370 -14.08 -2.58 -7.86
N ASN D 371 -12.81 -2.79 -7.53
CA ASN D 371 -11.88 -1.69 -7.11
C ASN D 371 -11.60 -0.78 -8.31
N PHE D 372 -11.32 -1.39 -9.44
CA PHE D 372 -11.11 -0.63 -10.69
C PHE D 372 -12.28 0.30 -10.92
N LEU D 373 -13.47 -0.25 -11.04
CA LEU D 373 -14.70 0.47 -11.48
C LEU D 373 -15.03 1.56 -10.46
N GLN D 374 -14.89 1.28 -9.17
CA GLN D 374 -15.02 2.34 -8.13
C GLN D 374 -14.02 3.48 -8.44
N SER D 375 -12.71 3.24 -8.60
CA SER D 375 -11.78 4.35 -8.90
C SER D 375 -12.25 5.13 -10.14
N ALA D 376 -12.46 4.49 -11.31
CA ALA D 376 -12.86 5.24 -12.52
C ALA D 376 -14.07 6.10 -12.12
N GLN D 377 -15.04 5.53 -11.40
CA GLN D 377 -16.34 6.19 -11.06
C GLN D 377 -16.10 7.40 -10.14
N LEU D 378 -15.50 7.17 -8.95
CA LEU D 378 -15.39 8.23 -7.91
C LEU D 378 -14.59 9.42 -8.48
N ILE D 379 -13.58 9.16 -9.30
CA ILE D 379 -12.69 10.19 -9.91
C ILE D 379 -13.48 11.02 -10.93
N ALA D 380 -14.33 10.38 -11.75
CA ALA D 380 -15.24 11.10 -12.69
C ALA D 380 -16.20 11.99 -11.90
N ASP D 381 -16.90 11.45 -10.90
CA ASP D 381 -17.93 12.14 -10.07
C ASP D 381 -17.34 13.36 -9.32
N VAL D 382 -16.20 13.17 -8.63
CA VAL D 382 -15.59 14.23 -7.77
C VAL D 382 -15.00 15.31 -8.67
N CYS D 383 -14.49 14.95 -9.85
CA CYS D 383 -13.94 15.95 -10.81
C CYS D 383 -15.09 16.84 -11.31
N ILE D 384 -16.24 16.25 -11.63
CA ILE D 384 -17.49 17.00 -11.97
C ILE D 384 -17.95 17.84 -10.76
N SER D 385 -18.08 17.26 -9.56
CA SER D 385 -18.51 17.98 -8.34
C SER D 385 -17.59 19.17 -8.07
N PHE D 386 -16.27 18.96 -8.06
CA PHE D 386 -15.24 19.97 -7.71
C PHE D 386 -15.25 21.10 -8.77
N ASP D 387 -15.35 20.75 -10.06
CA ASP D 387 -15.48 21.73 -11.16
C ASP D 387 -16.71 22.61 -10.96
N GLU D 388 -17.90 22.03 -10.83
CA GLU D 388 -19.18 22.78 -10.74
C GLU D 388 -19.21 23.62 -9.46
N HIS D 389 -18.72 23.08 -8.34
CA HIS D 389 -19.08 23.58 -6.99
C HIS D 389 -17.91 24.30 -6.32
N CYS D 390 -16.75 24.38 -6.98
CA CYS D 390 -15.54 25.02 -6.42
C CYS D 390 -14.71 25.69 -7.53
N ALA D 391 -14.02 24.92 -8.37
CA ALA D 391 -13.03 25.41 -9.35
C ALA D 391 -13.61 26.55 -10.25
N THR D 392 -14.81 26.47 -10.81
CA THR D 392 -15.28 27.50 -11.80
C THR D 392 -15.63 28.83 -11.12
N GLY D 393 -15.70 28.85 -9.79
CA GLY D 393 -16.17 29.98 -8.96
C GLY D 393 -15.04 30.57 -8.16
N ILE D 394 -13.81 30.08 -8.33
CA ILE D 394 -12.67 30.60 -7.52
C ILE D 394 -12.38 32.05 -7.98
N GLN D 395 -12.16 32.95 -7.00
CA GLN D 395 -11.79 34.38 -7.22
C GLN D 395 -10.60 34.73 -6.32
N PRO D 396 -9.68 35.61 -6.76
CA PRO D 396 -8.58 36.07 -5.90
C PRO D 396 -9.12 36.95 -4.76
N ASN D 397 -8.56 36.83 -3.54
CA ASN D 397 -8.74 37.81 -2.44
C ASN D 397 -7.60 38.84 -2.52
N THR D 398 -7.76 39.88 -3.34
CA THR D 398 -6.67 40.73 -3.87
C THR D 398 -6.06 41.57 -2.74
N PRO D 399 -6.83 42.29 -1.90
CA PRO D 399 -6.23 43.01 -0.77
C PRO D 399 -5.28 42.10 0.03
N ARG D 400 -5.76 40.90 0.33
CA ARG D 400 -5.05 39.91 1.19
C ARG D 400 -3.76 39.47 0.47
N ILE D 401 -3.91 39.16 -0.82
CA ILE D 401 -2.80 38.68 -1.69
C ILE D 401 -1.70 39.74 -1.65
N GLN D 402 -2.07 40.98 -1.93
CA GLN D 402 -1.11 42.11 -2.03
C GLN D 402 -0.46 42.23 -0.65
N HIS D 403 -1.23 42.23 0.42
CA HIS D 403 -0.63 42.35 1.76
C HIS D 403 0.47 41.30 1.86
N LEU D 404 0.15 40.04 1.50
CA LEU D 404 1.04 38.87 1.80
C LEU D 404 2.26 38.92 0.87
N LEU D 405 2.11 39.47 -0.34
CA LEU D 405 3.19 39.59 -1.34
C LEU D 405 4.25 40.60 -0.88
N ASP D 406 3.85 41.77 -0.42
CA ASP D 406 4.77 42.90 -0.08
C ASP D 406 5.45 42.67 1.28
N SER D 407 4.89 41.79 2.12
CA SER D 407 5.47 41.42 3.44
C SER D 407 6.69 40.52 3.25
N SER D 408 6.72 39.70 2.19
CA SER D 408 7.73 38.63 1.99
C SER D 408 9.16 39.22 1.96
N LEU D 409 9.97 38.82 2.94
CA LEU D 409 11.44 39.07 3.02
C LEU D 409 12.17 38.49 1.81
N MET D 410 11.66 37.44 1.14
CA MET D 410 12.41 36.77 0.05
C MET D 410 12.17 37.45 -1.29
N LEU D 411 11.56 38.63 -1.29
CA LEU D 411 11.66 39.56 -2.44
C LEU D 411 13.14 39.95 -2.58
N VAL D 412 13.93 39.71 -1.52
CA VAL D 412 15.37 40.14 -1.46
C VAL D 412 16.17 39.33 -2.48
N THR D 413 15.72 38.12 -2.80
CA THR D 413 16.29 37.26 -3.89
C THR D 413 16.60 38.09 -5.14
N ALA D 414 15.83 39.14 -5.40
CA ALA D 414 15.96 40.05 -6.55
C ALA D 414 17.31 40.78 -6.52
N LEU D 415 17.96 40.88 -5.35
CA LEU D 415 19.23 41.61 -5.15
C LEU D 415 20.45 40.71 -5.46
N ASN D 416 20.24 39.40 -5.63
CA ASN D 416 21.32 38.39 -5.80
C ASN D 416 22.31 38.75 -6.92
N THR D 417 21.82 39.05 -8.15
CA THR D 417 22.71 39.28 -9.31
C THR D 417 23.30 40.69 -9.23
N HIS D 418 22.90 41.49 -8.26
CA HIS D 418 23.40 42.87 -8.03
C HIS D 418 24.36 42.90 -6.83
N ILE D 419 24.07 42.28 -5.69
CA ILE D 419 24.97 42.47 -4.53
C ILE D 419 25.49 41.15 -3.99
N GLY D 420 25.04 40.03 -4.57
CA GLY D 420 25.47 38.68 -4.19
C GLY D 420 24.60 38.12 -3.09
N TYR D 421 24.71 36.80 -2.90
CA TYR D 421 23.97 35.99 -1.90
C TYR D 421 24.23 36.51 -0.48
N GLU D 422 25.50 36.69 -0.05
CA GLU D 422 25.79 37.02 1.38
C GLU D 422 25.24 38.41 1.75
N ASN D 423 25.27 39.39 0.84
CA ASN D 423 24.79 40.77 1.12
C ASN D 423 23.26 40.75 1.18
N ALA D 424 22.60 40.04 0.27
CA ALA D 424 21.13 39.91 0.19
C ALA D 424 20.64 39.23 1.47
N ALA D 425 21.36 38.22 1.94
CA ALA D 425 21.10 37.46 3.20
C ALA D 425 21.14 38.39 4.40
N LYS D 426 22.19 39.21 4.52
CA LYS D 426 22.33 40.20 5.60
C LYS D 426 21.13 41.17 5.62
N ILE D 427 20.56 41.54 4.46
CA ILE D 427 19.36 42.43 4.41
C ILE D 427 18.12 41.70 4.96
N ALA D 428 17.86 40.48 4.45
CA ALA D 428 16.71 39.66 4.87
C ALA D 428 16.85 39.30 6.36
N LYS D 429 18.05 38.95 6.84
CA LYS D 429 18.25 38.51 8.26
C LYS D 429 17.96 39.68 9.18
N THR D 430 18.54 40.84 8.90
CA THR D 430 18.44 42.12 9.66
C THR D 430 16.95 42.49 9.72
N ALA D 431 16.23 42.58 8.58
CA ALA D 431 14.77 42.92 8.47
C ALA D 431 13.92 42.00 9.35
N HIS D 432 14.15 40.69 9.25
CA HIS D 432 13.48 39.64 10.04
C HIS D 432 13.70 39.86 11.56
N LYS D 433 14.92 40.12 12.02
CA LYS D 433 15.20 40.22 13.48
C LYS D 433 14.62 41.53 14.02
N ASN D 434 14.54 42.57 13.21
CA ASN D 434 14.19 43.94 13.67
C ASN D 434 12.70 44.23 13.42
N GLY D 435 11.97 43.33 12.76
CA GLY D 435 10.60 43.59 12.27
C GLY D 435 10.47 44.87 11.46
N THR D 436 11.42 45.15 10.56
CA THR D 436 11.44 46.34 9.66
C THR D 436 11.31 45.87 8.20
N THR D 437 11.38 46.78 7.23
CA THR D 437 11.23 46.44 5.79
C THR D 437 12.59 46.06 5.19
N LEU D 438 12.56 45.40 4.02
CA LEU D 438 13.78 45.04 3.27
C LEU D 438 14.48 46.34 2.90
N ARG D 439 13.73 47.24 2.25
CA ARG D 439 14.16 48.58 1.74
C ARG D 439 14.89 49.37 2.84
N GLU D 440 14.26 49.51 4.01
CA GLU D 440 14.85 50.16 5.21
C GLU D 440 16.24 49.62 5.49
N GLU D 441 16.37 48.29 5.58
CA GLU D 441 17.62 47.60 5.98
C GLU D 441 18.65 47.60 4.84
N ALA D 442 18.22 47.45 3.58
CA ALA D 442 19.11 47.68 2.43
C ALA D 442 19.81 49.03 2.64
N ILE D 443 19.05 50.08 2.99
CA ILE D 443 19.57 51.46 3.14
C ILE D 443 20.44 51.54 4.42
N ASN D 444 19.94 51.12 5.60
CA ASN D 444 20.71 51.11 6.87
C ASN D 444 22.09 50.42 6.74
N LEU D 445 22.20 49.26 6.06
CA LEU D 445 23.48 48.52 5.81
C LEU D 445 24.31 49.14 4.65
N GLY D 446 23.84 50.19 3.99
CA GLY D 446 24.59 50.87 2.91
C GLY D 446 24.74 50.02 1.66
N LEU D 447 23.88 49.01 1.43
CA LEU D 447 24.11 47.93 0.42
C LEU D 447 23.43 48.27 -0.91
N VAL D 448 22.28 48.98 -0.85
CA VAL D 448 21.53 49.42 -2.05
C VAL D 448 20.97 50.83 -1.81
N SER D 449 21.11 51.69 -2.82
CA SER D 449 20.47 53.04 -2.89
C SER D 449 18.94 52.86 -2.95
N ALA D 450 18.18 53.83 -2.46
CA ALA D 450 16.70 53.71 -2.37
C ALA D 450 16.17 53.60 -3.80
N GLU D 451 16.75 54.34 -4.75
CA GLU D 451 16.42 54.29 -6.20
C GLU D 451 16.60 52.87 -6.73
N ASP D 452 17.77 52.26 -6.46
CA ASP D 452 18.16 50.93 -6.99
C ASP D 452 17.20 49.87 -6.42
N PHE D 453 16.88 49.96 -5.13
CA PHE D 453 15.98 49.00 -4.45
C PHE D 453 14.62 49.03 -5.15
N ASP D 454 14.10 50.22 -5.47
CA ASP D 454 12.74 50.38 -6.04
C ASP D 454 12.76 50.00 -7.53
N LYS D 455 13.88 50.07 -8.23
CA LYS D 455 14.02 49.59 -9.64
C LYS D 455 14.17 48.05 -9.63
N TRP D 456 14.84 47.48 -8.62
CA TRP D 456 15.33 46.08 -8.63
C TRP D 456 14.33 45.17 -7.92
N VAL D 457 13.72 45.60 -6.82
CA VAL D 457 12.77 44.76 -6.03
C VAL D 457 11.32 45.09 -6.42
N VAL D 458 10.93 44.62 -7.59
CA VAL D 458 9.58 44.78 -8.24
C VAL D 458 8.96 43.38 -8.39
N PRO D 459 7.89 43.04 -7.62
CA PRO D 459 7.26 41.72 -7.72
C PRO D 459 6.79 41.36 -9.14
N ALA D 460 6.06 42.27 -9.80
CA ALA D 460 5.59 42.14 -11.20
C ALA D 460 6.76 41.75 -12.12
N ASP D 461 8.01 42.12 -11.78
CA ASP D 461 9.20 41.87 -12.61
C ASP D 461 9.89 40.55 -12.25
N MET D 462 9.42 39.85 -11.21
CA MET D 462 10.10 38.65 -10.69
C MET D 462 9.39 37.38 -11.23
N VAL D 463 8.51 37.48 -12.22
CA VAL D 463 7.60 36.34 -12.53
C VAL D 463 7.88 35.73 -13.91
N GLY D 464 8.98 36.09 -14.59
CA GLY D 464 9.42 35.46 -15.86
C GLY D 464 8.87 36.16 -17.09
#